data_9GMZ
#
_entry.id   9GMZ
#
_cell.length_a   1.00
_cell.length_b   1.00
_cell.length_c   1.00
_cell.angle_alpha   90.00
_cell.angle_beta   90.00
_cell.angle_gamma   90.00
#
_symmetry.space_group_name_H-M   'P 1'
#
loop_
_entity.id
_entity.type
_entity.pdbx_description
1 polymer 'AAA+ ATPase domain-containing protein'
2 polymer Integrase
3 polymer DNA
4 polymer DNA
5 non-polymer 'PHOSPHOAMINOPHOSPHONIC ACID-ADENYLATE ESTER'
6 non-polymer 'MAGNESIUM ION'
#
loop_
_entity_poly.entity_id
_entity_poly.type
_entity_poly.pdbx_seq_one_letter_code
_entity_poly.pdbx_strand_id
1 'polypeptide(L)'
;SNAMTKSTGFPLELLTRPATERLAYFENYTVAHPRLKEVYEILMRTIAEPAGASFIFVYGASGVGKTTLRLRVEQKLTEL
ALPKLESDRARVPVVGIEAIAPESRYFNWKEYYTRALITLEEPLIDHKFDYGVRGISRDNFGKINVESKVVAPALRRALE
NALIHRHPDVFFVDEAQHFGKVASGYKLQDQLDCLKSLANMTGILHCLLGTYELLTFRNLSGQLSRRSVDIHFRRYCADS
PEDVQAFKSVLLTFQQHLPLAETPNLVDHWEYFYERTLGCIGTLKDWLKRVLSDALDREATTITLKDLQKRALSVAQCQK
MFKEIQEGERQLSETEADVQNLRSALGLGAKPIVLPEETPKTTRPPGKVGKRKPKRDPIGVQQDVS
;
A,B,C,D,E,F,G
2 'polypeptide(L)' SNAEGGKATTSRNEEPKLIQVTFANTDFQADEDEAIVPETLVVYEEF H,I,J,K,L,M
3 'polydeoxyribonucleotide' (DA)(DT)(DG)(DC)(DA)(DT)(DG)(DC)(DA)(DT)(DG)(DC)(DA)(DT)(DG)(DC) 1
4 'polydeoxyribonucleotide' (DG)(DC)(DA)(DT)(DG)(DC)(DA)(DT)(DG)(DC)(DA)(DT)(DG)(DC)(DA)(DT) 2
#
loop_
_chem_comp.id
_chem_comp.type
_chem_comp.name
_chem_comp.formula
ANP non-polymer 'PHOSPHOAMINOPHOSPHONIC ACID-ADENYLATE ESTER' 'C10 H17 N6 O12 P3'
DA DNA linking 2'-DEOXYADENOSINE-5'-MONOPHOSPHATE 'C10 H14 N5 O6 P'
DC DNA linking 2'-DEOXYCYTIDINE-5'-MONOPHOSPHATE 'C9 H14 N3 O7 P'
DG DNA linking 2'-DEOXYGUANOSINE-5'-MONOPHOSPHATE 'C10 H14 N5 O7 P'
DT DNA linking THYMIDINE-5'-MONOPHOSPHATE 'C10 H15 N2 O8 P'
MG non-polymer 'MAGNESIUM ION' 'Mg 2'
#
# COMPACT_ATOMS: atom_id res chain seq x y z
N THR A 8 -44.63 32.62 -41.07
CA THR A 8 -45.13 32.18 -42.37
C THR A 8 -45.41 30.68 -42.37
N GLY A 9 -44.82 29.98 -41.41
CA GLY A 9 -45.02 28.55 -41.30
C GLY A 9 -44.18 27.75 -42.28
N PHE A 10 -44.34 26.43 -42.20
CA PHE A 10 -43.61 25.54 -43.08
C PHE A 10 -44.17 25.61 -44.50
N PRO A 11 -43.34 25.35 -45.51
CA PRO A 11 -43.83 25.36 -46.89
C PRO A 11 -44.93 24.32 -47.09
N LEU A 12 -45.98 24.72 -47.80
CA LEU A 12 -47.12 23.84 -48.00
C LEU A 12 -46.80 22.71 -48.98
N GLU A 13 -45.80 22.91 -49.85
CA GLU A 13 -45.42 21.89 -50.82
C GLU A 13 -44.87 20.64 -50.16
N LEU A 14 -44.33 20.74 -48.94
CA LEU A 14 -43.74 19.58 -48.28
C LEU A 14 -44.77 18.52 -47.94
N LEU A 15 -46.06 18.85 -47.95
CA LEU A 15 -47.09 17.85 -47.66
C LEU A 15 -47.10 16.73 -48.69
N THR A 16 -46.75 17.01 -49.94
CA THR A 16 -46.66 15.98 -50.96
C THR A 16 -45.34 15.22 -50.90
N ARG A 17 -44.35 15.73 -50.19
CA ARG A 17 -43.06 15.07 -50.05
C ARG A 17 -43.17 13.89 -49.10
N PRO A 18 -42.26 12.92 -49.22
CA PRO A 18 -42.29 11.77 -48.30
C PRO A 18 -42.00 12.19 -46.87
N ALA A 19 -42.27 11.27 -45.95
CA ALA A 19 -42.14 11.56 -44.53
C ALA A 19 -40.69 11.88 -44.15
N THR A 20 -39.72 11.24 -44.80
CA THR A 20 -38.33 11.49 -44.48
C THR A 20 -37.94 12.94 -44.76
N GLU A 21 -38.38 13.48 -45.89
CA GLU A 21 -38.06 14.87 -46.23
C GLU A 21 -38.68 15.83 -45.21
N ARG A 22 -39.93 15.59 -44.83
CA ARG A 22 -40.58 16.45 -43.85
C ARG A 22 -39.88 16.39 -42.50
N LEU A 23 -39.50 15.18 -42.07
CA LEU A 23 -38.79 15.04 -40.80
C LEU A 23 -37.44 15.75 -40.85
N ALA A 24 -36.71 15.61 -41.97
CA ALA A 24 -35.44 16.31 -42.11
C ALA A 24 -35.63 17.82 -42.08
N TYR A 25 -36.66 18.32 -42.75
CA TYR A 25 -36.93 19.75 -42.73
C TYR A 25 -37.22 20.23 -41.32
N PHE A 26 -38.03 19.48 -40.58
CA PHE A 26 -38.33 19.87 -39.21
C PHE A 26 -37.06 19.85 -38.35
N GLU A 27 -36.21 18.86 -38.54
CA GLU A 27 -34.96 18.80 -37.78
C GLU A 27 -34.06 19.99 -38.10
N ASN A 28 -33.99 20.38 -39.37
CA ASN A 28 -33.12 21.49 -39.76
C ASN A 28 -33.66 22.82 -39.25
N TYR A 29 -34.98 22.93 -39.10
CA TYR A 29 -35.60 24.18 -38.68
C TYR A 29 -35.19 24.53 -37.25
N THR A 30 -34.84 25.80 -37.04
CA THR A 30 -34.41 26.28 -35.73
C THR A 30 -35.23 27.50 -35.34
N VAL A 31 -35.27 27.76 -34.03
CA VAL A 31 -36.04 28.87 -33.46
C VAL A 31 -35.07 29.77 -32.70
N ALA A 32 -35.12 31.07 -33.01
CA ALA A 32 -34.28 32.06 -32.33
C ALA A 32 -35.08 32.77 -31.24
N HIS A 33 -35.32 32.03 -30.16
CA HIS A 33 -36.04 32.60 -29.02
C HIS A 33 -35.16 33.64 -28.32
N PRO A 34 -35.78 34.60 -27.61
CA PRO A 34 -35.02 35.78 -27.15
C PRO A 34 -33.84 35.44 -26.26
N ARG A 35 -33.95 34.41 -25.41
CA ARG A 35 -32.83 34.05 -24.57
C ARG A 35 -31.66 33.51 -25.39
N LEU A 36 -31.96 32.70 -26.41
CA LEU A 36 -30.92 32.21 -27.31
C LEU A 36 -30.29 33.38 -28.06
N LYS A 37 -31.10 34.32 -28.53
CA LYS A 37 -30.56 35.48 -29.24
C LYS A 37 -29.65 36.30 -28.34
N GLU A 38 -30.08 36.52 -27.10
CA GLU A 38 -29.28 37.30 -26.16
C GLU A 38 -27.95 36.62 -25.87
N VAL A 39 -27.99 35.30 -25.60
CA VAL A 39 -26.76 34.57 -25.33
C VAL A 39 -25.85 34.58 -26.55
N TYR A 40 -26.42 34.44 -27.74
CA TYR A 40 -25.64 34.45 -28.97
C TYR A 40 -24.95 35.80 -29.16
N GLU A 41 -25.68 36.89 -28.98
CA GLU A 41 -25.09 38.21 -29.13
C GLU A 41 -24.00 38.45 -28.09
N ILE A 42 -24.24 38.05 -26.85
CA ILE A 42 -23.23 38.24 -25.80
C ILE A 42 -21.98 37.45 -26.13
N LEU A 43 -22.15 36.20 -26.57
CA LEU A 43 -21.00 35.36 -26.92
C LEU A 43 -20.22 35.94 -28.08
N MET A 44 -20.90 36.43 -29.12
CA MET A 44 -20.20 37.02 -30.24
C MET A 44 -19.46 38.29 -29.83
N ARG A 45 -20.08 39.14 -29.01
CA ARG A 45 -19.41 40.36 -28.59
C ARG A 45 -18.20 40.05 -27.72
N THR A 46 -18.30 39.01 -26.88
CA THR A 46 -17.15 38.59 -26.09
C THR A 46 -16.04 38.02 -26.98
N ILE A 47 -16.41 37.28 -28.02
CA ILE A 47 -15.40 36.73 -28.93
C ILE A 47 -14.70 37.84 -29.70
N ALA A 48 -15.45 38.86 -30.12
CA ALA A 48 -14.88 39.95 -30.91
C ALA A 48 -13.81 40.72 -30.15
N GLU A 49 -13.90 40.78 -28.83
CA GLU A 49 -12.88 41.46 -28.03
C GLU A 49 -12.55 40.65 -26.79
N PRO A 50 -11.31 40.16 -26.67
CA PRO A 50 -10.97 39.31 -25.52
C PRO A 50 -11.12 40.02 -24.18
N ALA A 51 -10.84 41.32 -24.12
CA ALA A 51 -10.89 42.11 -22.91
C ALA A 51 -10.00 41.56 -21.81
N GLY A 52 -8.92 40.86 -22.19
CA GLY A 52 -8.02 40.27 -21.23
C GLY A 52 -8.49 38.97 -20.61
N ALA A 53 -9.65 38.46 -21.02
CA ALA A 53 -10.18 37.21 -20.49
C ALA A 53 -9.76 36.05 -21.38
N SER A 54 -9.09 35.06 -20.78
CA SER A 54 -8.65 33.90 -21.53
C SER A 54 -9.68 32.79 -21.59
N PHE A 55 -10.79 32.93 -20.86
CA PHE A 55 -11.82 31.89 -20.82
C PHE A 55 -13.21 32.51 -20.96
N ILE A 56 -14.09 31.79 -21.63
CA ILE A 56 -15.51 32.13 -21.71
C ILE A 56 -16.30 30.91 -21.25
N PHE A 57 -17.03 31.07 -20.16
CA PHE A 57 -17.83 29.99 -19.59
C PHE A 57 -19.30 30.23 -19.89
N VAL A 58 -19.92 29.27 -20.59
CA VAL A 58 -21.34 29.31 -20.90
C VAL A 58 -21.94 28.02 -20.35
N TYR A 59 -22.58 28.12 -19.19
CA TYR A 59 -23.19 26.96 -18.53
C TYR A 59 -24.70 27.13 -18.53
N GLY A 60 -25.41 26.01 -18.62
CA GLY A 60 -26.86 26.03 -18.61
C GLY A 60 -27.42 24.64 -18.38
N ALA A 61 -28.73 24.60 -18.22
CA ALA A 61 -29.42 23.32 -18.05
C ALA A 61 -29.28 22.47 -19.30
N SER A 62 -29.28 21.16 -19.12
CA SER A 62 -29.21 20.26 -20.26
C SER A 62 -30.45 20.40 -21.12
N GLY A 63 -30.24 20.58 -22.43
CA GLY A 63 -31.33 20.68 -23.37
C GLY A 63 -31.83 22.08 -23.66
N VAL A 64 -31.05 23.12 -23.37
CA VAL A 64 -31.44 24.47 -23.72
C VAL A 64 -30.96 24.86 -25.12
N GLY A 65 -29.86 24.28 -25.58
CA GLY A 65 -29.31 24.61 -26.88
C GLY A 65 -27.87 25.09 -26.88
N LYS A 66 -27.05 24.68 -25.91
CA LYS A 66 -25.66 25.07 -25.89
C LYS A 66 -24.93 24.55 -27.14
N THR A 67 -25.19 23.29 -27.50
CA THR A 67 -24.57 22.74 -28.70
C THR A 67 -25.05 23.46 -29.95
N THR A 68 -26.35 23.77 -30.02
CA THR A 68 -26.87 24.52 -31.16
C THR A 68 -26.26 25.91 -31.22
N LEU A 69 -26.11 26.56 -30.06
CA LEU A 69 -25.48 27.88 -30.02
C LEU A 69 -24.04 27.81 -30.52
N ARG A 70 -23.31 26.78 -30.10
CA ARG A 70 -21.94 26.60 -30.55
C ARG A 70 -21.92 26.42 -32.06
N LEU A 71 -22.78 25.56 -32.58
CA LEU A 71 -22.80 25.30 -34.01
C LEU A 71 -23.09 26.57 -34.80
N ARG A 72 -24.09 27.34 -34.36
CA ARG A 72 -24.43 28.57 -35.07
C ARG A 72 -23.29 29.58 -35.01
N VAL A 73 -22.64 29.69 -33.84
CA VAL A 73 -21.50 30.59 -33.70
C VAL A 73 -20.39 30.17 -34.66
N GLU A 74 -20.12 28.86 -34.75
CA GLU A 74 -19.09 28.37 -35.65
C GLU A 74 -19.42 28.70 -37.09
N GLN A 75 -20.68 28.48 -37.51
CA GLN A 75 -21.07 28.76 -38.88
C GLN A 75 -20.91 30.25 -39.20
N LYS A 76 -21.39 31.11 -38.31
CA LYS A 76 -21.33 32.55 -38.59
C LYS A 76 -19.89 33.05 -38.57
N LEU A 77 -19.06 32.52 -37.67
CA LEU A 77 -17.66 32.90 -37.66
C LEU A 77 -16.93 32.43 -38.91
N THR A 78 -17.25 31.24 -39.41
CA THR A 78 -16.67 30.79 -40.67
C THR A 78 -17.11 31.70 -41.82
N GLU A 79 -18.38 32.10 -41.83
CA GLU A 79 -18.86 33.02 -42.86
C GLU A 79 -18.12 34.36 -42.79
N LEU A 80 -17.90 34.88 -41.58
CA LEU A 80 -17.19 36.14 -41.42
C LEU A 80 -15.74 36.01 -41.83
N ALA A 81 -15.10 34.89 -41.50
CA ALA A 81 -13.67 34.71 -41.75
C ALA A 81 -13.34 34.28 -43.17
N LEU A 82 -14.34 33.83 -43.94
CA LEU A 82 -14.06 33.45 -45.33
C LEU A 82 -13.42 34.56 -46.15
N PRO A 83 -13.91 35.81 -46.13
CA PRO A 83 -13.20 36.87 -46.88
C PRO A 83 -11.76 37.06 -46.43
N LYS A 84 -11.49 36.95 -45.13
CA LYS A 84 -10.11 37.03 -44.65
C LYS A 84 -9.34 35.73 -44.91
N LEU A 85 -10.04 34.59 -45.00
CA LEU A 85 -9.41 33.34 -45.38
C LEU A 85 -8.99 33.34 -46.85
N GLU A 86 -9.63 34.18 -47.67
CA GLU A 86 -9.24 34.28 -49.08
C GLU A 86 -7.77 34.66 -49.21
N SER A 87 -7.31 35.63 -48.42
CA SER A 87 -5.94 36.08 -48.50
C SER A 87 -4.98 35.03 -47.93
N ASP A 88 -5.14 34.69 -46.66
CA ASP A 88 -4.27 33.73 -45.98
C ASP A 88 -5.04 32.43 -45.79
N ARG A 89 -4.64 31.39 -46.53
CA ARG A 89 -5.31 30.10 -46.41
C ARG A 89 -4.81 29.32 -45.18
N ALA A 90 -3.66 29.73 -44.64
CA ALA A 90 -3.08 28.98 -43.52
C ALA A 90 -3.89 29.19 -42.24
N ARG A 91 -4.48 30.36 -42.08
CA ARG A 91 -5.21 30.66 -40.85
C ARG A 91 -6.46 29.79 -40.74
N VAL A 92 -6.72 29.29 -39.54
CA VAL A 92 -7.88 28.48 -39.24
C VAL A 92 -8.87 29.33 -38.44
N PRO A 93 -10.11 29.51 -38.91
CA PRO A 93 -11.03 30.41 -38.21
C PRO A 93 -11.44 29.94 -36.82
N VAL A 94 -11.99 28.74 -36.72
CA VAL A 94 -12.56 28.23 -35.47
C VAL A 94 -12.21 26.75 -35.32
N VAL A 95 -11.84 26.35 -34.11
CA VAL A 95 -11.62 24.95 -33.76
C VAL A 95 -12.54 24.61 -32.60
N GLY A 96 -13.32 23.53 -32.76
CA GLY A 96 -14.22 23.08 -31.72
C GLY A 96 -14.18 21.59 -31.52
N ILE A 97 -14.18 21.13 -30.27
CA ILE A 97 -14.08 19.70 -29.97
C ILE A 97 -14.70 19.35 -28.62
N GLU A 98 -15.55 18.31 -28.59
CA GLU A 98 -16.15 17.89 -27.32
C GLU A 98 -15.14 17.29 -26.36
N ALA A 99 -15.26 17.61 -25.08
CA ALA A 99 -14.36 17.01 -24.08
C ALA A 99 -14.67 15.53 -23.93
N ILE A 100 -13.63 14.72 -23.71
CA ILE A 100 -13.82 13.27 -23.62
C ILE A 100 -13.92 12.79 -22.18
N ALA A 101 -15.00 12.07 -21.87
CA ALA A 101 -15.19 11.54 -20.52
C ALA A 101 -14.22 10.38 -20.31
N PRO A 102 -13.31 10.51 -19.31
CA PRO A 102 -12.33 9.41 -19.23
C PRO A 102 -12.83 8.15 -18.57
N GLU A 103 -12.39 7.01 -19.09
CA GLU A 103 -12.74 5.73 -18.50
C GLU A 103 -12.01 5.48 -17.18
N SER A 104 -10.92 6.19 -16.94
CA SER A 104 -10.20 6.09 -15.68
C SER A 104 -10.58 7.29 -14.83
N ARG A 105 -10.28 7.25 -13.54
CA ARG A 105 -10.66 8.34 -12.66
C ARG A 105 -9.98 9.65 -13.05
N TYR A 106 -8.69 9.59 -13.35
CA TYR A 106 -7.97 10.78 -13.78
C TYR A 106 -8.33 11.20 -15.18
N PHE A 107 -8.44 12.50 -15.42
CA PHE A 107 -8.69 12.97 -16.79
C PHE A 107 -7.44 12.70 -17.61
N ASN A 108 -7.60 12.25 -18.85
CA ASN A 108 -6.46 12.01 -19.71
C ASN A 108 -6.17 13.23 -20.58
N TRP A 109 -5.19 14.03 -20.20
CA TRP A 109 -4.84 15.21 -20.98
C TRP A 109 -4.13 14.83 -22.28
N LYS A 110 -3.44 13.68 -22.30
CA LYS A 110 -2.75 13.27 -23.52
C LYS A 110 -3.74 13.04 -24.65
N GLU A 111 -4.81 12.29 -24.39
CA GLU A 111 -5.81 12.03 -25.43
C GLU A 111 -6.52 13.33 -25.84
N TYR A 112 -6.78 14.22 -24.89
CA TYR A 112 -7.39 15.49 -25.23
C TYR A 112 -6.50 16.31 -26.16
N TYR A 113 -5.20 16.34 -25.87
CA TYR A 113 -4.26 17.06 -26.74
C TYR A 113 -4.21 16.43 -28.12
N THR A 114 -4.15 15.10 -28.19
CA THR A 114 -4.11 14.43 -29.49
C THR A 114 -5.37 14.71 -30.30
N ARG A 115 -6.53 14.68 -29.65
CA ARG A 115 -7.77 14.95 -30.36
C ARG A 115 -7.90 16.41 -30.75
N ALA A 116 -7.34 17.32 -29.95
CA ALA A 116 -7.31 18.72 -30.35
C ALA A 116 -6.44 18.91 -31.58
N LEU A 117 -5.29 18.23 -31.63
CA LEU A 117 -4.45 18.27 -32.83
C LEU A 117 -5.18 17.71 -34.03
N ILE A 118 -5.91 16.60 -33.84
CA ILE A 118 -6.65 16.00 -34.94
C ILE A 118 -7.75 16.93 -35.43
N THR A 119 -8.41 17.63 -34.50
CA THR A 119 -9.47 18.55 -34.89
C THR A 119 -8.93 19.72 -35.72
N LEU A 120 -7.74 20.20 -35.37
CA LEU A 120 -7.11 21.33 -36.05
C LEU A 120 -6.48 20.92 -37.38
N GLU A 121 -6.61 19.64 -37.76
CA GLU A 121 -6.02 19.15 -39.01
C GLU A 121 -6.50 19.97 -40.20
N GLU A 122 -5.56 20.36 -41.05
CA GLU A 122 -5.81 21.19 -42.21
C GLU A 122 -5.39 20.44 -43.47
N PRO A 123 -6.23 20.38 -44.50
CA PRO A 123 -5.82 19.70 -45.74
C PRO A 123 -4.55 20.27 -46.35
N LEU A 124 -4.28 21.56 -46.16
CA LEU A 124 -3.03 22.16 -46.59
C LEU A 124 -1.96 21.91 -45.52
N ILE A 125 -1.57 20.64 -45.42
CA ILE A 125 -0.61 20.21 -44.41
C ILE A 125 0.78 20.80 -44.67
N ASP A 126 1.06 21.21 -45.90
CA ASP A 126 2.40 21.67 -46.25
C ASP A 126 2.77 22.96 -45.53
N HIS A 127 1.80 23.69 -44.98
CA HIS A 127 2.10 24.93 -44.27
C HIS A 127 2.90 24.66 -42.99
N LYS A 128 2.44 23.69 -42.21
CA LYS A 128 3.08 23.35 -40.93
C LYS A 128 3.24 21.84 -40.81
N PHE A 129 3.81 21.22 -41.86
CA PHE A 129 3.95 19.77 -41.89
C PHE A 129 4.79 19.25 -40.75
N ASP A 130 5.67 20.07 -40.18
CA ASP A 130 6.52 19.67 -39.07
C ASP A 130 6.24 20.57 -37.89
N TYR A 131 5.72 19.99 -36.81
CA TYR A 131 5.50 20.69 -35.55
C TYR A 131 6.62 20.44 -34.55
N GLY A 132 7.71 19.82 -34.98
CA GLY A 132 8.70 19.33 -34.05
C GLY A 132 8.25 18.00 -33.47
N VAL A 133 7.79 17.11 -34.35
CA VAL A 133 7.14 15.87 -33.93
C VAL A 133 8.00 14.68 -34.32
N ARG A 134 7.54 13.49 -33.94
CA ARG A 134 8.29 12.26 -34.18
C ARG A 134 7.55 11.38 -35.18
N GLY A 135 7.04 11.97 -36.24
CA GLY A 135 6.21 11.25 -37.18
C GLY A 135 4.74 11.40 -36.96
N ILE A 136 4.32 12.38 -36.13
CA ILE A 136 2.90 12.58 -35.87
C ILE A 136 2.16 13.01 -37.12
N SER A 137 2.85 13.67 -38.06
CA SER A 137 2.20 14.17 -39.26
C SER A 137 1.56 13.02 -40.05
N ARG A 138 0.53 13.36 -40.82
CA ARG A 138 -0.25 12.35 -41.53
C ARG A 138 0.62 11.64 -42.56
N ASP A 139 0.35 10.36 -42.77
CA ASP A 139 1.05 9.56 -43.76
C ASP A 139 0.15 8.41 -44.19
N ASN A 140 0.15 8.15 -45.50
CA ASN A 140 -0.59 7.04 -46.10
C ASN A 140 -2.10 7.23 -46.00
N PHE A 141 -2.54 8.30 -45.34
CA PHE A 141 -3.96 8.57 -45.19
C PHE A 141 -4.15 10.03 -44.82
N GLY A 142 -5.37 10.53 -45.01
CA GLY A 142 -5.66 11.92 -44.73
C GLY A 142 -5.57 12.26 -43.25
N LYS A 143 -6.05 11.37 -42.39
CA LYS A 143 -6.09 11.66 -40.96
C LYS A 143 -4.68 11.68 -40.36
N ILE A 144 -4.54 12.44 -39.29
CA ILE A 144 -3.25 12.53 -38.60
C ILE A 144 -3.03 11.27 -37.77
N ASN A 145 -1.86 10.66 -37.94
CA ASN A 145 -1.49 9.44 -37.21
C ASN A 145 -0.57 9.85 -36.07
N VAL A 146 -1.12 9.90 -34.85
CA VAL A 146 -0.35 10.29 -33.68
C VAL A 146 0.45 9.10 -33.18
N GLU A 147 1.76 9.29 -33.02
CA GLU A 147 2.62 8.24 -32.49
C GLU A 147 2.28 7.99 -31.03
N SER A 148 2.16 6.71 -30.66
CA SER A 148 1.74 6.36 -29.31
C SER A 148 2.81 6.70 -28.28
N LYS A 149 4.08 6.50 -28.62
CA LYS A 149 5.15 6.66 -27.65
C LYS A 149 5.56 8.10 -27.43
N VAL A 150 4.94 9.06 -28.15
CA VAL A 150 5.26 10.47 -27.94
C VAL A 150 4.84 10.87 -26.52
N VAL A 151 5.77 11.47 -25.78
CA VAL A 151 5.48 11.85 -24.40
C VAL A 151 4.51 13.02 -24.37
N ALA A 152 3.87 13.19 -23.22
CA ALA A 152 2.88 14.26 -23.07
C ALA A 152 3.45 15.65 -23.24
N PRO A 153 4.57 16.04 -22.58
CA PRO A 153 5.05 17.41 -22.76
C PRO A 153 5.42 17.75 -24.21
N ALA A 154 6.04 16.82 -24.92
CA ALA A 154 6.42 17.09 -26.30
C ALA A 154 5.19 17.28 -27.19
N LEU A 155 4.16 16.45 -27.00
CA LEU A 155 2.97 16.56 -27.82
C LEU A 155 2.18 17.82 -27.45
N ARG A 156 2.22 18.22 -26.18
CA ARG A 156 1.63 19.50 -25.78
C ARG A 156 2.37 20.66 -26.45
N ARG A 157 3.70 20.58 -26.52
CA ARG A 157 4.46 21.60 -27.22
C ARG A 157 4.08 21.64 -28.70
N ALA A 158 3.89 20.47 -29.31
CA ALA A 158 3.46 20.41 -30.70
C ALA A 158 2.09 21.04 -30.88
N LEU A 159 1.17 20.77 -29.94
CA LEU A 159 -0.15 21.39 -29.99
C LEU A 159 -0.05 22.91 -29.89
N GLU A 160 0.79 23.40 -28.99
CA GLU A 160 0.97 24.85 -28.86
C GLU A 160 1.53 25.44 -30.15
N ASN A 161 2.51 24.76 -30.75
CA ASN A 161 3.09 25.24 -32.00
C ASN A 161 2.04 25.29 -33.10
N ALA A 162 1.23 24.23 -33.22
CA ALA A 162 0.18 24.22 -34.23
C ALA A 162 -0.84 25.31 -33.99
N LEU A 163 -1.21 25.53 -32.72
CA LEU A 163 -2.21 26.55 -32.39
C LEU A 163 -1.69 27.95 -32.73
N ILE A 164 -0.45 28.24 -32.36
CA ILE A 164 0.10 29.56 -32.67
C ILE A 164 0.35 29.72 -34.17
N HIS A 165 0.63 28.65 -34.89
CA HIS A 165 0.77 28.75 -36.34
C HIS A 165 -0.57 29.05 -36.99
N ARG A 166 -1.62 28.31 -36.63
CA ARG A 166 -2.93 28.54 -37.22
C ARG A 166 -3.62 29.76 -36.62
N HIS A 167 -3.43 30.01 -35.32
CA HIS A 167 -4.04 31.13 -34.60
C HIS A 167 -5.55 31.15 -34.78
N PRO A 168 -6.28 30.19 -34.23
CA PRO A 168 -7.74 30.22 -34.34
C PRO A 168 -8.33 31.38 -33.54
N ASP A 169 -9.44 31.90 -34.05
CA ASP A 169 -10.10 33.03 -33.40
C ASP A 169 -10.62 32.64 -32.02
N VAL A 170 -11.23 31.45 -31.91
CA VAL A 170 -11.77 30.99 -30.64
C VAL A 170 -11.72 29.46 -30.65
N PHE A 171 -11.47 28.89 -29.47
CA PHE A 171 -11.39 27.44 -29.30
C PHE A 171 -12.57 27.00 -28.45
N PHE A 172 -13.34 26.04 -28.96
CA PHE A 172 -14.56 25.57 -28.31
C PHE A 172 -14.32 24.19 -27.72
N VAL A 173 -14.70 24.03 -26.45
CA VAL A 173 -14.62 22.75 -25.76
C VAL A 173 -16.02 22.37 -25.31
N ASP A 174 -16.73 21.57 -26.10
CA ASP A 174 -18.09 21.19 -25.73
C ASP A 174 -18.10 20.25 -24.53
N GLU A 175 -19.17 20.28 -23.75
CA GLU A 175 -19.28 19.42 -22.56
C GLU A 175 -18.04 19.50 -21.67
N ALA A 176 -17.65 20.71 -21.26
CA ALA A 176 -16.47 20.89 -20.45
C ALA A 176 -16.61 20.33 -19.04
N GLN A 177 -17.81 19.90 -18.66
CA GLN A 177 -18.01 19.33 -17.32
C GLN A 177 -17.21 18.06 -17.10
N HIS A 178 -16.75 17.41 -18.18
CA HIS A 178 -15.89 16.23 -18.03
C HIS A 178 -14.53 16.59 -17.45
N PHE A 179 -14.13 17.87 -17.50
CA PHE A 179 -12.90 18.28 -16.83
C PHE A 179 -12.99 18.12 -15.32
N GLY A 180 -14.19 18.16 -14.76
CA GLY A 180 -14.33 17.99 -13.32
C GLY A 180 -14.05 16.57 -12.86
N LYS A 181 -14.08 15.63 -13.80
CA LYS A 181 -13.86 14.21 -13.46
C LYS A 181 -12.39 13.96 -13.15
N VAL A 182 -12.04 13.93 -11.87
CA VAL A 182 -10.64 13.73 -11.48
C VAL A 182 -10.57 12.69 -10.35
N ALA A 183 -9.47 11.95 -10.28
CA ALA A 183 -9.33 10.93 -9.24
C ALA A 183 -9.32 11.48 -7.82
N SER A 184 -8.64 12.59 -7.61
CA SER A 184 -8.53 13.13 -6.25
C SER A 184 -9.17 14.49 -6.07
N GLY A 185 -9.76 14.73 -4.90
CA GLY A 185 -10.44 15.98 -4.65
C GLY A 185 -9.53 17.19 -4.69
N TYR A 186 -8.37 17.11 -4.03
CA TYR A 186 -7.42 18.21 -4.08
C TYR A 186 -6.75 18.34 -5.44
N LYS A 187 -6.77 17.27 -6.24
CA LYS A 187 -6.18 17.32 -7.57
C LYS A 187 -7.03 18.08 -8.57
N LEU A 188 -8.28 18.34 -8.22
CA LEU A 188 -9.17 19.07 -9.12
C LEU A 188 -8.64 20.46 -9.45
N GLN A 189 -7.85 21.05 -8.55
CA GLN A 189 -7.38 22.41 -8.76
C GLN A 189 -6.35 22.52 -9.88
N ASP A 190 -5.83 21.40 -10.38
CA ASP A 190 -4.71 21.44 -11.31
C ASP A 190 -5.13 21.45 -12.78
N GLN A 191 -6.21 20.76 -13.14
CA GLN A 191 -6.59 20.67 -14.55
C GLN A 191 -6.93 22.03 -15.12
N LEU A 192 -7.71 22.83 -14.39
CA LEU A 192 -8.11 24.13 -14.91
C LEU A 192 -6.94 25.09 -15.04
N ASP A 193 -5.99 25.04 -14.09
CA ASP A 193 -4.84 25.92 -14.22
C ASP A 193 -3.90 25.44 -15.32
N CYS A 194 -3.84 24.13 -15.57
CA CYS A 194 -3.08 23.63 -16.72
C CYS A 194 -3.69 24.14 -18.02
N LEU A 195 -5.01 24.08 -18.13
CA LEU A 195 -5.68 24.60 -19.33
C LEU A 195 -5.47 26.11 -19.45
N LYS A 196 -5.50 26.82 -18.33
CA LYS A 196 -5.25 28.26 -18.34
C LYS A 196 -3.83 28.58 -18.82
N SER A 197 -2.84 27.81 -18.34
CA SER A 197 -1.47 28.02 -18.78
C SER A 197 -1.34 27.73 -20.27
N LEU A 198 -2.02 26.68 -20.75
CA LEU A 198 -2.01 26.41 -22.19
C LEU A 198 -2.61 27.58 -22.96
N ALA A 199 -3.72 28.15 -22.46
CA ALA A 199 -4.34 29.27 -23.14
C ALA A 199 -3.42 30.49 -23.17
N ASN A 200 -2.76 30.80 -22.05
CA ASN A 200 -1.86 31.95 -22.00
C ASN A 200 -0.66 31.75 -22.91
N MET A 201 -0.08 30.55 -22.92
CA MET A 201 1.05 30.29 -23.80
C MET A 201 0.66 30.37 -25.27
N THR A 202 -0.50 29.82 -25.62
CA THR A 202 -0.96 29.90 -27.01
C THR A 202 -1.52 31.29 -27.32
N GLY A 203 -2.16 31.93 -26.34
CA GLY A 203 -2.82 33.18 -26.60
C GLY A 203 -4.16 33.07 -27.29
N ILE A 204 -4.68 31.86 -27.45
CA ILE A 204 -5.94 31.64 -28.15
C ILE A 204 -7.08 31.68 -27.14
N LEU A 205 -8.18 32.33 -27.52
CA LEU A 205 -9.34 32.44 -26.65
C LEU A 205 -10.04 31.09 -26.53
N HIS A 206 -10.09 30.56 -25.31
CA HIS A 206 -10.74 29.30 -25.03
C HIS A 206 -12.15 29.54 -24.50
N CYS A 207 -13.12 28.80 -25.04
CA CYS A 207 -14.50 28.87 -24.58
C CYS A 207 -14.94 27.48 -24.13
N LEU A 208 -15.51 27.42 -22.93
CA LEU A 208 -15.92 26.16 -22.32
C LEU A 208 -17.45 26.11 -22.24
N LEU A 209 -18.02 25.02 -22.71
CA LEU A 209 -19.46 24.79 -22.65
C LEU A 209 -19.73 23.58 -21.76
N GLY A 210 -20.79 23.64 -20.98
CA GLY A 210 -21.11 22.53 -20.11
C GLY A 210 -22.39 22.79 -19.33
N THR A 211 -22.72 21.85 -18.46
CA THR A 211 -23.90 21.94 -17.63
C THR A 211 -23.55 22.61 -16.30
N TYR A 212 -24.48 22.56 -15.34
CA TYR A 212 -24.26 23.15 -14.03
C TYR A 212 -23.25 22.39 -13.19
N GLU A 213 -22.82 21.21 -13.63
CA GLU A 213 -21.83 20.44 -12.88
C GLU A 213 -20.51 21.17 -12.78
N LEU A 214 -20.21 22.05 -13.74
CA LEU A 214 -18.94 22.77 -13.75
C LEU A 214 -18.95 24.00 -12.84
N LEU A 215 -20.09 24.34 -12.23
CA LEU A 215 -20.14 25.53 -11.38
C LEU A 215 -19.19 25.42 -10.21
N THR A 216 -19.14 24.24 -9.58
CA THR A 216 -18.14 24.01 -8.53
C THR A 216 -16.73 24.08 -9.12
N PHE A 217 -16.52 23.51 -10.30
CA PHE A 217 -15.27 23.64 -11.01
C PHE A 217 -15.00 25.06 -11.48
N ARG A 218 -16.06 25.88 -11.59
CA ARG A 218 -15.90 27.23 -12.13
C ARG A 218 -15.25 28.18 -11.14
N ASN A 219 -15.61 28.10 -9.87
CA ASN A 219 -15.29 29.13 -8.89
C ASN A 219 -14.49 28.55 -7.73
N LEU A 220 -13.44 27.80 -8.05
CA LEU A 220 -12.51 27.37 -7.02
C LEU A 220 -11.77 28.55 -6.38
N SER A 221 -11.68 29.68 -7.08
CA SER A 221 -11.03 30.86 -6.54
C SER A 221 -11.56 32.08 -7.29
N GLY A 222 -11.34 33.26 -6.70
CA GLY A 222 -11.76 34.50 -7.33
C GLY A 222 -10.95 34.87 -8.56
N GLN A 223 -9.73 34.34 -8.67
CA GLN A 223 -8.92 34.61 -9.86
C GLN A 223 -9.58 34.06 -11.11
N LEU A 224 -10.22 32.89 -11.00
CA LEU A 224 -10.91 32.29 -12.14
C LEU A 224 -12.05 33.19 -12.61
N SER A 225 -12.82 33.74 -11.66
CA SER A 225 -13.87 34.69 -12.03
C SER A 225 -13.30 35.95 -12.64
N ARG A 226 -12.17 36.44 -12.10
CA ARG A 226 -11.58 37.66 -12.62
C ARG A 226 -11.09 37.49 -14.06
N ARG A 227 -10.47 36.36 -14.35
CA ARG A 227 -9.84 36.13 -15.65
C ARG A 227 -10.75 35.43 -16.66
N SER A 228 -12.06 35.51 -16.48
CA SER A 228 -12.98 34.81 -17.38
C SER A 228 -14.31 35.55 -17.43
N VAL A 229 -15.10 35.21 -18.45
CA VAL A 229 -16.42 35.80 -18.69
C VAL A 229 -17.47 34.73 -18.49
N ASP A 230 -18.49 35.03 -17.72
CA ASP A 230 -19.57 34.10 -17.43
C ASP A 230 -20.80 34.43 -18.27
N ILE A 231 -21.38 33.40 -18.88
CA ILE A 231 -22.61 33.51 -19.66
C ILE A 231 -23.56 32.45 -19.13
N HIS A 232 -24.67 32.88 -18.53
CA HIS A 232 -25.67 31.95 -18.02
C HIS A 232 -26.74 31.76 -19.09
N PHE A 233 -26.76 30.59 -19.70
CA PHE A 233 -27.79 30.24 -20.67
C PHE A 233 -29.05 29.91 -19.89
N ARG A 234 -29.74 30.96 -19.45
CA ARG A 234 -30.91 30.79 -18.59
C ARG A 234 -32.03 30.09 -19.33
N ARG A 235 -32.72 29.19 -18.64
CA ARG A 235 -33.90 28.55 -19.17
C ARG A 235 -35.10 29.47 -18.99
N TYR A 236 -36.26 29.03 -19.46
CA TYR A 236 -37.49 29.77 -19.28
C TYR A 236 -38.18 29.30 -18.01
N CYS A 237 -38.45 30.23 -17.11
CA CYS A 237 -39.01 29.91 -15.79
C CYS A 237 -40.48 30.30 -15.75
N ALA A 238 -41.33 29.38 -15.32
CA ALA A 238 -42.76 29.63 -15.23
C ALA A 238 -43.12 30.64 -14.15
N ASP A 239 -42.18 31.00 -13.28
CA ASP A 239 -42.47 31.97 -12.24
C ASP A 239 -42.80 33.34 -12.81
N SER A 240 -42.05 33.78 -13.83
CA SER A 240 -42.26 35.09 -14.43
C SER A 240 -43.13 34.97 -15.67
N PRO A 241 -44.17 35.80 -15.79
CA PRO A 241 -45.06 35.69 -16.96
C PRO A 241 -44.38 35.93 -18.29
N GLU A 242 -43.28 36.69 -18.32
CA GLU A 242 -42.59 36.95 -19.58
C GLU A 242 -42.03 35.67 -20.20
N ASP A 243 -41.40 34.83 -19.37
CA ASP A 243 -40.89 33.56 -19.87
C ASP A 243 -42.03 32.63 -20.28
N VAL A 244 -43.16 32.68 -19.58
CA VAL A 244 -44.32 31.89 -19.98
C VAL A 244 -44.82 32.32 -21.35
N GLN A 245 -44.88 33.64 -21.58
CA GLN A 245 -45.29 34.16 -22.88
C GLN A 245 -44.31 33.74 -23.97
N ALA A 246 -43.02 33.80 -23.67
CA ALA A 246 -42.02 33.37 -24.65
C ALA A 246 -42.15 31.89 -24.97
N PHE A 247 -42.38 31.07 -23.94
CA PHE A 247 -42.57 29.64 -24.15
C PHE A 247 -43.82 29.36 -25.00
N LYS A 248 -44.91 30.08 -24.72
CA LYS A 248 -46.12 29.92 -25.52
C LYS A 248 -45.88 30.33 -26.97
N SER A 249 -45.12 31.40 -27.18
CA SER A 249 -44.83 31.83 -28.55
C SER A 249 -43.95 30.82 -29.27
N VAL A 250 -42.98 30.23 -28.57
CA VAL A 250 -42.15 29.19 -29.17
C VAL A 250 -43.00 27.98 -29.54
N LEU A 251 -43.93 27.61 -28.67
CA LEU A 251 -44.85 26.52 -28.98
C LEU A 251 -45.70 26.85 -30.21
N LEU A 252 -46.15 28.11 -30.32
CA LEU A 252 -46.92 28.52 -31.48
C LEU A 252 -46.09 28.43 -32.75
N THR A 253 -44.83 28.84 -32.68
CA THR A 253 -43.97 28.77 -33.86
C THR A 253 -43.73 27.32 -34.27
N PHE A 254 -43.49 26.43 -33.31
CA PHE A 254 -43.35 25.02 -33.63
C PHE A 254 -44.63 24.45 -34.21
N GLN A 255 -45.78 24.90 -33.71
CA GLN A 255 -47.07 24.51 -34.26
C GLN A 255 -47.19 24.92 -35.72
N GLN A 256 -46.81 26.16 -36.02
CA GLN A 256 -46.94 26.67 -37.38
C GLN A 256 -45.89 26.10 -38.33
N HIS A 257 -44.76 25.62 -37.81
CA HIS A 257 -43.69 25.10 -38.65
C HIS A 257 -43.65 23.58 -38.71
N LEU A 258 -44.53 22.89 -38.01
CA LEU A 258 -44.50 21.43 -38.01
C LEU A 258 -45.20 20.92 -39.27
N PRO A 259 -44.53 20.11 -40.09
CA PRO A 259 -45.10 19.67 -41.39
C PRO A 259 -46.20 18.61 -41.25
N LEU A 260 -47.42 19.09 -41.01
CA LEU A 260 -48.58 18.23 -40.91
C LEU A 260 -49.76 18.89 -41.61
N ALA A 261 -50.73 18.06 -42.00
CA ALA A 261 -51.89 18.57 -42.72
C ALA A 261 -52.68 19.56 -41.87
N GLU A 262 -52.88 19.22 -40.59
CA GLU A 262 -53.59 20.09 -39.66
C GLU A 262 -52.65 20.48 -38.53
N THR A 263 -52.59 21.77 -38.25
CA THR A 263 -51.71 22.26 -37.18
C THR A 263 -52.30 21.92 -35.83
N PRO A 264 -51.62 21.15 -34.99
CA PRO A 264 -52.17 20.82 -33.68
C PRO A 264 -52.03 21.96 -32.70
N ASN A 265 -53.08 22.14 -31.88
CA ASN A 265 -53.13 23.24 -30.91
C ASN A 265 -52.27 22.84 -29.71
N LEU A 266 -50.97 23.11 -29.83
CA LEU A 266 -50.04 22.81 -28.74
C LEU A 266 -50.00 23.91 -27.70
N VAL A 267 -50.55 25.09 -28.01
CA VAL A 267 -50.46 26.22 -27.11
C VAL A 267 -51.25 25.97 -25.83
N ASP A 268 -52.45 25.42 -25.97
CA ASP A 268 -53.30 25.21 -24.79
C ASP A 268 -52.74 24.17 -23.83
N HIS A 269 -51.86 23.28 -24.29
CA HIS A 269 -51.21 22.30 -23.44
C HIS A 269 -49.84 22.77 -22.97
N TRP A 270 -49.63 24.09 -22.87
CA TRP A 270 -48.32 24.61 -22.52
C TRP A 270 -47.90 24.16 -21.11
N GLU A 271 -48.88 23.96 -20.22
CA GLU A 271 -48.55 23.51 -18.87
C GLU A 271 -47.91 22.13 -18.90
N TYR A 272 -48.46 21.21 -19.71
CA TYR A 272 -47.86 19.88 -19.82
C TYR A 272 -46.47 19.94 -20.43
N PHE A 273 -46.30 20.77 -21.46
CA PHE A 273 -44.98 20.91 -22.09
C PHE A 273 -43.96 21.43 -21.10
N TYR A 274 -44.31 22.44 -20.32
CA TYR A 274 -43.40 22.93 -19.29
C TYR A 274 -43.17 21.88 -18.22
N GLU A 275 -44.18 21.04 -17.94
CA GLU A 275 -44.00 19.96 -17.00
C GLU A 275 -42.94 18.97 -17.48
N ARG A 276 -42.91 18.70 -18.78
CA ARG A 276 -41.93 17.76 -19.30
C ARG A 276 -40.65 18.43 -19.77
N THR A 277 -40.75 19.56 -20.46
CA THR A 277 -39.56 20.21 -21.00
C THR A 277 -38.81 21.01 -19.93
N LEU A 278 -39.51 21.43 -18.87
CA LEU A 278 -38.92 22.26 -17.82
C LEU A 278 -38.34 23.54 -18.38
N GLY A 279 -39.00 24.11 -19.38
CA GLY A 279 -38.56 25.36 -19.97
C GLY A 279 -37.36 25.26 -20.87
N CYS A 280 -37.00 24.07 -21.32
CA CYS A 280 -35.85 23.86 -22.18
C CYS A 280 -36.31 23.74 -23.63
N ILE A 281 -35.77 24.58 -24.50
CA ILE A 281 -36.20 24.59 -25.90
C ILE A 281 -35.72 23.34 -26.62
N GLY A 282 -34.49 22.90 -26.34
CA GLY A 282 -33.96 21.72 -27.03
C GLY A 282 -34.74 20.46 -26.72
N THR A 283 -35.10 20.26 -25.45
CA THR A 283 -35.91 19.10 -25.09
C THR A 283 -37.28 19.18 -25.75
N LEU A 284 -37.86 20.37 -25.82
CA LEU A 284 -39.13 20.54 -26.52
C LEU A 284 -39.01 20.17 -27.99
N LYS A 285 -37.93 20.61 -28.64
CA LYS A 285 -37.73 20.28 -30.04
C LYS A 285 -37.56 18.78 -30.24
N ASP A 286 -36.79 18.13 -29.35
CA ASP A 286 -36.61 16.69 -29.46
C ASP A 286 -37.94 15.95 -29.29
N TRP A 287 -38.73 16.37 -28.29
CA TRP A 287 -40.03 15.75 -28.06
C TRP A 287 -40.95 15.93 -29.27
N LEU A 288 -40.98 17.14 -29.83
CA LEU A 288 -41.84 17.39 -30.99
C LEU A 288 -41.37 16.61 -32.20
N LYS A 289 -40.05 16.45 -32.36
CA LYS A 289 -39.54 15.65 -33.47
C LYS A 289 -39.95 14.19 -33.31
N ARG A 290 -39.88 13.66 -32.08
CA ARG A 290 -40.33 12.29 -31.84
C ARG A 290 -41.81 12.13 -32.17
N VAL A 291 -42.63 13.08 -31.71
CA VAL A 291 -44.06 13.01 -31.95
C VAL A 291 -44.37 13.09 -33.45
N LEU A 292 -43.68 13.98 -34.15
CA LEU A 292 -43.85 14.09 -35.60
C LEU A 292 -43.40 12.82 -36.31
N SER A 293 -42.34 12.19 -35.82
CA SER A 293 -41.89 10.93 -36.41
C SER A 293 -42.98 9.87 -36.28
N ASP A 294 -43.58 9.75 -35.10
CA ASP A 294 -44.67 8.80 -34.93
C ASP A 294 -45.86 9.16 -35.82
N ALA A 295 -46.17 10.45 -35.93
CA ALA A 295 -47.27 10.88 -36.79
C ALA A 295 -47.02 10.52 -38.24
N LEU A 296 -45.80 10.71 -38.72
CA LEU A 296 -45.47 10.38 -40.11
C LEU A 296 -45.49 8.88 -40.33
N ASP A 297 -44.96 8.11 -39.38
CA ASP A 297 -44.96 6.65 -39.54
C ASP A 297 -46.38 6.10 -39.52
N ARG A 298 -47.26 6.68 -38.72
CA ARG A 298 -48.67 6.33 -38.75
C ARG A 298 -49.42 7.05 -39.86
N GLU A 299 -48.76 8.00 -40.55
CA GLU A 299 -49.40 8.80 -41.60
C GLU A 299 -50.66 9.50 -41.09
N ALA A 300 -50.57 10.01 -39.87
CA ALA A 300 -51.69 10.70 -39.24
C ALA A 300 -51.79 12.13 -39.78
N THR A 301 -52.86 12.83 -39.40
CA THR A 301 -53.11 14.18 -39.85
C THR A 301 -53.08 15.22 -38.74
N THR A 302 -53.17 14.81 -37.49
CA THR A 302 -53.17 15.73 -36.37
C THR A 302 -52.46 15.09 -35.19
N ILE A 303 -52.05 15.91 -34.22
CA ILE A 303 -51.35 15.45 -33.03
C ILE A 303 -52.31 15.53 -31.85
N THR A 304 -52.49 14.41 -31.16
CA THR A 304 -53.34 14.32 -29.98
C THR A 304 -52.47 14.25 -28.73
N LEU A 305 -53.10 14.52 -27.59
CA LEU A 305 -52.39 14.49 -26.32
C LEU A 305 -51.77 13.12 -26.04
N LYS A 306 -52.39 12.06 -26.55
CA LYS A 306 -51.81 10.72 -26.40
C LYS A 306 -50.46 10.64 -27.10
N ASP A 307 -50.32 11.30 -28.24
CA ASP A 307 -49.03 11.31 -28.95
C ASP A 307 -47.96 11.96 -28.10
N LEU A 308 -48.27 13.10 -27.45
CA LEU A 308 -47.31 13.72 -26.55
C LEU A 308 -46.99 12.82 -25.37
N GLN A 309 -48.01 12.18 -24.78
CA GLN A 309 -47.78 11.37 -23.59
C GLN A 309 -46.93 10.13 -23.90
N LYS A 310 -47.08 9.58 -25.11
CA LYS A 310 -46.37 8.34 -25.44
C LYS A 310 -44.87 8.53 -25.44
N ARG A 311 -44.40 9.68 -25.96
CA ARG A 311 -42.97 9.96 -26.08
C ARG A 311 -42.47 10.99 -25.08
N ALA A 312 -43.26 11.36 -24.09
CA ALA A 312 -42.79 12.30 -23.09
C ALA A 312 -41.78 11.63 -22.17
N LEU A 313 -40.90 12.44 -21.58
CA LEU A 313 -39.97 11.92 -20.60
C LEU A 313 -40.70 11.48 -19.35
N SER A 314 -40.17 10.46 -18.69
CA SER A 314 -40.81 9.92 -17.50
C SER A 314 -40.81 10.96 -16.38
N VAL A 315 -41.78 10.82 -15.47
CA VAL A 315 -41.92 11.78 -14.38
C VAL A 315 -40.69 11.77 -13.48
N ALA A 316 -40.07 10.60 -13.28
CA ALA A 316 -38.87 10.53 -12.47
C ALA A 316 -37.71 11.26 -13.14
N GLN A 317 -37.56 11.12 -14.46
CA GLN A 317 -36.52 11.84 -15.18
C GLN A 317 -36.73 13.34 -15.06
N CYS A 318 -37.97 13.80 -15.19
CA CYS A 318 -38.27 15.21 -15.04
C CYS A 318 -37.98 15.69 -13.63
N GLN A 319 -38.32 14.89 -12.61
CA GLN A 319 -38.04 15.28 -11.24
C GLN A 319 -36.54 15.42 -11.00
N LYS A 320 -35.76 14.46 -11.48
CA LYS A 320 -34.31 14.53 -11.31
C LYS A 320 -33.73 15.73 -12.04
N MET A 321 -34.19 15.98 -13.27
CA MET A 321 -33.70 17.12 -14.04
C MET A 321 -34.04 18.43 -13.33
N PHE A 322 -35.27 18.56 -12.84
CA PHE A 322 -35.66 19.76 -12.12
C PHE A 322 -34.85 19.95 -10.85
N LYS A 323 -34.60 18.86 -10.12
CA LYS A 323 -33.79 18.97 -8.92
C LYS A 323 -32.38 19.46 -9.26
N GLU A 324 -31.78 18.89 -10.30
CA GLU A 324 -30.43 19.30 -10.68
C GLU A 324 -30.38 20.76 -11.11
N ILE A 325 -31.33 21.17 -11.96
CA ILE A 325 -31.29 22.54 -12.47
C ILE A 325 -31.60 23.54 -11.36
N GLN A 326 -32.51 23.20 -10.45
CA GLN A 326 -32.80 24.08 -9.33
C GLN A 326 -31.60 24.20 -8.41
N GLU A 327 -30.90 23.10 -8.14
CA GLU A 327 -29.69 23.16 -7.33
C GLU A 327 -28.62 24.01 -8.01
N GLY A 328 -28.47 23.87 -9.33
CA GLY A 328 -27.52 24.69 -10.04
C GLY A 328 -27.86 26.16 -10.00
N GLU A 329 -29.14 26.50 -10.17
CA GLU A 329 -29.57 27.89 -10.10
C GLU A 329 -29.33 28.45 -8.70
N ARG A 330 -29.65 27.67 -7.66
CA ARG A 330 -29.42 28.14 -6.30
C ARG A 330 -27.94 28.34 -6.00
N GLN A 331 -27.09 27.43 -6.49
CA GLN A 331 -25.65 27.60 -6.33
C GLN A 331 -25.11 28.78 -7.13
N LEU A 332 -25.73 29.12 -8.26
CA LEU A 332 -25.34 30.29 -9.02
C LEU A 332 -25.88 31.58 -8.41
N SER A 333 -26.80 31.48 -7.45
CA SER A 333 -27.28 32.64 -6.71
C SER A 333 -26.27 33.13 -5.68
N GLU A 334 -25.06 32.58 -5.67
CA GLU A 334 -24.01 33.05 -4.79
C GLU A 334 -23.72 34.52 -5.08
N THR A 335 -23.50 35.29 -4.02
CA THR A 335 -23.29 36.72 -4.13
C THR A 335 -21.95 37.10 -3.52
N GLU A 336 -21.29 38.08 -4.14
CA GLU A 336 -20.03 38.63 -3.65
C GLU A 336 -20.29 40.08 -3.25
N ALA A 337 -20.76 40.27 -2.02
CA ALA A 337 -21.01 41.59 -1.48
C ALA A 337 -19.83 42.01 -0.62
N ASP A 338 -18.97 42.87 -1.17
CA ASP A 338 -17.76 43.29 -0.48
C ASP A 338 -17.29 44.61 -1.08
N VAL A 339 -16.13 45.06 -0.61
CA VAL A 339 -15.53 46.27 -1.14
C VAL A 339 -15.12 46.05 -2.59
N GLN A 340 -15.49 47.00 -3.46
CA GLN A 340 -15.20 46.89 -4.88
C GLN A 340 -13.72 47.20 -5.16
N THR B 8 -53.01 -22.63 -33.50
CA THR B 8 -53.36 -23.62 -34.50
C THR B 8 -52.70 -24.97 -34.21
N GLY B 9 -51.73 -24.96 -33.30
CA GLY B 9 -51.06 -26.16 -32.89
C GLY B 9 -49.84 -26.49 -33.74
N PHE B 10 -49.07 -27.47 -33.27
CA PHE B 10 -47.87 -27.90 -33.95
C PHE B 10 -48.21 -28.72 -35.18
N PRO B 11 -47.31 -28.78 -36.17
CA PRO B 11 -47.53 -29.65 -37.32
C PRO B 11 -47.59 -31.12 -36.89
N LEU B 12 -48.62 -31.81 -37.39
CA LEU B 12 -48.86 -33.19 -36.96
C LEU B 12 -47.82 -34.16 -37.51
N GLU B 13 -47.12 -33.81 -38.58
CA GLU B 13 -46.12 -34.71 -39.15
C GLU B 13 -44.88 -34.83 -38.27
N LEU B 14 -44.73 -33.95 -37.27
CA LEU B 14 -43.58 -34.05 -36.37
C LEU B 14 -43.63 -35.29 -35.51
N LEU B 15 -44.80 -35.92 -35.35
CA LEU B 15 -44.89 -37.12 -34.53
C LEU B 15 -44.07 -38.26 -35.10
N THR B 16 -44.00 -38.37 -36.43
CA THR B 16 -43.17 -39.39 -37.05
C THR B 16 -41.69 -39.04 -37.01
N ARG B 17 -41.36 -37.78 -36.81
CA ARG B 17 -39.97 -37.35 -36.71
C ARG B 17 -39.37 -37.77 -35.37
N PRO B 18 -38.04 -37.90 -35.31
CA PRO B 18 -37.40 -38.28 -34.03
C PRO B 18 -37.58 -37.19 -32.98
N ALA B 19 -37.16 -37.53 -31.76
CA ALA B 19 -37.34 -36.62 -30.62
C ALA B 19 -36.55 -35.33 -30.82
N THR B 20 -35.39 -35.41 -31.47
CA THR B 20 -34.58 -34.21 -31.68
C THR B 20 -35.32 -33.18 -32.52
N GLU B 21 -36.02 -33.63 -33.57
CA GLU B 21 -36.77 -32.71 -34.42
C GLU B 21 -37.87 -32.00 -33.63
N ARG B 22 -38.63 -32.75 -32.83
CA ARG B 22 -39.68 -32.14 -32.02
C ARG B 22 -39.10 -31.16 -31.02
N LEU B 23 -37.99 -31.54 -30.38
CA LEU B 23 -37.37 -30.67 -29.38
C LEU B 23 -36.88 -29.38 -30.02
N ALA B 24 -36.23 -29.47 -31.19
CA ALA B 24 -35.77 -28.28 -31.89
C ALA B 24 -36.94 -27.41 -32.34
N TYR B 25 -38.03 -28.04 -32.80
CA TYR B 25 -39.20 -27.26 -33.21
C TYR B 25 -39.76 -26.48 -32.04
N PHE B 26 -39.87 -27.12 -30.87
CA PHE B 26 -40.37 -26.40 -29.70
C PHE B 26 -39.39 -25.32 -29.26
N GLU B 27 -38.09 -25.55 -29.46
CA GLU B 27 -37.11 -24.51 -29.16
C GLU B 27 -37.33 -23.29 -30.05
N ASN B 28 -37.56 -23.50 -31.35
CA ASN B 28 -37.68 -22.38 -32.27
C ASN B 28 -39.01 -21.64 -32.16
N TYR B 29 -39.99 -22.22 -31.47
CA TYR B 29 -41.28 -21.57 -31.33
C TYR B 29 -41.19 -20.34 -30.43
N THR B 30 -41.94 -19.31 -30.76
CA THR B 30 -41.97 -18.07 -30.00
C THR B 30 -43.40 -17.57 -29.89
N VAL B 31 -43.68 -16.86 -28.80
CA VAL B 31 -45.02 -16.34 -28.50
C VAL B 31 -44.96 -14.82 -28.48
N ALA B 32 -45.86 -14.18 -29.23
CA ALA B 32 -45.94 -12.73 -29.28
C ALA B 32 -47.01 -12.21 -28.31
N HIS B 33 -46.75 -12.42 -27.03
CA HIS B 33 -47.67 -11.97 -26.00
C HIS B 33 -47.68 -10.44 -25.93
N PRO B 34 -48.79 -9.84 -25.46
CA PRO B 34 -48.99 -8.41 -25.69
C PRO B 34 -47.89 -7.52 -25.11
N ARG B 35 -47.34 -7.86 -23.95
CA ARG B 35 -46.28 -7.03 -23.40
C ARG B 35 -45.04 -7.06 -24.27
N LEU B 36 -44.68 -8.24 -24.78
CA LEU B 36 -43.54 -8.34 -25.68
C LEU B 36 -43.79 -7.53 -26.95
N LYS B 37 -44.98 -7.63 -27.51
CA LYS B 37 -45.29 -6.89 -28.74
C LYS B 37 -45.23 -5.39 -28.51
N GLU B 38 -45.78 -4.92 -27.39
CA GLU B 38 -45.79 -3.49 -27.09
C GLU B 38 -44.36 -2.98 -26.88
N VAL B 39 -43.56 -3.74 -26.13
CA VAL B 39 -42.17 -3.32 -25.89
C VAL B 39 -41.38 -3.33 -27.19
N TYR B 40 -41.63 -4.33 -28.05
CA TYR B 40 -40.96 -4.40 -29.34
C TYR B 40 -41.32 -3.21 -30.21
N GLU B 41 -42.60 -2.85 -30.26
CA GLU B 41 -43.01 -1.71 -31.06
C GLU B 41 -42.40 -0.42 -30.53
N ILE B 42 -42.39 -0.24 -29.21
CA ILE B 42 -41.81 0.97 -28.63
C ILE B 42 -40.31 1.03 -28.94
N LEU B 43 -39.61 -0.08 -28.78
CA LEU B 43 -38.17 -0.10 -29.03
C LEU B 43 -37.86 0.17 -30.50
N MET B 44 -38.64 -0.42 -31.41
CA MET B 44 -38.42 -0.19 -32.83
C MET B 44 -38.67 1.27 -33.18
N ARG B 45 -39.73 1.86 -32.63
CA ARG B 45 -40.01 3.26 -32.90
C ARG B 45 -38.90 4.16 -32.36
N THR B 46 -38.41 3.88 -31.15
CA THR B 46 -37.33 4.68 -30.59
C THR B 46 -36.06 4.54 -31.40
N ILE B 47 -35.77 3.33 -31.88
CA ILE B 47 -34.58 3.11 -32.68
C ILE B 47 -34.68 3.84 -34.02
N ALA B 48 -35.87 3.83 -34.62
CA ALA B 48 -36.05 4.47 -35.92
C ALA B 48 -35.74 5.96 -35.89
N GLU B 49 -36.08 6.66 -34.81
CA GLU B 49 -35.73 8.07 -34.65
C GLU B 49 -35.20 8.29 -33.24
N PRO B 50 -33.88 8.22 -33.07
CA PRO B 50 -33.31 8.48 -31.73
C PRO B 50 -33.65 9.86 -31.20
N ALA B 51 -33.63 10.88 -32.06
CA ALA B 51 -33.95 12.25 -31.69
C ALA B 51 -33.13 12.71 -30.49
N GLY B 52 -31.81 12.71 -30.65
CA GLY B 52 -30.91 13.19 -29.62
C GLY B 52 -30.71 12.27 -28.44
N ALA B 53 -31.58 11.28 -28.26
CA ALA B 53 -31.40 10.34 -27.15
C ALA B 53 -30.13 9.52 -27.34
N SER B 54 -29.33 9.40 -26.29
CA SER B 54 -28.07 8.68 -26.35
C SER B 54 -28.15 7.30 -25.72
N PHE B 55 -29.26 6.95 -25.05
CA PHE B 55 -29.37 5.68 -24.37
C PHE B 55 -30.81 5.19 -24.41
N ILE B 56 -30.97 3.87 -24.50
CA ILE B 56 -32.27 3.22 -24.38
C ILE B 56 -32.13 2.17 -23.29
N PHE B 57 -32.66 2.47 -22.11
CA PHE B 57 -32.57 1.57 -20.96
C PHE B 57 -33.76 0.63 -21.00
N VAL B 58 -33.53 -0.59 -21.49
CA VAL B 58 -34.54 -1.64 -21.49
C VAL B 58 -34.18 -2.60 -20.37
N TYR B 59 -35.00 -2.62 -19.32
CA TYR B 59 -34.74 -3.45 -18.16
C TYR B 59 -36.00 -4.18 -17.74
N GLY B 60 -35.84 -5.34 -17.12
CA GLY B 60 -37.01 -6.12 -16.77
C GLY B 60 -36.74 -7.22 -15.79
N ALA B 61 -37.76 -8.01 -15.51
CA ALA B 61 -37.62 -9.11 -14.56
C ALA B 61 -36.70 -10.18 -15.11
N SER B 62 -36.02 -10.89 -14.22
CA SER B 62 -35.20 -12.01 -14.65
C SER B 62 -36.17 -13.02 -15.22
N GLY B 63 -35.97 -13.45 -16.46
CA GLY B 63 -36.91 -14.35 -17.13
C GLY B 63 -37.89 -13.69 -18.07
N VAL B 64 -37.89 -12.36 -18.17
CA VAL B 64 -38.91 -11.70 -19.00
C VAL B 64 -38.63 -11.74 -20.52
N GLY B 65 -37.56 -12.42 -20.94
CA GLY B 65 -37.20 -12.45 -22.35
C GLY B 65 -36.62 -11.23 -23.06
N LYS B 66 -35.76 -10.49 -22.37
CA LYS B 66 -35.09 -9.33 -23.00
C LYS B 66 -34.14 -9.63 -24.17
N THR B 67 -33.33 -10.68 -24.06
CA THR B 67 -32.39 -11.02 -25.13
C THR B 67 -33.13 -11.43 -26.40
N THR B 68 -34.13 -12.29 -26.27
CA THR B 68 -34.95 -12.63 -27.43
C THR B 68 -35.45 -11.38 -28.16
N LEU B 69 -35.84 -10.35 -27.40
CA LEU B 69 -36.24 -9.09 -28.03
C LEU B 69 -35.08 -8.48 -28.80
N ARG B 70 -33.87 -8.51 -28.22
CA ARG B 70 -32.70 -7.97 -28.92
C ARG B 70 -32.44 -8.73 -30.21
N LEU B 71 -32.50 -10.07 -30.16
CA LEU B 71 -32.27 -10.86 -31.36
C LEU B 71 -33.31 -10.57 -32.43
N ARG B 72 -34.59 -10.47 -32.02
CA ARG B 72 -35.64 -10.19 -32.99
C ARG B 72 -35.48 -8.82 -33.61
N VAL B 73 -35.11 -7.82 -32.80
CA VAL B 73 -34.90 -6.47 -33.33
C VAL B 73 -33.72 -6.46 -34.29
N GLU B 74 -32.64 -7.17 -33.96
CA GLU B 74 -31.50 -7.23 -34.86
C GLU B 74 -31.89 -7.87 -36.19
N GLN B 75 -32.62 -8.98 -36.14
CA GLN B 75 -33.03 -9.66 -37.37
C GLN B 75 -33.95 -8.77 -38.21
N LYS B 76 -34.90 -8.10 -37.57
CA LYS B 76 -35.84 -7.25 -38.30
C LYS B 76 -35.11 -6.07 -38.93
N LEU B 77 -34.19 -5.45 -38.19
CA LEU B 77 -33.45 -4.31 -38.74
C LEU B 77 -32.56 -4.74 -39.88
N THR B 78 -31.90 -5.90 -39.76
CA THR B 78 -31.08 -6.39 -40.86
C THR B 78 -31.93 -6.67 -42.11
N GLU B 79 -33.10 -7.29 -41.92
CA GLU B 79 -33.99 -7.56 -43.04
C GLU B 79 -34.45 -6.26 -43.70
N LEU B 80 -34.77 -5.25 -42.89
CA LEU B 80 -35.22 -3.97 -43.42
C LEU B 80 -34.10 -3.25 -44.15
N ALA B 81 -32.87 -3.38 -43.66
CA ALA B 81 -31.73 -2.68 -44.25
C ALA B 81 -31.16 -3.38 -45.48
N LEU B 82 -31.40 -4.68 -45.64
CA LEU B 82 -30.84 -5.41 -46.79
C LEU B 82 -31.18 -4.77 -48.13
N PRO B 83 -32.42 -4.34 -48.42
CA PRO B 83 -32.68 -3.73 -49.74
C PRO B 83 -31.80 -2.52 -50.03
N LYS B 84 -31.53 -1.67 -49.05
CA LYS B 84 -30.60 -0.57 -49.28
C LYS B 84 -29.17 -0.92 -48.91
N LEU B 85 -28.96 -2.02 -48.18
CA LEU B 85 -27.61 -2.57 -48.04
C LEU B 85 -27.08 -3.07 -49.37
N GLU B 86 -27.97 -3.42 -50.30
CA GLU B 86 -27.54 -3.79 -51.65
C GLU B 86 -26.84 -2.64 -52.37
N SER B 87 -27.04 -1.41 -51.92
CA SER B 87 -26.40 -0.23 -52.50
C SER B 87 -25.36 0.40 -51.59
N ASP B 88 -25.62 0.46 -50.28
CA ASP B 88 -24.67 1.02 -49.32
C ASP B 88 -23.84 -0.12 -48.75
N ARG B 89 -22.71 -0.38 -49.41
CA ARG B 89 -21.89 -1.54 -49.06
C ARG B 89 -21.21 -1.34 -47.71
N ALA B 90 -20.72 -0.13 -47.42
CA ALA B 90 -19.91 0.09 -46.23
C ALA B 90 -20.74 0.08 -44.94
N ARG B 91 -22.05 0.27 -45.03
CA ARG B 91 -22.86 0.37 -43.82
C ARG B 91 -23.11 -1.01 -43.22
N VAL B 92 -23.31 -1.03 -41.90
CA VAL B 92 -23.75 -2.23 -41.18
C VAL B 92 -24.98 -1.85 -40.38
N PRO B 93 -26.10 -2.57 -40.52
CA PRO B 93 -27.34 -2.12 -39.85
C PRO B 93 -27.25 -2.12 -38.34
N VAL B 94 -26.92 -3.26 -37.72
CA VAL B 94 -26.96 -3.42 -36.28
C VAL B 94 -25.63 -3.97 -35.80
N VAL B 95 -25.18 -3.48 -34.65
CA VAL B 95 -24.03 -4.03 -33.94
C VAL B 95 -24.49 -4.44 -32.55
N GLY B 96 -24.34 -5.72 -32.22
CA GLY B 96 -24.78 -6.22 -30.94
C GLY B 96 -23.70 -6.97 -30.19
N ILE B 97 -23.31 -6.45 -29.03
CA ILE B 97 -22.29 -7.07 -28.21
C ILE B 97 -22.83 -7.27 -26.80
N GLU B 98 -22.14 -8.11 -26.04
CA GLU B 98 -22.52 -8.45 -24.68
C GLU B 98 -21.48 -7.90 -23.71
N ALA B 99 -21.95 -7.27 -22.64
CA ALA B 99 -21.04 -6.73 -21.64
C ALA B 99 -20.33 -7.85 -20.89
N ILE B 100 -19.06 -7.62 -20.57
CA ILE B 100 -18.23 -8.63 -19.94
C ILE B 100 -18.18 -8.36 -18.45
N ALA B 101 -18.54 -9.36 -17.65
CA ALA B 101 -18.38 -9.24 -16.21
C ALA B 101 -16.90 -9.38 -15.88
N PRO B 102 -16.27 -8.39 -15.26
CA PRO B 102 -14.83 -8.44 -15.04
C PRO B 102 -14.47 -9.26 -13.81
N GLU B 103 -13.35 -9.96 -13.91
CA GLU B 103 -12.81 -10.68 -12.76
C GLU B 103 -12.21 -9.73 -11.74
N SER B 104 -11.79 -8.54 -12.17
CA SER B 104 -11.28 -7.53 -11.26
C SER B 104 -12.44 -6.75 -10.64
N ARG B 105 -12.11 -5.86 -9.71
CA ARG B 105 -13.13 -5.08 -9.01
C ARG B 105 -13.82 -4.06 -9.89
N TYR B 106 -13.20 -3.65 -11.00
CA TYR B 106 -13.76 -2.61 -11.86
C TYR B 106 -13.88 -3.11 -13.28
N PHE B 107 -14.85 -2.55 -14.01
CA PHE B 107 -15.07 -2.92 -15.41
C PHE B 107 -13.85 -2.58 -16.25
N ASN B 108 -13.46 -3.50 -17.13
CA ASN B 108 -12.30 -3.32 -18.00
C ASN B 108 -12.80 -2.78 -19.34
N TRP B 109 -12.54 -1.49 -19.58
CA TRP B 109 -12.97 -0.87 -20.83
C TRP B 109 -12.11 -1.29 -22.02
N LYS B 110 -10.86 -1.70 -21.77
CA LYS B 110 -10.00 -2.16 -22.87
C LYS B 110 -10.61 -3.38 -23.56
N GLU B 111 -11.04 -4.36 -22.78
CA GLU B 111 -11.66 -5.56 -23.35
C GLU B 111 -12.98 -5.21 -24.04
N TYR B 112 -13.73 -4.26 -23.47
CA TYR B 112 -14.97 -3.83 -24.09
C TYR B 112 -14.70 -3.23 -25.47
N TYR B 113 -13.67 -2.39 -25.58
CA TYR B 113 -13.34 -1.79 -26.87
C TYR B 113 -12.83 -2.85 -27.85
N THR B 114 -12.02 -3.79 -27.38
CA THR B 114 -11.54 -4.85 -28.26
C THR B 114 -12.70 -5.65 -28.83
N ARG B 115 -13.65 -6.02 -27.97
CA ARG B 115 -14.77 -6.83 -28.44
C ARG B 115 -15.73 -6.02 -29.29
N ALA B 116 -15.87 -4.72 -29.02
CA ALA B 116 -16.68 -3.88 -29.89
C ALA B 116 -16.08 -3.80 -31.29
N LEU B 117 -14.76 -3.65 -31.37
CA LEU B 117 -14.10 -3.65 -32.69
C LEU B 117 -14.21 -5.02 -33.35
N ILE B 118 -14.08 -6.09 -32.58
CA ILE B 118 -14.17 -7.43 -33.13
C ILE B 118 -15.57 -7.69 -33.70
N THR B 119 -16.60 -7.18 -33.02
CA THR B 119 -17.96 -7.36 -33.53
C THR B 119 -18.16 -6.64 -34.86
N LEU B 120 -17.53 -5.47 -35.03
CA LEU B 120 -17.57 -4.74 -36.29
C LEU B 120 -16.53 -5.33 -37.25
N GLU B 121 -16.76 -6.60 -37.60
CA GLU B 121 -15.85 -7.34 -38.47
C GLU B 121 -16.58 -7.71 -39.75
N GLU B 122 -15.99 -7.36 -40.89
CA GLU B 122 -16.49 -7.75 -42.21
C GLU B 122 -15.39 -8.54 -42.89
N PRO B 123 -15.66 -9.78 -43.33
CA PRO B 123 -14.62 -10.55 -44.02
C PRO B 123 -14.07 -9.86 -45.25
N LEU B 124 -14.87 -9.06 -45.95
CA LEU B 124 -14.40 -8.30 -47.09
C LEU B 124 -13.75 -7.02 -46.57
N ILE B 125 -12.42 -6.94 -46.71
CA ILE B 125 -11.67 -5.83 -46.13
C ILE B 125 -11.97 -4.50 -46.82
N ASP B 126 -12.38 -4.53 -48.09
CA ASP B 126 -12.49 -3.30 -48.87
C ASP B 126 -13.52 -2.34 -48.27
N HIS B 127 -14.47 -2.86 -47.49
CA HIS B 127 -15.44 -1.97 -46.83
C HIS B 127 -14.74 -1.03 -45.85
N LYS B 128 -13.82 -1.55 -45.03
CA LYS B 128 -13.08 -0.75 -44.06
C LYS B 128 -11.61 -1.20 -44.12
N PHE B 129 -10.84 -0.55 -45.00
CA PHE B 129 -9.46 -0.96 -45.21
C PHE B 129 -8.60 -0.69 -43.97
N ASP B 130 -8.75 0.49 -43.37
CA ASP B 130 -7.96 0.88 -42.21
C ASP B 130 -8.90 1.13 -41.04
N TYR B 131 -8.54 0.57 -39.88
CA TYR B 131 -9.37 0.69 -38.68
C TYR B 131 -8.79 1.63 -37.64
N GLY B 132 -7.47 1.74 -37.55
CA GLY B 132 -6.88 2.55 -36.51
C GLY B 132 -5.51 3.06 -36.90
N VAL B 133 -4.73 3.44 -35.88
CA VAL B 133 -3.41 4.01 -36.14
C VAL B 133 -2.40 2.91 -36.45
N ARG B 134 -2.27 1.93 -35.56
CA ARG B 134 -1.35 0.83 -35.76
C ARG B 134 -1.68 -0.26 -34.75
N GLY B 135 -1.17 -1.47 -35.02
CA GLY B 135 -1.45 -2.60 -34.16
C GLY B 135 -2.89 -3.02 -34.08
N ILE B 136 -3.71 -2.60 -35.04
CA ILE B 136 -5.14 -2.89 -35.02
C ILE B 136 -5.59 -3.74 -36.19
N SER B 137 -4.95 -3.64 -37.35
CA SER B 137 -5.42 -4.30 -38.56
C SER B 137 -5.40 -5.81 -38.41
N ARG B 138 -6.12 -6.48 -39.31
CA ARG B 138 -6.26 -7.92 -39.27
C ARG B 138 -4.95 -8.63 -39.63
N ASP B 139 -4.79 -9.84 -39.11
CA ASP B 139 -3.58 -10.63 -39.35
C ASP B 139 -3.79 -11.61 -40.51
N ASN B 140 -4.03 -11.03 -41.69
CA ASN B 140 -4.22 -11.80 -42.92
C ASN B 140 -5.37 -12.79 -42.76
N PHE B 141 -6.38 -12.39 -41.97
CA PHE B 141 -7.52 -13.25 -41.71
C PHE B 141 -8.72 -12.37 -41.38
N GLY B 142 -9.90 -12.99 -41.38
CA GLY B 142 -11.11 -12.26 -41.06
C GLY B 142 -11.09 -11.67 -39.65
N LYS B 143 -10.48 -12.40 -38.71
CA LYS B 143 -10.41 -11.93 -37.33
C LYS B 143 -9.58 -10.66 -37.23
N ILE B 144 -10.14 -9.65 -36.58
CA ILE B 144 -9.43 -8.37 -36.40
C ILE B 144 -8.66 -8.48 -35.09
N ASN B 145 -7.46 -9.05 -35.19
CA ASN B 145 -6.63 -9.22 -34.01
C ASN B 145 -6.05 -7.87 -33.58
N VAL B 146 -6.01 -7.67 -32.26
CA VAL B 146 -5.54 -6.43 -31.66
C VAL B 146 -4.34 -6.73 -30.78
N GLU B 147 -3.25 -6.01 -30.99
CA GLU B 147 -2.08 -6.18 -30.14
C GLU B 147 -2.37 -5.66 -28.73
N SER B 148 -1.83 -6.35 -27.73
CA SER B 148 -2.10 -5.99 -26.35
C SER B 148 -1.46 -4.65 -25.99
N LYS B 149 -0.41 -4.27 -26.71
CA LYS B 149 0.30 -3.03 -26.40
C LYS B 149 -0.47 -1.77 -26.81
N VAL B 150 -1.56 -1.91 -27.56
CA VAL B 150 -2.33 -0.75 -27.99
C VAL B 150 -3.02 -0.13 -26.77
N VAL B 151 -2.76 1.15 -26.53
CA VAL B 151 -3.28 1.79 -25.34
C VAL B 151 -4.79 2.02 -25.47
N ALA B 152 -5.45 2.09 -24.31
CA ALA B 152 -6.92 2.16 -24.30
C ALA B 152 -7.48 3.40 -24.99
N PRO B 153 -6.96 4.62 -24.76
CA PRO B 153 -7.52 5.77 -25.50
C PRO B 153 -7.38 5.67 -27.01
N ALA B 154 -6.26 5.13 -27.50
CA ALA B 154 -6.12 4.93 -28.93
C ALA B 154 -7.12 3.90 -29.44
N LEU B 155 -7.37 2.86 -28.64
CA LEU B 155 -8.37 1.87 -29.00
C LEU B 155 -9.76 2.51 -29.08
N ARG B 156 -10.08 3.38 -28.13
CA ARG B 156 -11.35 4.09 -28.16
C ARG B 156 -11.46 4.99 -29.39
N ARG B 157 -10.36 5.66 -29.74
CA ARG B 157 -10.36 6.50 -30.94
C ARG B 157 -10.60 5.66 -32.19
N ALA B 158 -9.94 4.51 -32.29
CA ALA B 158 -10.15 3.64 -33.44
C ALA B 158 -11.58 3.13 -33.50
N LEU B 159 -12.15 2.76 -32.34
CA LEU B 159 -13.53 2.29 -32.31
C LEU B 159 -14.49 3.39 -32.74
N GLU B 160 -14.27 4.62 -32.28
CA GLU B 160 -15.14 5.72 -32.66
C GLU B 160 -15.02 6.04 -34.15
N ASN B 161 -13.81 5.95 -34.69
CA ASN B 161 -13.65 6.15 -36.13
C ASN B 161 -14.36 5.06 -36.93
N ALA B 162 -14.26 3.81 -36.49
CA ALA B 162 -14.97 2.73 -37.17
C ALA B 162 -16.48 2.93 -37.08
N LEU B 163 -16.97 3.37 -35.93
CA LEU B 163 -18.40 3.60 -35.76
C LEU B 163 -18.88 4.73 -36.67
N ILE B 164 -18.08 5.80 -36.77
CA ILE B 164 -18.41 6.89 -37.66
C ILE B 164 -18.45 6.43 -39.11
N HIS B 165 -17.46 5.64 -39.54
CA HIS B 165 -17.42 5.17 -40.92
C HIS B 165 -18.59 4.25 -41.23
N ARG B 166 -18.84 3.27 -40.36
CA ARG B 166 -19.89 2.29 -40.63
C ARG B 166 -21.28 2.87 -40.40
N HIS B 167 -21.43 3.68 -39.35
CA HIS B 167 -22.71 4.31 -38.98
C HIS B 167 -23.80 3.29 -38.76
N PRO B 168 -23.72 2.46 -37.71
CA PRO B 168 -24.80 1.53 -37.43
C PRO B 168 -26.04 2.26 -36.93
N ASP B 169 -27.21 1.65 -37.20
CA ASP B 169 -28.46 2.24 -36.74
C ASP B 169 -28.56 2.26 -35.22
N VAL B 170 -28.12 1.17 -34.57
CA VAL B 170 -28.20 1.07 -33.12
C VAL B 170 -27.09 0.16 -32.63
N PHE B 171 -26.56 0.45 -31.45
CA PHE B 171 -25.53 -0.35 -30.81
C PHE B 171 -26.13 -1.03 -29.59
N PHE B 172 -26.08 -2.36 -29.58
CA PHE B 172 -26.72 -3.15 -28.54
C PHE B 172 -25.68 -3.64 -27.54
N VAL B 173 -25.95 -3.40 -26.26
CA VAL B 173 -25.08 -3.84 -25.17
C VAL B 173 -25.94 -4.69 -24.24
N ASP B 174 -25.91 -6.00 -24.45
CA ASP B 174 -26.72 -6.91 -23.63
C ASP B 174 -26.09 -7.10 -22.26
N GLU B 175 -26.94 -7.35 -21.28
CA GLU B 175 -26.52 -7.50 -19.88
C GLU B 175 -25.71 -6.29 -19.43
N ALA B 176 -26.36 -5.12 -19.48
CA ALA B 176 -25.71 -3.86 -19.16
C ALA B 176 -25.41 -3.70 -17.68
N GLN B 177 -25.96 -4.56 -16.81
CA GLN B 177 -25.71 -4.42 -15.38
C GLN B 177 -24.26 -4.66 -15.02
N HIS B 178 -23.47 -5.27 -15.92
CA HIS B 178 -22.06 -5.50 -15.65
C HIS B 178 -21.27 -4.20 -15.61
N PHE B 179 -21.82 -3.10 -16.13
CA PHE B 179 -21.14 -1.81 -16.05
C PHE B 179 -21.05 -1.28 -14.63
N GLY B 180 -21.82 -1.83 -13.70
CA GLY B 180 -21.84 -1.36 -12.33
C GLY B 180 -20.70 -1.82 -11.47
N LYS B 181 -19.81 -2.66 -11.99
CA LYS B 181 -18.67 -3.14 -11.22
C LYS B 181 -17.64 -2.02 -11.12
N VAL B 182 -17.54 -1.40 -9.95
CA VAL B 182 -16.62 -0.29 -9.74
C VAL B 182 -16.17 -0.27 -8.29
N ALA B 183 -15.16 0.55 -7.98
CA ALA B 183 -14.59 0.61 -6.64
C ALA B 183 -15.24 1.67 -5.75
N SER B 184 -15.22 2.93 -6.19
CA SER B 184 -15.75 4.03 -5.39
C SER B 184 -17.19 4.32 -5.83
N GLY B 185 -18.00 4.77 -4.87
CA GLY B 185 -19.43 4.97 -5.10
C GLY B 185 -19.78 5.95 -6.18
N TYR B 186 -19.20 7.16 -6.14
CA TYR B 186 -19.55 8.16 -7.14
C TYR B 186 -18.88 7.93 -8.48
N LYS B 187 -18.00 6.92 -8.59
CA LYS B 187 -17.38 6.61 -9.87
C LYS B 187 -18.38 6.09 -10.89
N LEU B 188 -19.60 5.76 -10.45
CA LEU B 188 -20.63 5.30 -11.38
C LEU B 188 -20.97 6.37 -12.42
N GLN B 189 -20.97 7.64 -12.00
CA GLN B 189 -21.28 8.72 -12.93
C GLN B 189 -20.24 8.79 -14.05
N ASP B 190 -18.96 8.69 -13.70
CA ASP B 190 -17.91 8.63 -14.72
C ASP B 190 -18.03 7.36 -15.55
N GLN B 191 -18.34 6.25 -14.90
CA GLN B 191 -18.45 4.97 -15.60
C GLN B 191 -19.46 5.04 -16.73
N LEU B 192 -20.60 5.66 -16.48
CA LEU B 192 -21.59 5.76 -17.55
C LEU B 192 -21.33 6.97 -18.44
N ASP B 193 -20.65 8.00 -17.94
CA ASP B 193 -20.34 9.17 -18.75
C ASP B 193 -19.36 8.83 -19.86
N CYS B 194 -18.50 7.83 -19.63
CA CYS B 194 -17.62 7.36 -20.70
C CYS B 194 -18.43 6.90 -21.90
N LEU B 195 -19.41 6.02 -21.66
CA LEU B 195 -20.29 5.58 -22.74
C LEU B 195 -21.11 6.72 -23.30
N LYS B 196 -21.51 7.68 -22.45
CA LYS B 196 -22.28 8.82 -22.94
C LYS B 196 -21.47 9.66 -23.92
N SER B 197 -20.19 9.91 -23.61
CA SER B 197 -19.32 10.63 -24.52
C SER B 197 -19.08 9.85 -25.80
N LEU B 198 -18.90 8.52 -25.68
CA LEU B 198 -18.74 7.69 -26.85
C LEU B 198 -19.96 7.82 -27.77
N ALA B 199 -21.16 7.73 -27.20
CA ALA B 199 -22.37 7.88 -28.00
C ALA B 199 -22.48 9.27 -28.59
N ASN B 200 -22.03 10.29 -27.85
CA ASN B 200 -22.13 11.67 -28.33
C ASN B 200 -21.25 11.88 -29.55
N MET B 201 -19.97 11.58 -29.44
CA MET B 201 -19.05 11.74 -30.56
C MET B 201 -19.44 10.84 -31.73
N THR B 202 -19.71 9.58 -31.44
CA THR B 202 -20.06 8.62 -32.48
C THR B 202 -21.44 8.89 -33.08
N GLY B 203 -22.29 9.64 -32.38
CA GLY B 203 -23.62 9.92 -32.89
C GLY B 203 -24.44 8.67 -33.11
N ILE B 204 -24.21 7.64 -32.31
CA ILE B 204 -24.81 6.33 -32.48
C ILE B 204 -25.66 6.04 -31.25
N LEU B 205 -26.93 5.74 -31.46
CA LEU B 205 -27.84 5.44 -30.36
C LEU B 205 -27.48 4.09 -29.74
N HIS B 206 -27.34 4.07 -28.42
CA HIS B 206 -26.99 2.86 -27.68
C HIS B 206 -28.22 2.37 -26.92
N CYS B 207 -28.51 1.09 -27.07
CA CYS B 207 -29.59 0.45 -26.32
C CYS B 207 -28.98 -0.49 -25.29
N LEU B 208 -29.27 -0.25 -24.03
CA LEU B 208 -28.68 -0.99 -22.92
C LEU B 208 -29.75 -1.92 -22.35
N LEU B 209 -29.47 -3.22 -22.39
CA LEU B 209 -30.38 -4.23 -21.89
C LEU B 209 -29.79 -4.92 -20.67
N GLY B 210 -30.63 -5.23 -19.71
CA GLY B 210 -30.17 -5.94 -18.53
C GLY B 210 -31.30 -6.10 -17.53
N THR B 211 -30.95 -6.72 -16.41
CA THR B 211 -31.92 -6.99 -15.35
C THR B 211 -32.11 -5.74 -14.50
N TYR B 212 -32.81 -5.87 -13.38
CA TYR B 212 -33.11 -4.73 -12.53
C TYR B 212 -31.89 -4.20 -11.79
N GLU B 213 -30.76 -4.90 -11.82
CA GLU B 213 -29.56 -4.38 -11.19
C GLU B 213 -29.07 -3.11 -11.86
N LEU B 214 -29.52 -2.84 -13.09
CA LEU B 214 -29.16 -1.60 -13.76
C LEU B 214 -30.11 -0.46 -13.40
N LEU B 215 -31.12 -0.69 -12.56
CA LEU B 215 -31.95 0.43 -12.11
C LEU B 215 -31.16 1.43 -11.30
N THR B 216 -29.97 1.06 -10.82
CA THR B 216 -29.07 2.03 -10.24
C THR B 216 -28.49 2.97 -11.29
N PHE B 217 -28.72 2.68 -12.57
CA PHE B 217 -28.18 3.45 -13.69
C PHE B 217 -29.16 4.50 -14.19
N ARG B 218 -30.23 4.77 -13.42
CA ARG B 218 -31.39 5.45 -13.98
C ARG B 218 -31.25 6.98 -13.94
N ASN B 219 -30.87 7.53 -12.79
CA ASN B 219 -30.99 8.97 -12.59
C ASN B 219 -29.70 9.58 -12.07
N LEU B 220 -28.57 9.23 -12.69
CA LEU B 220 -27.28 9.72 -12.20
C LEU B 220 -27.17 11.23 -12.29
N SER B 221 -27.64 11.81 -13.40
CA SER B 221 -27.50 13.24 -13.61
C SER B 221 -28.68 13.74 -14.43
N GLY B 222 -28.95 15.04 -14.33
CA GLY B 222 -30.01 15.62 -15.12
C GLY B 222 -29.74 15.51 -16.62
N GLN B 223 -28.52 15.82 -17.03
CA GLN B 223 -28.12 15.61 -18.41
C GLN B 223 -28.26 14.14 -18.80
N LEU B 224 -27.79 13.26 -17.92
CA LEU B 224 -27.85 11.83 -18.20
C LEU B 224 -29.28 11.32 -18.29
N SER B 225 -30.15 11.78 -17.37
CA SER B 225 -31.54 11.37 -17.42
C SER B 225 -32.24 11.93 -18.66
N ARG B 226 -31.85 13.13 -19.08
CA ARG B 226 -32.41 13.69 -20.32
C ARG B 226 -31.99 12.86 -21.53
N ARG B 227 -30.73 12.42 -21.56
CA ARG B 227 -30.24 11.69 -22.73
C ARG B 227 -30.76 10.27 -22.83
N SER B 228 -31.43 9.75 -21.80
CA SER B 228 -31.84 8.36 -21.75
C SER B 228 -33.35 8.23 -21.93
N VAL B 229 -33.76 7.09 -22.49
CA VAL B 229 -35.17 6.75 -22.67
C VAL B 229 -35.42 5.41 -21.99
N ASP B 230 -36.46 5.34 -21.18
CA ASP B 230 -36.76 4.16 -20.38
C ASP B 230 -37.82 3.31 -21.08
N ILE B 231 -37.54 2.01 -21.20
CA ILE B 231 -38.49 1.04 -21.74
C ILE B 231 -38.56 -0.10 -20.73
N HIS B 232 -39.66 -0.16 -19.98
CA HIS B 232 -39.82 -1.18 -18.94
C HIS B 232 -40.43 -2.43 -19.55
N PHE B 233 -39.71 -3.54 -19.49
CA PHE B 233 -40.21 -4.82 -19.95
C PHE B 233 -41.04 -5.44 -18.83
N ARG B 234 -42.33 -5.12 -18.81
CA ARG B 234 -43.20 -5.52 -17.72
C ARG B 234 -43.45 -7.02 -17.74
N ARG B 235 -43.33 -7.66 -16.58
CA ARG B 235 -43.74 -9.04 -16.41
C ARG B 235 -45.19 -9.08 -15.94
N TYR B 236 -45.84 -10.21 -16.18
CA TYR B 236 -47.25 -10.33 -15.85
C TYR B 236 -47.43 -10.45 -14.33
N CYS B 237 -48.35 -9.64 -13.80
CA CYS B 237 -48.61 -9.59 -12.37
C CYS B 237 -50.02 -10.12 -12.11
N ALA B 238 -50.20 -11.01 -11.15
CA ALA B 238 -51.52 -11.56 -10.91
C ALA B 238 -52.52 -10.56 -10.36
N ASP B 239 -52.06 -9.47 -9.79
CA ASP B 239 -52.98 -8.51 -9.17
C ASP B 239 -54.03 -7.99 -10.16
N SER B 240 -53.73 -8.05 -11.45
CA SER B 240 -54.64 -7.56 -12.47
C SER B 240 -55.21 -8.72 -13.27
N PRO B 241 -56.53 -8.83 -13.39
CA PRO B 241 -57.11 -9.93 -14.16
C PRO B 241 -56.68 -9.95 -15.62
N GLU B 242 -56.35 -8.80 -16.21
CA GLU B 242 -55.88 -8.77 -17.59
C GLU B 242 -54.59 -9.56 -17.76
N ASP B 243 -53.64 -9.36 -16.83
CA ASP B 243 -52.38 -10.10 -16.90
C ASP B 243 -52.60 -11.58 -16.66
N VAL B 244 -53.52 -11.93 -15.77
CA VAL B 244 -53.84 -13.35 -15.55
C VAL B 244 -54.40 -13.97 -16.81
N GLN B 245 -55.31 -13.25 -17.49
CA GLN B 245 -55.86 -13.75 -18.74
C GLN B 245 -54.79 -13.91 -19.81
N ALA B 246 -53.88 -12.94 -19.92
CA ALA B 246 -52.80 -13.04 -20.89
C ALA B 246 -51.89 -14.22 -20.58
N PHE B 247 -51.57 -14.43 -19.30
CA PHE B 247 -50.75 -15.58 -18.90
C PHE B 247 -51.45 -16.89 -19.24
N LYS B 248 -52.76 -16.97 -18.98
CA LYS B 248 -53.51 -18.16 -19.32
C LYS B 248 -53.52 -18.40 -20.82
N SER B 249 -53.66 -17.34 -21.62
CA SER B 249 -53.62 -17.48 -23.06
C SER B 249 -52.27 -17.98 -23.54
N VAL B 250 -51.18 -17.45 -22.97
CA VAL B 250 -49.85 -17.90 -23.35
C VAL B 250 -49.66 -19.38 -22.98
N LEU B 251 -50.15 -19.76 -21.79
CA LEU B 251 -50.07 -21.16 -21.40
C LEU B 251 -50.85 -22.05 -22.35
N LEU B 252 -52.02 -21.60 -22.79
CA LEU B 252 -52.81 -22.36 -23.75
C LEU B 252 -52.07 -22.51 -25.07
N THR B 253 -51.42 -21.43 -25.53
CA THR B 253 -50.67 -21.50 -26.77
C THR B 253 -49.51 -22.49 -26.65
N PHE B 254 -48.79 -22.44 -25.54
CA PHE B 254 -47.69 -23.37 -25.32
C PHE B 254 -48.21 -24.81 -25.26
N GLN B 255 -49.36 -25.01 -24.62
CA GLN B 255 -49.99 -26.32 -24.59
C GLN B 255 -50.32 -26.81 -25.99
N GLN B 256 -50.84 -25.92 -26.84
CA GLN B 256 -51.21 -26.31 -28.19
C GLN B 256 -49.98 -26.61 -29.05
N HIS B 257 -48.87 -25.90 -28.80
CA HIS B 257 -47.74 -25.95 -29.70
C HIS B 257 -46.67 -26.97 -29.32
N LEU B 258 -46.75 -27.59 -28.15
CA LEU B 258 -45.74 -28.57 -27.78
C LEU B 258 -45.99 -29.88 -28.52
N PRO B 259 -44.98 -30.44 -29.19
CA PRO B 259 -45.19 -31.69 -29.93
C PRO B 259 -45.34 -32.87 -28.98
N LEU B 260 -46.54 -33.46 -28.98
CA LEU B 260 -46.83 -34.60 -28.14
C LEU B 260 -48.02 -35.35 -28.73
N ALA B 261 -48.17 -36.61 -28.33
CA ALA B 261 -49.28 -37.42 -28.84
C ALA B 261 -50.62 -36.83 -28.44
N GLU B 262 -50.74 -36.39 -27.20
CA GLU B 262 -51.94 -35.70 -26.72
C GLU B 262 -51.52 -34.45 -25.98
N THR B 263 -52.39 -33.44 -26.02
CA THR B 263 -52.07 -32.15 -25.43
C THR B 263 -52.45 -32.16 -23.95
N PRO B 264 -51.50 -32.04 -23.04
CA PRO B 264 -51.86 -31.94 -21.62
C PRO B 264 -52.53 -30.62 -21.31
N ASN B 265 -53.41 -30.65 -20.30
CA ASN B 265 -54.17 -29.47 -19.90
C ASN B 265 -53.33 -28.64 -18.95
N LEU B 266 -52.54 -27.73 -19.52
CA LEU B 266 -51.67 -26.88 -18.70
C LEU B 266 -52.44 -25.69 -18.13
N VAL B 267 -53.65 -25.42 -18.63
CA VAL B 267 -54.38 -24.23 -18.21
C VAL B 267 -54.81 -24.35 -16.75
N ASP B 268 -55.29 -25.53 -16.34
CA ASP B 268 -55.79 -25.70 -14.97
C ASP B 268 -54.68 -25.49 -13.95
N HIS B 269 -53.42 -25.75 -14.32
CA HIS B 269 -52.29 -25.58 -13.42
C HIS B 269 -51.63 -24.21 -13.58
N TRP B 270 -52.38 -23.21 -14.02
CA TRP B 270 -51.81 -21.88 -14.17
C TRP B 270 -51.36 -21.30 -12.84
N GLU B 271 -51.99 -21.74 -11.75
CA GLU B 271 -51.62 -21.26 -10.43
C GLU B 271 -50.20 -21.66 -10.12
N TYR B 272 -49.89 -22.95 -10.28
CA TYR B 272 -48.55 -23.45 -10.02
C TYR B 272 -47.52 -22.82 -10.95
N PHE B 273 -47.87 -22.70 -12.24
CA PHE B 273 -46.96 -22.12 -13.21
C PHE B 273 -46.60 -20.70 -12.85
N TYR B 274 -47.55 -19.92 -12.42
CA TYR B 274 -47.19 -18.57 -12.13
C TYR B 274 -46.34 -18.60 -10.95
N GLU B 275 -46.71 -19.36 -9.95
CA GLU B 275 -45.95 -19.31 -8.72
C GLU B 275 -44.54 -19.54 -9.01
N ARG B 276 -44.25 -20.58 -9.74
CA ARG B 276 -42.84 -20.92 -9.95
C ARG B 276 -42.27 -20.30 -11.23
N THR B 277 -42.92 -19.27 -11.76
CA THR B 277 -42.34 -18.48 -12.85
C THR B 277 -42.45 -16.99 -12.65
N LEU B 278 -43.25 -16.54 -11.68
CA LEU B 278 -43.43 -15.11 -11.39
C LEU B 278 -43.88 -14.32 -12.61
N GLY B 279 -44.60 -14.98 -13.52
CA GLY B 279 -45.12 -14.31 -14.69
C GLY B 279 -44.10 -14.00 -15.76
N CYS B 280 -42.86 -14.46 -15.59
CA CYS B 280 -41.82 -14.26 -16.58
C CYS B 280 -41.98 -15.32 -17.67
N ILE B 281 -42.26 -14.86 -18.89
CA ILE B 281 -42.62 -15.79 -19.96
C ILE B 281 -41.42 -16.65 -20.35
N GLY B 282 -40.22 -16.06 -20.34
CA GLY B 282 -39.04 -16.83 -20.69
C GLY B 282 -38.79 -18.00 -19.76
N THR B 283 -38.97 -17.77 -18.46
CA THR B 283 -38.83 -18.86 -17.50
C THR B 283 -39.86 -19.96 -17.71
N LEU B 284 -41.11 -19.59 -18.01
CA LEU B 284 -42.13 -20.58 -18.32
C LEU B 284 -41.77 -21.39 -19.55
N LYS B 285 -41.26 -20.71 -20.59
CA LYS B 285 -40.85 -21.41 -21.81
C LYS B 285 -39.71 -22.38 -21.52
N ASP B 286 -38.72 -21.95 -20.73
CA ASP B 286 -37.61 -22.83 -20.39
C ASP B 286 -38.09 -24.03 -19.58
N TRP B 287 -38.98 -23.80 -18.63
CA TRP B 287 -39.51 -24.89 -17.81
C TRP B 287 -40.28 -25.89 -18.67
N LEU B 288 -41.13 -25.40 -19.58
CA LEU B 288 -41.88 -26.30 -20.44
C LEU B 288 -40.96 -27.05 -21.39
N LYS B 289 -39.89 -26.39 -21.84
CA LYS B 289 -38.91 -27.06 -22.68
C LYS B 289 -38.22 -28.19 -21.93
N ARG B 290 -37.86 -27.95 -20.67
CA ARG B 290 -37.25 -29.00 -19.85
C ARG B 290 -38.21 -30.17 -19.68
N VAL B 291 -39.47 -29.88 -19.35
CA VAL B 291 -40.44 -30.95 -19.12
C VAL B 291 -40.69 -31.73 -20.40
N LEU B 292 -40.75 -31.04 -21.54
CA LEU B 292 -40.97 -31.71 -22.81
C LEU B 292 -39.79 -32.60 -23.17
N SER B 293 -38.56 -32.13 -22.89
CA SER B 293 -37.39 -32.96 -23.14
C SER B 293 -37.42 -34.21 -22.26
N ASP B 294 -37.82 -34.05 -20.99
CA ASP B 294 -37.97 -35.20 -20.11
C ASP B 294 -38.99 -36.19 -20.68
N ALA B 295 -40.14 -35.70 -21.13
CA ALA B 295 -41.16 -36.57 -21.68
C ALA B 295 -40.68 -37.29 -22.93
N LEU B 296 -39.99 -36.57 -23.81
CA LEU B 296 -39.48 -37.19 -25.04
C LEU B 296 -38.44 -38.25 -24.73
N ASP B 297 -37.60 -38.01 -23.71
CA ASP B 297 -36.67 -39.03 -23.29
C ASP B 297 -37.40 -40.25 -22.76
N ARG B 298 -38.46 -40.03 -21.98
CA ARG B 298 -39.31 -41.13 -21.53
C ARG B 298 -40.25 -41.65 -22.60
N GLU B 299 -40.38 -40.94 -23.72
CA GLU B 299 -41.35 -41.27 -24.76
C GLU B 299 -42.76 -41.35 -24.18
N ALA B 300 -43.07 -40.45 -23.25
CA ALA B 300 -44.37 -40.43 -22.61
C ALA B 300 -45.43 -39.89 -23.55
N THR B 301 -46.68 -40.30 -23.30
CA THR B 301 -47.79 -39.86 -24.14
C THR B 301 -48.30 -38.48 -23.76
N THR B 302 -48.06 -38.05 -22.52
CA THR B 302 -48.60 -36.79 -22.03
C THR B 302 -47.73 -36.25 -20.90
N ILE B 303 -47.97 -34.99 -20.55
CA ILE B 303 -47.27 -34.32 -19.46
C ILE B 303 -48.09 -34.44 -18.19
N THR B 304 -47.44 -34.87 -17.11
CA THR B 304 -48.09 -34.96 -15.81
C THR B 304 -47.56 -33.86 -14.89
N LEU B 305 -48.35 -33.57 -13.84
CA LEU B 305 -47.91 -32.59 -12.86
C LEU B 305 -46.64 -33.03 -12.15
N LYS B 306 -46.44 -34.33 -12.00
CA LYS B 306 -45.20 -34.84 -11.43
C LYS B 306 -44.00 -34.44 -12.28
N ASP B 307 -44.15 -34.51 -13.60
CA ASP B 307 -43.06 -34.08 -14.48
C ASP B 307 -42.75 -32.61 -14.30
N LEU B 308 -43.78 -31.78 -14.18
CA LEU B 308 -43.56 -30.34 -13.95
C LEU B 308 -42.86 -30.11 -12.62
N GLN B 309 -43.27 -30.83 -11.57
CA GLN B 309 -42.64 -30.65 -10.27
C GLN B 309 -41.19 -31.12 -10.27
N LYS B 310 -40.88 -32.16 -11.07
CA LYS B 310 -39.54 -32.72 -11.06
C LYS B 310 -38.50 -31.73 -11.56
N ARG B 311 -38.84 -30.93 -12.57
CA ARG B 311 -37.89 -29.99 -13.17
C ARG B 311 -38.33 -28.55 -12.96
N ALA B 312 -38.94 -28.26 -11.81
CA ALA B 312 -39.37 -26.91 -11.49
C ALA B 312 -38.23 -26.14 -10.81
N LEU B 313 -38.47 -24.86 -10.56
CA LEU B 313 -37.51 -24.04 -9.84
C LEU B 313 -37.75 -24.15 -8.34
N SER B 314 -36.66 -24.06 -7.58
CA SER B 314 -36.76 -24.15 -6.13
C SER B 314 -37.50 -22.94 -5.57
N VAL B 315 -38.15 -23.16 -4.43
CA VAL B 315 -38.92 -22.08 -3.81
C VAL B 315 -38.02 -20.94 -3.35
N ALA B 316 -36.82 -21.26 -2.89
CA ALA B 316 -35.88 -20.22 -2.47
C ALA B 316 -35.46 -19.35 -3.65
N GLN B 317 -35.17 -19.98 -4.79
CA GLN B 317 -34.82 -19.20 -5.97
C GLN B 317 -35.96 -18.29 -6.38
N CYS B 318 -37.19 -18.81 -6.42
CA CYS B 318 -38.33 -18.00 -6.81
C CYS B 318 -38.55 -16.85 -5.85
N GLN B 319 -38.35 -17.10 -4.55
CA GLN B 319 -38.47 -16.03 -3.57
C GLN B 319 -37.43 -14.94 -3.81
N LYS B 320 -36.20 -15.35 -4.14
CA LYS B 320 -35.15 -14.36 -4.41
C LYS B 320 -35.49 -13.51 -5.63
N MET B 321 -35.91 -14.15 -6.73
CA MET B 321 -36.30 -13.39 -7.91
C MET B 321 -37.49 -12.48 -7.62
N PHE B 322 -38.43 -12.96 -6.82
CA PHE B 322 -39.59 -12.15 -6.50
C PHE B 322 -39.19 -10.93 -5.70
N LYS B 323 -38.28 -11.10 -4.74
CA LYS B 323 -37.80 -9.97 -3.97
C LYS B 323 -37.12 -8.94 -4.86
N GLU B 324 -36.28 -9.41 -5.78
CA GLU B 324 -35.62 -8.49 -6.70
C GLU B 324 -36.63 -7.78 -7.60
N ILE B 325 -37.64 -8.51 -8.08
CA ILE B 325 -38.67 -7.92 -8.93
C ILE B 325 -39.48 -6.88 -8.16
N GLN B 326 -39.80 -7.19 -6.90
CA GLN B 326 -40.54 -6.23 -6.08
C GLN B 326 -39.74 -4.96 -5.87
N GLU B 327 -38.44 -5.09 -5.58
CA GLU B 327 -37.61 -3.90 -5.43
C GLU B 327 -37.56 -3.10 -6.73
N GLY B 328 -37.41 -3.78 -7.86
CA GLY B 328 -37.35 -3.08 -9.14
C GLY B 328 -38.65 -2.36 -9.46
N GLU B 329 -39.79 -3.02 -9.23
CA GLU B 329 -41.07 -2.41 -9.53
C GLU B 329 -41.35 -1.24 -8.59
N ARG B 330 -40.96 -1.36 -7.33
CA ARG B 330 -41.10 -0.23 -6.41
C ARG B 330 -40.25 0.95 -6.87
N GLN B 331 -39.02 0.69 -7.31
CA GLN B 331 -38.17 1.76 -7.82
C GLN B 331 -38.73 2.34 -9.12
N LEU B 332 -39.50 1.55 -9.86
CA LEU B 332 -39.99 1.94 -11.18
C LEU B 332 -41.44 2.41 -11.17
N SER B 333 -42.05 2.55 -9.98
CA SER B 333 -43.45 2.92 -9.90
C SER B 333 -43.63 4.43 -10.00
N GLU B 334 -44.70 4.83 -10.68
CA GLU B 334 -45.07 6.23 -10.80
C GLU B 334 -46.56 6.39 -10.52
N THR B 335 -46.91 7.45 -9.79
CA THR B 335 -48.29 7.75 -9.46
C THR B 335 -48.59 9.19 -9.83
N GLU B 336 -49.89 9.49 -9.98
CA GLU B 336 -50.30 10.86 -10.27
C GLU B 336 -49.95 11.81 -9.13
N ALA B 337 -49.76 11.28 -7.91
CA ALA B 337 -49.31 12.14 -6.81
C ALA B 337 -47.93 12.71 -7.08
N ASP B 338 -47.03 11.89 -7.64
CA ASP B 338 -45.71 12.38 -8.00
C ASP B 338 -45.79 13.46 -9.09
N VAL B 339 -46.67 13.26 -10.06
CA VAL B 339 -46.85 14.25 -11.12
C VAL B 339 -47.37 15.55 -10.54
N GLN B 340 -48.34 15.47 -9.62
CA GLN B 340 -48.87 16.68 -8.99
C GLN B 340 -47.80 17.37 -8.16
N ASN B 341 -46.96 16.59 -7.47
CA ASN B 341 -45.87 17.18 -6.70
C ASN B 341 -44.90 17.91 -7.63
N LEU B 342 -44.57 17.31 -8.77
CA LEU B 342 -43.68 17.95 -9.73
C LEU B 342 -44.28 19.24 -10.26
N ARG B 343 -45.57 19.22 -10.59
CA ARG B 343 -46.23 20.42 -11.09
C ARG B 343 -46.28 21.51 -10.02
N SER B 344 -46.53 21.12 -8.76
CA SER B 344 -46.53 22.09 -7.67
C SER B 344 -45.15 22.72 -7.50
N ALA B 345 -44.10 21.90 -7.60
CA ALA B 345 -42.74 22.43 -7.54
C ALA B 345 -42.48 23.40 -8.68
N LEU B 346 -42.95 23.06 -9.89
CA LEU B 346 -42.81 23.97 -11.02
C LEU B 346 -43.67 25.22 -10.85
N GLY B 347 -44.90 25.04 -10.37
CA GLY B 347 -45.80 26.18 -10.22
C GLY B 347 -47.22 25.72 -9.93
N LEU B 348 -48.16 26.34 -10.65
CA LEU B 348 -49.55 25.93 -10.51
C LEU B 348 -49.76 24.53 -11.07
N GLY B 349 -50.46 23.70 -10.32
CA GLY B 349 -50.69 22.32 -10.72
C GLY B 349 -52.16 21.98 -10.92
N ALA B 350 -52.45 21.22 -11.96
CA ALA B 350 -53.82 20.81 -12.24
C ALA B 350 -53.88 19.31 -12.58
N THR C 8 -24.71 -62.91 -3.97
CA THR C 8 -23.43 -62.78 -4.67
C THR C 8 -22.47 -61.89 -3.92
N GLY C 9 -21.21 -61.91 -4.33
CA GLY C 9 -20.18 -61.10 -3.70
C GLY C 9 -18.95 -61.02 -4.56
N PHE C 10 -17.80 -60.89 -3.90
CA PHE C 10 -16.54 -60.82 -4.62
C PHE C 10 -16.20 -62.16 -5.27
N PRO C 11 -15.46 -62.14 -6.37
CA PRO C 11 -15.05 -63.41 -6.99
C PRO C 11 -14.22 -64.25 -6.03
N LEU C 12 -14.49 -65.57 -6.05
CA LEU C 12 -13.83 -66.46 -5.09
C LEU C 12 -12.38 -66.72 -5.44
N GLU C 13 -12.02 -66.57 -6.72
CA GLU C 13 -10.64 -66.83 -7.14
C GLU C 13 -9.67 -65.77 -6.64
N LEU C 14 -10.17 -64.62 -6.16
CA LEU C 14 -9.29 -63.58 -5.66
C LEU C 14 -8.58 -63.98 -4.38
N LEU C 15 -9.09 -64.98 -3.66
CA LEU C 15 -8.44 -65.39 -2.42
C LEU C 15 -7.04 -65.93 -2.67
N THR C 16 -6.84 -66.64 -3.78
CA THR C 16 -5.51 -67.11 -4.14
C THR C 16 -4.63 -66.01 -4.72
N ARG C 17 -5.22 -64.90 -5.13
CA ARG C 17 -4.45 -63.79 -5.67
C ARG C 17 -3.72 -63.06 -4.55
N PRO C 18 -2.65 -62.33 -4.87
CA PRO C 18 -1.93 -61.58 -3.84
C PRO C 18 -2.76 -60.46 -3.22
N ALA C 19 -2.21 -59.83 -2.18
CA ALA C 19 -2.96 -58.81 -1.45
C ALA C 19 -3.23 -57.58 -2.32
N THR C 20 -2.28 -57.23 -3.18
CA THR C 20 -2.43 -56.02 -3.99
C THR C 20 -3.60 -56.13 -4.94
N GLU C 21 -3.80 -57.30 -5.56
CA GLU C 21 -4.91 -57.47 -6.49
C GLU C 21 -6.25 -57.35 -5.78
N ARG C 22 -6.38 -57.97 -4.61
CA ARG C 22 -7.61 -57.86 -3.84
C ARG C 22 -7.86 -56.43 -3.41
N LEU C 23 -6.82 -55.73 -2.97
CA LEU C 23 -6.96 -54.34 -2.56
C LEU C 23 -7.41 -53.47 -3.73
N ALA C 24 -6.83 -53.69 -4.91
CA ALA C 24 -7.24 -52.93 -6.09
C ALA C 24 -8.67 -53.24 -6.48
N TYR C 25 -9.07 -54.52 -6.38
CA TYR C 25 -10.44 -54.89 -6.71
C TYR C 25 -11.43 -54.18 -5.79
N PHE C 26 -11.12 -54.14 -4.50
CA PHE C 26 -12.00 -53.43 -3.58
C PHE C 26 -11.97 -51.93 -3.82
N GLU C 27 -10.82 -51.38 -4.21
CA GLU C 27 -10.73 -49.96 -4.49
C GLU C 27 -11.59 -49.56 -5.68
N ASN C 28 -11.58 -50.37 -6.74
CA ASN C 28 -12.36 -50.07 -7.93
C ASN C 28 -13.84 -50.35 -7.76
N TYR C 29 -14.25 -51.03 -6.70
CA TYR C 29 -15.66 -51.37 -6.51
C TYR C 29 -16.46 -50.13 -6.12
N THR C 30 -17.67 -50.04 -6.67
CA THR C 30 -18.59 -48.94 -6.36
C THR C 30 -19.98 -49.50 -6.11
N VAL C 31 -20.76 -48.78 -5.33
CA VAL C 31 -22.13 -49.16 -4.98
C VAL C 31 -23.08 -48.08 -5.48
N ALA C 32 -24.16 -48.50 -6.14
CA ALA C 32 -25.16 -47.59 -6.67
C ALA C 32 -26.29 -47.47 -5.65
N HIS C 33 -26.01 -46.78 -4.56
CA HIS C 33 -27.00 -46.60 -3.52
C HIS C 33 -28.08 -45.61 -3.98
N PRO C 34 -29.29 -45.69 -3.43
CA PRO C 34 -30.42 -44.94 -4.01
C PRO C 34 -30.20 -43.44 -4.09
N ARG C 35 -29.56 -42.83 -3.10
CA ARG C 35 -29.35 -41.39 -3.14
C ARG C 35 -28.46 -41.00 -4.32
N LEU C 36 -27.37 -41.75 -4.53
CA LEU C 36 -26.50 -41.47 -5.67
C LEU C 36 -27.23 -41.73 -6.98
N LYS C 37 -28.04 -42.77 -7.03
CA LYS C 37 -28.80 -43.05 -8.25
C LYS C 37 -29.72 -41.88 -8.59
N GLU C 38 -30.46 -41.37 -7.59
CA GLU C 38 -31.36 -40.25 -7.84
C GLU C 38 -30.59 -39.00 -8.26
N VAL C 39 -29.50 -38.71 -7.57
CA VAL C 39 -28.72 -37.52 -7.90
C VAL C 39 -28.13 -37.63 -9.30
N TYR C 40 -27.61 -38.80 -9.65
CA TYR C 40 -27.05 -39.01 -10.98
C TYR C 40 -28.11 -38.89 -12.06
N GLU C 41 -29.30 -39.44 -11.81
CA GLU C 41 -30.39 -39.31 -12.79
C GLU C 41 -30.78 -37.85 -12.99
N ILE C 42 -30.92 -37.11 -11.90
CA ILE C 42 -31.26 -35.68 -12.01
C ILE C 42 -30.16 -34.92 -12.75
N LEU C 43 -28.90 -35.22 -12.41
CA LEU C 43 -27.78 -34.53 -13.04
C LEU C 43 -27.73 -34.79 -14.53
N MET C 44 -27.91 -36.06 -14.94
CA MET C 44 -27.87 -36.38 -16.36
C MET C 44 -29.07 -35.78 -17.09
N ARG C 45 -30.24 -35.78 -16.47
CA ARG C 45 -31.41 -35.18 -17.10
C ARG C 45 -31.22 -33.69 -17.31
N THR C 46 -30.60 -33.02 -16.33
CA THR C 46 -30.32 -31.59 -16.49
C THR C 46 -29.24 -31.37 -17.55
N ILE C 47 -28.22 -32.21 -17.58
CA ILE C 47 -27.12 -32.04 -18.53
C ILE C 47 -27.61 -32.22 -19.96
N ALA C 48 -28.47 -33.21 -20.20
CA ALA C 48 -28.95 -33.47 -21.55
C ALA C 48 -29.69 -32.27 -22.11
N GLU C 49 -30.53 -31.63 -21.31
CA GLU C 49 -31.29 -30.46 -21.73
C GLU C 49 -31.15 -29.36 -20.67
N PRO C 50 -30.07 -28.57 -20.73
CA PRO C 50 -29.96 -27.43 -19.80
C PRO C 50 -31.10 -26.44 -19.94
N ALA C 51 -31.52 -26.15 -21.17
CA ALA C 51 -32.63 -25.23 -21.47
C ALA C 51 -32.43 -23.88 -20.79
N GLY C 52 -31.34 -23.23 -21.17
CA GLY C 52 -31.05 -21.88 -20.73
C GLY C 52 -30.39 -21.77 -19.37
N ALA C 53 -30.32 -22.86 -18.61
CA ALA C 53 -29.67 -22.81 -17.30
C ALA C 53 -28.16 -22.66 -17.48
N SER C 54 -27.62 -21.53 -17.05
CA SER C 54 -26.19 -21.30 -17.22
C SER C 54 -25.37 -22.10 -16.20
N PHE C 55 -25.93 -22.33 -15.02
CA PHE C 55 -25.24 -23.04 -13.95
C PHE C 55 -26.09 -24.20 -13.45
N ILE C 56 -25.41 -25.21 -12.94
CA ILE C 56 -26.02 -26.22 -12.07
C ILE C 56 -25.12 -26.37 -10.85
N PHE C 57 -25.74 -26.45 -9.68
CA PHE C 57 -25.00 -26.49 -8.42
C PHE C 57 -25.26 -27.84 -7.75
N VAL C 58 -24.18 -28.53 -7.38
CA VAL C 58 -24.25 -29.81 -6.70
C VAL C 58 -23.68 -29.64 -5.30
N TYR C 59 -24.55 -29.53 -4.30
CA TYR C 59 -24.14 -29.36 -2.92
C TYR C 59 -24.16 -30.73 -2.25
N GLY C 60 -22.98 -31.21 -1.87
CA GLY C 60 -22.88 -32.46 -1.15
C GLY C 60 -21.93 -32.32 0.02
N ALA C 61 -22.21 -33.06 1.09
CA ALA C 61 -21.36 -33.03 2.28
C ALA C 61 -19.98 -33.60 2.04
N SER C 62 -19.09 -33.45 3.01
CA SER C 62 -17.78 -34.07 2.87
C SER C 62 -17.97 -35.58 2.95
N GLY C 63 -17.34 -36.32 2.04
CA GLY C 63 -17.49 -37.76 2.01
C GLY C 63 -18.72 -38.22 1.27
N VAL C 64 -19.49 -37.28 0.73
CA VAL C 64 -20.71 -37.62 -0.02
C VAL C 64 -20.48 -38.42 -1.31
N GLY C 65 -19.39 -38.15 -2.03
CA GLY C 65 -19.19 -38.82 -3.31
C GLY C 65 -19.33 -37.98 -4.57
N LYS C 66 -19.25 -36.66 -4.44
CA LYS C 66 -19.41 -35.78 -5.60
C LYS C 66 -18.36 -36.01 -6.70
N THR C 67 -17.10 -36.19 -6.32
CA THR C 67 -16.04 -36.39 -7.31
C THR C 67 -16.20 -37.67 -8.14
N THR C 68 -16.60 -38.77 -7.48
CA THR C 68 -16.82 -40.01 -8.22
C THR C 68 -17.98 -39.81 -9.17
N LEU C 69 -19.03 -39.14 -8.70
CA LEU C 69 -20.16 -38.82 -9.56
C LEU C 69 -19.71 -38.08 -10.81
N ARG C 70 -18.80 -37.11 -10.65
CA ARG C 70 -18.28 -36.38 -11.81
C ARG C 70 -17.55 -37.32 -12.76
N LEU C 71 -16.71 -38.20 -12.23
CA LEU C 71 -15.98 -39.14 -13.07
C LEU C 71 -16.93 -40.06 -13.82
N ARG C 72 -17.96 -40.56 -13.14
CA ARG C 72 -18.89 -41.48 -13.79
C ARG C 72 -19.71 -40.79 -14.86
N VAL C 73 -20.18 -39.56 -14.61
CA VAL C 73 -20.96 -38.87 -15.62
C VAL C 73 -20.07 -38.49 -16.80
N GLU C 74 -18.81 -38.12 -16.53
CA GLU C 74 -17.88 -37.84 -17.61
C GLU C 74 -17.67 -39.08 -18.47
N GLN C 75 -17.44 -40.23 -17.84
CA GLN C 75 -17.24 -41.47 -18.59
C GLN C 75 -18.46 -41.84 -19.40
N LYS C 76 -19.65 -41.73 -18.81
CA LYS C 76 -20.87 -42.10 -19.52
C LYS C 76 -21.12 -41.17 -20.71
N LEU C 77 -20.90 -39.87 -20.51
CA LEU C 77 -21.10 -38.91 -21.60
C LEU C 77 -20.08 -39.11 -22.71
N THR C 78 -18.82 -39.41 -22.34
CA THR C 78 -17.82 -39.70 -23.36
C THR C 78 -18.19 -40.95 -24.14
N GLU C 79 -18.67 -41.99 -23.46
CA GLU C 79 -19.11 -43.19 -24.16
C GLU C 79 -20.29 -42.89 -25.08
N LEU C 80 -21.22 -42.05 -24.63
CA LEU C 80 -22.36 -41.69 -25.46
C LEU C 80 -21.91 -40.94 -26.72
N ALA C 81 -20.97 -40.01 -26.57
CA ALA C 81 -20.53 -39.21 -27.71
C ALA C 81 -19.48 -39.90 -28.57
N LEU C 82 -18.93 -41.03 -28.12
CA LEU C 82 -17.92 -41.73 -28.91
C LEU C 82 -18.39 -42.12 -30.30
N PRO C 83 -19.57 -42.74 -30.49
CA PRO C 83 -19.99 -43.08 -31.86
C PRO C 83 -20.15 -41.86 -32.76
N LYS C 84 -20.53 -40.71 -32.20
CA LYS C 84 -20.76 -39.52 -33.01
C LYS C 84 -19.46 -38.88 -33.49
N LEU C 85 -18.35 -39.10 -32.78
CA LEU C 85 -17.09 -38.44 -33.12
C LEU C 85 -16.57 -38.81 -34.50
N GLU C 86 -17.07 -39.88 -35.12
CA GLU C 86 -16.66 -40.23 -36.46
C GLU C 86 -17.04 -39.14 -37.45
N SER C 87 -18.25 -38.57 -37.29
CA SER C 87 -18.69 -37.52 -38.20
C SER C 87 -17.87 -36.24 -38.03
N ASP C 88 -17.69 -35.78 -36.79
CA ASP C 88 -16.92 -34.57 -36.52
C ASP C 88 -15.85 -34.89 -35.48
N ARG C 89 -14.61 -34.59 -35.82
CA ARG C 89 -13.47 -34.89 -34.95
C ARG C 89 -13.06 -33.72 -34.07
N ALA C 90 -13.66 -32.54 -34.26
CA ALA C 90 -13.29 -31.36 -33.49
C ALA C 90 -14.11 -31.18 -32.22
N ARG C 91 -15.05 -32.08 -31.94
CA ARG C 91 -15.91 -31.96 -30.77
C ARG C 91 -15.37 -32.79 -29.62
N VAL C 92 -15.27 -32.16 -28.45
CA VAL C 92 -14.92 -32.83 -27.20
C VAL C 92 -16.18 -32.96 -26.38
N PRO C 93 -16.52 -34.15 -25.89
CA PRO C 93 -17.81 -34.32 -25.19
C PRO C 93 -17.87 -33.58 -23.86
N VAL C 94 -16.89 -33.80 -22.98
CA VAL C 94 -16.91 -33.24 -21.63
C VAL C 94 -15.51 -32.80 -21.26
N VAL C 95 -15.41 -31.64 -20.62
CA VAL C 95 -14.16 -31.16 -20.04
C VAL C 95 -14.41 -30.86 -18.56
N GLY C 96 -13.55 -31.39 -17.70
CA GLY C 96 -13.66 -31.14 -16.28
C GLY C 96 -12.33 -30.79 -15.62
N ILE C 97 -12.32 -29.70 -14.86
CA ILE C 97 -11.11 -29.22 -14.20
C ILE C 97 -11.43 -28.94 -12.75
N GLU C 98 -10.42 -29.06 -11.88
CA GLU C 98 -10.60 -28.75 -10.47
C GLU C 98 -10.23 -27.30 -10.21
N ALA C 99 -10.99 -26.64 -9.33
CA ALA C 99 -10.71 -25.25 -9.00
C ALA C 99 -9.47 -25.13 -8.13
N ILE C 100 -8.62 -24.17 -8.46
CA ILE C 100 -7.38 -24.00 -7.71
C ILE C 100 -7.56 -23.11 -6.49
N ALA C 101 -7.20 -23.62 -5.32
CA ALA C 101 -7.24 -22.77 -4.14
C ALA C 101 -6.14 -21.71 -4.23
N PRO C 102 -6.53 -20.42 -4.04
CA PRO C 102 -5.46 -19.44 -4.26
C PRO C 102 -4.44 -19.34 -3.15
N GLU C 103 -3.19 -19.20 -3.54
CA GLU C 103 -2.11 -19.02 -2.58
C GLU C 103 -2.25 -17.67 -1.86
N SER C 104 -2.67 -16.65 -2.59
CA SER C 104 -2.92 -15.34 -2.00
C SER C 104 -4.38 -15.27 -1.57
N ARG C 105 -4.82 -14.12 -1.15
CA ARG C 105 -6.20 -13.98 -0.77
C ARG C 105 -7.26 -13.97 -1.86
N TYR C 106 -6.89 -13.96 -3.13
CA TYR C 106 -7.91 -13.83 -4.17
C TYR C 106 -7.85 -14.98 -5.16
N PHE C 107 -9.01 -15.53 -5.48
CA PHE C 107 -9.06 -16.65 -6.40
C PHE C 107 -8.45 -16.11 -7.67
N ASN C 108 -7.52 -16.86 -8.26
CA ASN C 108 -6.84 -16.35 -9.43
C ASN C 108 -7.59 -16.78 -10.66
N TRP C 109 -8.02 -15.81 -11.44
CA TRP C 109 -8.72 -16.12 -12.67
C TRP C 109 -7.75 -16.32 -13.80
N LYS C 110 -6.56 -15.73 -13.72
CA LYS C 110 -5.59 -16.00 -14.79
C LYS C 110 -5.17 -17.46 -14.80
N GLU C 111 -4.85 -18.00 -13.62
CA GLU C 111 -4.46 -19.41 -13.54
C GLU C 111 -5.65 -20.32 -13.84
N TYR C 112 -6.85 -19.90 -13.46
CA TYR C 112 -8.05 -20.67 -13.76
C TYR C 112 -8.20 -20.79 -15.27
N TYR C 113 -8.12 -19.66 -15.96
CA TYR C 113 -8.24 -19.66 -17.43
C TYR C 113 -7.14 -20.47 -18.06
N THR C 114 -5.91 -20.36 -17.56
CA THR C 114 -4.80 -21.12 -18.10
C THR C 114 -5.04 -22.62 -17.97
N ARG C 115 -5.48 -23.06 -16.79
CA ARG C 115 -5.71 -24.49 -16.58
C ARG C 115 -6.89 -24.98 -17.41
N ALA C 116 -7.94 -24.17 -17.55
CA ALA C 116 -9.07 -24.54 -18.39
C ALA C 116 -8.63 -24.69 -19.84
N LEU C 117 -7.80 -23.78 -20.33
CA LEU C 117 -7.30 -23.87 -21.70
C LEU C 117 -6.39 -25.08 -21.88
N ILE C 118 -5.56 -25.40 -20.88
CA ILE C 118 -4.71 -26.58 -20.96
C ILE C 118 -5.55 -27.85 -21.01
N THR C 119 -6.59 -27.91 -20.19
CA THR C 119 -7.45 -29.09 -20.18
C THR C 119 -8.19 -29.31 -21.49
N LEU C 120 -8.28 -28.28 -22.33
CA LEU C 120 -8.94 -28.39 -23.63
C LEU C 120 -7.97 -28.78 -24.74
N GLU C 121 -6.72 -29.13 -24.40
CA GLU C 121 -5.77 -29.55 -25.42
C GLU C 121 -6.25 -30.83 -26.09
N GLU C 122 -5.96 -30.94 -27.39
CA GLU C 122 -6.36 -32.08 -28.19
C GLU C 122 -5.22 -32.49 -29.10
N PRO C 123 -5.00 -33.79 -29.29
CA PRO C 123 -3.96 -34.22 -30.24
C PRO C 123 -4.25 -33.78 -31.66
N LEU C 124 -5.51 -33.57 -32.02
CA LEU C 124 -5.88 -33.10 -33.35
C LEU C 124 -5.86 -31.57 -33.39
N ILE C 125 -4.67 -31.02 -33.13
CA ILE C 125 -4.51 -29.57 -33.06
C ILE C 125 -4.75 -28.93 -34.43
N ASP C 126 -4.56 -29.70 -35.51
CA ASP C 126 -4.75 -29.15 -36.84
C ASP C 126 -6.19 -28.74 -37.09
N HIS C 127 -7.14 -29.36 -36.40
CA HIS C 127 -8.55 -29.01 -36.59
C HIS C 127 -8.84 -27.58 -36.15
N LYS C 128 -8.26 -27.14 -35.03
CA LYS C 128 -8.41 -25.76 -34.60
C LYS C 128 -7.33 -24.87 -35.19
N PHE C 129 -6.06 -25.22 -34.95
CA PHE C 129 -4.90 -24.66 -35.65
C PHE C 129 -4.62 -23.22 -35.24
N ASP C 130 -5.51 -22.61 -34.46
CA ASP C 130 -5.34 -21.23 -34.04
C ASP C 130 -6.33 -20.92 -32.92
N TYR C 131 -5.84 -20.26 -31.88
CA TYR C 131 -6.69 -19.81 -30.79
C TYR C 131 -7.02 -18.34 -30.86
N GLY C 132 -6.51 -17.63 -31.86
CA GLY C 132 -6.89 -16.24 -32.10
C GLY C 132 -6.27 -15.22 -31.18
N VAL C 133 -5.33 -15.62 -30.32
CA VAL C 133 -4.70 -14.71 -29.38
C VAL C 133 -3.19 -14.93 -29.43
N ARG C 134 -2.44 -13.82 -29.52
CA ARG C 134 -0.99 -13.90 -29.50
C ARG C 134 -0.49 -14.44 -28.16
N GLY C 135 0.52 -15.29 -28.21
CA GLY C 135 1.12 -15.86 -27.02
C GLY C 135 0.64 -17.24 -26.64
N ILE C 136 -0.42 -17.73 -27.27
CA ILE C 136 -0.92 -19.08 -27.03
C ILE C 136 -0.72 -19.90 -28.29
N SER C 137 -0.03 -21.01 -28.17
CA SER C 137 0.25 -21.88 -29.32
C SER C 137 0.57 -23.27 -28.80
N ARG C 138 0.89 -24.16 -29.74
CA ARG C 138 1.27 -25.51 -29.37
C ARG C 138 2.78 -25.61 -29.11
N ASP C 139 3.16 -26.46 -28.17
CA ASP C 139 4.55 -26.74 -27.92
C ASP C 139 5.18 -27.61 -29.00
N ASN C 140 4.39 -28.03 -29.99
CA ASN C 140 4.76 -28.80 -31.17
C ASN C 140 5.01 -30.27 -30.86
N PHE C 141 5.14 -30.66 -29.59
CA PHE C 141 5.35 -32.07 -29.29
C PHE C 141 4.16 -32.69 -28.57
N GLY C 142 3.83 -32.15 -27.39
CA GLY C 142 2.71 -32.68 -26.64
C GLY C 142 1.96 -31.72 -25.74
N LYS C 143 2.19 -30.41 -25.88
CA LYS C 143 1.72 -29.48 -24.87
C LYS C 143 1.25 -28.18 -25.53
N ILE C 144 0.47 -27.42 -24.76
CA ILE C 144 0.08 -26.06 -25.11
C ILE C 144 0.76 -25.12 -24.13
N ASN C 145 1.59 -24.22 -24.64
CA ASN C 145 2.37 -23.31 -23.83
C ASN C 145 1.78 -21.91 -23.90
N VAL C 146 1.57 -21.30 -22.74
CA VAL C 146 1.03 -19.95 -22.65
C VAL C 146 2.12 -19.04 -22.11
N GLU C 147 2.21 -17.84 -22.70
CA GLU C 147 3.20 -16.87 -22.28
C GLU C 147 2.75 -16.15 -21.03
N SER C 148 3.72 -15.78 -20.19
CA SER C 148 3.40 -15.01 -18.99
C SER C 148 2.98 -13.58 -19.30
N LYS C 149 3.27 -13.09 -20.50
CA LYS C 149 2.86 -11.74 -20.86
C LYS C 149 1.39 -11.69 -21.30
N VAL C 150 0.76 -12.84 -21.51
CA VAL C 150 -0.64 -12.87 -21.90
C VAL C 150 -1.49 -12.40 -20.74
N VAL C 151 -2.28 -11.35 -20.97
CA VAL C 151 -3.09 -10.78 -19.91
C VAL C 151 -4.35 -11.61 -19.70
N ALA C 152 -4.98 -11.42 -18.54
CA ALA C 152 -6.16 -12.20 -18.20
C ALA C 152 -7.32 -12.03 -19.18
N PRO C 153 -7.69 -10.81 -19.62
CA PRO C 153 -8.74 -10.71 -20.65
C PRO C 153 -8.40 -11.45 -21.93
N ALA C 154 -7.13 -11.44 -22.34
CA ALA C 154 -6.74 -12.18 -23.54
C ALA C 154 -6.91 -13.68 -23.34
N LEU C 155 -6.54 -14.19 -22.16
CA LEU C 155 -6.75 -15.60 -21.87
C LEU C 155 -8.23 -15.95 -21.84
N ARG C 156 -9.06 -15.06 -21.27
CA ARG C 156 -10.50 -15.29 -21.26
C ARG C 156 -11.07 -15.33 -22.67
N ARG C 157 -10.61 -14.42 -23.53
CA ARG C 157 -11.05 -14.43 -24.92
C ARG C 157 -10.65 -15.71 -25.63
N ALA C 158 -9.40 -16.15 -25.42
CA ALA C 158 -8.95 -17.39 -26.04
C ALA C 158 -9.75 -18.59 -25.55
N LEU C 159 -10.02 -18.64 -24.24
CA LEU C 159 -10.81 -19.73 -23.69
C LEU C 159 -12.23 -19.71 -24.22
N GLU C 160 -12.83 -18.53 -24.35
CA GLU C 160 -14.17 -18.43 -24.90
C GLU C 160 -14.23 -18.90 -26.34
N ASN C 161 -13.24 -18.50 -27.16
CA ASN C 161 -13.19 -18.95 -28.53
C ASN C 161 -13.01 -20.47 -28.61
N ALA C 162 -12.12 -21.01 -27.78
CA ALA C 162 -11.92 -22.46 -27.79
C ALA C 162 -13.18 -23.20 -27.37
N LEU C 163 -13.89 -22.68 -26.36
CA LEU C 163 -15.10 -23.32 -25.89
C LEU C 163 -16.19 -23.26 -26.96
N ILE C 164 -16.35 -22.11 -27.63
CA ILE C 164 -17.39 -22.00 -28.63
C ILE C 164 -17.06 -22.85 -29.86
N HIS C 165 -15.77 -23.07 -30.12
CA HIS C 165 -15.39 -23.96 -31.22
C HIS C 165 -15.64 -25.41 -30.86
N ARG C 166 -15.26 -25.82 -29.65
CA ARG C 166 -15.36 -27.22 -29.25
C ARG C 166 -16.77 -27.58 -28.79
N HIS C 167 -17.52 -26.61 -28.25
CA HIS C 167 -18.85 -26.77 -27.67
C HIS C 167 -18.98 -28.06 -26.86
N PRO C 168 -18.29 -28.18 -25.73
CA PRO C 168 -18.47 -29.36 -24.88
C PRO C 168 -19.86 -29.37 -24.25
N ASP C 169 -20.33 -30.57 -23.93
CA ASP C 169 -21.67 -30.71 -23.37
C ASP C 169 -21.79 -30.08 -21.99
N VAL C 170 -20.73 -30.15 -21.18
CA VAL C 170 -20.77 -29.62 -19.83
C VAL C 170 -19.34 -29.30 -19.40
N PHE C 171 -19.17 -28.19 -18.70
CA PHE C 171 -17.90 -27.78 -18.13
C PHE C 171 -17.95 -28.06 -16.63
N PHE C 172 -17.14 -29.01 -16.18
CA PHE C 172 -17.14 -29.42 -14.78
C PHE C 172 -16.09 -28.64 -14.00
N VAL C 173 -16.50 -28.07 -12.88
CA VAL C 173 -15.60 -27.36 -11.97
C VAL C 173 -15.74 -28.01 -10.60
N ASP C 174 -14.75 -28.83 -10.24
CA ASP C 174 -14.76 -29.50 -8.96
C ASP C 174 -14.16 -28.58 -7.88
N GLU C 175 -14.56 -28.82 -6.64
CA GLU C 175 -14.17 -27.99 -5.50
C GLU C 175 -14.47 -26.52 -5.77
N ALA C 176 -15.72 -26.28 -6.21
CA ALA C 176 -16.11 -24.94 -6.61
C ALA C 176 -16.14 -23.95 -5.46
N GLN C 177 -16.11 -24.42 -4.21
CA GLN C 177 -16.11 -23.50 -3.08
C GLN C 177 -14.86 -22.65 -3.01
N HIS C 178 -13.84 -22.98 -3.80
CA HIS C 178 -12.62 -22.18 -3.84
C HIS C 178 -12.85 -20.83 -4.49
N PHE C 179 -13.98 -20.68 -5.17
CA PHE C 179 -14.31 -19.40 -5.78
C PHE C 179 -14.63 -18.39 -4.69
N GLY C 180 -15.12 -18.87 -3.55
CA GLY C 180 -15.43 -17.99 -2.44
C GLY C 180 -14.22 -17.44 -1.70
N LYS C 181 -13.03 -17.96 -2.04
CA LYS C 181 -11.79 -17.45 -1.45
C LYS C 181 -11.51 -16.11 -2.06
N VAL C 182 -12.17 -15.07 -1.54
CA VAL C 182 -12.04 -13.72 -2.07
C VAL C 182 -11.83 -12.77 -0.90
N ALA C 183 -11.29 -11.60 -1.21
CA ALA C 183 -11.02 -10.59 -0.20
C ALA C 183 -12.33 -10.03 0.38
N SER C 184 -12.19 -9.18 1.38
CA SER C 184 -13.35 -8.59 2.03
C SER C 184 -14.10 -7.68 1.06
N GLY C 185 -15.42 -7.67 1.20
CA GLY C 185 -16.29 -6.90 0.34
C GLY C 185 -17.34 -7.77 -0.34
N TYR C 186 -18.14 -7.11 -1.18
CA TYR C 186 -19.20 -7.79 -1.92
C TYR C 186 -18.70 -8.48 -3.18
N LYS C 187 -17.38 -8.69 -3.29
CA LYS C 187 -16.81 -9.35 -4.46
C LYS C 187 -17.30 -10.79 -4.63
N LEU C 188 -18.04 -11.32 -3.65
CA LEU C 188 -18.57 -12.67 -3.78
C LEU C 188 -19.54 -12.78 -4.95
N GLN C 189 -20.37 -11.77 -5.15
CA GLN C 189 -21.30 -11.78 -6.28
C GLN C 189 -20.55 -11.65 -7.60
N ASP C 190 -19.49 -10.84 -7.64
CA ASP C 190 -18.72 -10.68 -8.87
C ASP C 190 -17.99 -11.97 -9.23
N GLN C 191 -17.53 -12.71 -8.23
CA GLN C 191 -16.85 -13.98 -8.49
C GLN C 191 -17.74 -14.89 -9.33
N LEU C 192 -19.03 -14.89 -9.04
CA LEU C 192 -19.95 -15.71 -9.81
C LEU C 192 -20.46 -15.02 -11.06
N ASP C 193 -20.50 -13.68 -11.07
CA ASP C 193 -20.92 -12.95 -12.25
C ASP C 193 -19.96 -13.16 -13.40
N CYS C 194 -18.66 -13.21 -13.10
CA CYS C 194 -17.68 -13.47 -14.16
C CYS C 194 -17.91 -14.83 -14.81
N LEU C 195 -18.14 -15.86 -14.00
CA LEU C 195 -18.40 -17.18 -14.53
C LEU C 195 -19.72 -17.21 -15.30
N LYS C 196 -20.73 -16.49 -14.82
CA LYS C 196 -22.00 -16.41 -15.54
C LYS C 196 -21.81 -15.77 -16.91
N SER C 197 -21.01 -14.70 -16.98
CA SER C 197 -20.74 -14.05 -18.25
C SER C 197 -20.01 -14.99 -19.20
N LEU C 198 -19.01 -15.72 -18.69
CA LEU C 198 -18.27 -16.67 -19.51
C LEU C 198 -19.20 -17.75 -20.06
N ALA C 199 -20.01 -18.35 -19.18
CA ALA C 199 -20.92 -19.41 -19.62
C ALA C 199 -21.97 -18.89 -20.58
N ASN C 200 -22.37 -17.62 -20.43
CA ASN C 200 -23.37 -17.05 -21.32
C ASN C 200 -22.78 -16.84 -22.71
N MET C 201 -21.55 -16.34 -22.80
CA MET C 201 -20.92 -16.17 -24.11
C MET C 201 -20.66 -17.52 -24.78
N THR C 202 -20.02 -18.45 -24.07
CA THR C 202 -19.73 -19.73 -24.71
C THR C 202 -20.94 -20.64 -24.80
N GLY C 203 -22.02 -20.34 -24.08
CA GLY C 203 -23.20 -21.19 -24.14
C GLY C 203 -22.95 -22.61 -23.67
N ILE C 204 -22.07 -22.77 -22.68
CA ILE C 204 -21.70 -24.08 -22.16
C ILE C 204 -22.13 -24.15 -20.69
N LEU C 205 -22.88 -25.18 -20.36
CA LEU C 205 -23.38 -25.35 -19.00
C LEU C 205 -22.23 -25.63 -18.05
N HIS C 206 -22.12 -24.84 -16.99
CA HIS C 206 -21.07 -25.02 -15.99
C HIS C 206 -21.63 -25.75 -14.78
N CYS C 207 -21.00 -26.85 -14.41
CA CYS C 207 -21.40 -27.63 -13.24
C CYS C 207 -20.41 -27.36 -12.12
N LEU C 208 -20.93 -26.89 -10.99
CA LEU C 208 -20.11 -26.56 -9.83
C LEU C 208 -20.37 -27.60 -8.74
N LEU C 209 -19.31 -28.30 -8.33
CA LEU C 209 -19.39 -29.30 -7.28
C LEU C 209 -18.55 -28.83 -6.09
N GLY C 210 -19.12 -28.96 -4.90
CA GLY C 210 -18.41 -28.53 -3.71
C GLY C 210 -19.20 -28.89 -2.47
N THR C 211 -18.57 -28.60 -1.33
CA THR C 211 -19.18 -28.87 -0.03
C THR C 211 -20.22 -27.80 0.27
N TYR C 212 -20.72 -27.78 1.50
CA TYR C 212 -21.76 -26.81 1.87
C TYR C 212 -21.25 -25.38 1.94
N GLU C 213 -19.93 -25.17 1.85
CA GLU C 213 -19.41 -23.82 1.72
C GLU C 213 -19.87 -23.16 0.42
N LEU C 214 -20.32 -23.95 -0.55
CA LEU C 214 -20.85 -23.43 -1.80
C LEU C 214 -22.20 -22.75 -1.63
N LEU C 215 -22.84 -22.89 -0.47
CA LEU C 215 -24.12 -22.24 -0.22
C LEU C 215 -24.02 -20.71 -0.29
N THR C 216 -22.81 -20.16 -0.14
CA THR C 216 -22.65 -18.72 -0.29
C THR C 216 -22.93 -18.23 -1.70
N PHE C 217 -22.90 -19.14 -2.68
CA PHE C 217 -23.20 -18.80 -4.07
C PHE C 217 -24.65 -19.14 -4.45
N ARG C 218 -25.47 -19.61 -3.50
CA ARG C 218 -26.74 -20.23 -3.86
C ARG C 218 -27.71 -19.22 -4.46
N ASN C 219 -27.93 -18.10 -3.79
CA ASN C 219 -28.99 -17.15 -4.17
C ASN C 219 -28.46 -15.72 -4.12
N LEU C 220 -27.30 -15.50 -4.76
CA LEU C 220 -26.68 -14.18 -4.71
C LEU C 220 -27.56 -13.12 -5.37
N SER C 221 -28.12 -13.42 -6.54
CA SER C 221 -28.91 -12.45 -7.28
C SER C 221 -30.07 -13.13 -7.97
N GLY C 222 -31.01 -12.32 -8.45
CA GLY C 222 -32.18 -12.87 -9.12
C GLY C 222 -31.82 -13.60 -10.40
N GLN C 223 -30.95 -13.00 -11.22
CA GLN C 223 -30.52 -13.65 -12.45
C GLN C 223 -29.77 -14.94 -12.16
N LEU C 224 -28.83 -14.90 -11.21
CA LEU C 224 -28.05 -16.08 -10.86
C LEU C 224 -28.96 -17.18 -10.31
N SER C 225 -29.92 -16.82 -9.46
CA SER C 225 -30.85 -17.82 -8.93
C SER C 225 -31.71 -18.40 -10.03
N ARG C 226 -32.14 -17.59 -11.00
CA ARG C 226 -32.97 -18.11 -12.08
C ARG C 226 -32.18 -19.08 -12.96
N ARG C 227 -31.00 -18.68 -13.41
CA ARG C 227 -30.27 -19.49 -14.39
C ARG C 227 -29.34 -20.51 -13.75
N SER C 228 -29.61 -20.91 -12.52
CA SER C 228 -28.86 -21.98 -11.85
C SER C 228 -29.82 -23.05 -11.36
N VAL C 229 -29.37 -24.29 -11.41
CA VAL C 229 -30.15 -25.44 -10.96
C VAL C 229 -29.46 -26.03 -9.74
N ASP C 230 -30.21 -26.15 -8.65
CA ASP C 230 -29.66 -26.64 -7.39
C ASP C 230 -29.94 -28.12 -7.25
N ILE C 231 -28.87 -28.90 -7.11
CA ILE C 231 -28.96 -30.35 -6.89
C ILE C 231 -28.33 -30.64 -5.54
N HIS C 232 -29.10 -31.25 -4.64
CA HIS C 232 -28.63 -31.54 -3.29
C HIS C 232 -28.34 -33.02 -3.18
N PHE C 233 -27.10 -33.36 -2.83
CA PHE C 233 -26.70 -34.75 -2.58
C PHE C 233 -26.86 -35.00 -1.09
N ARG C 234 -28.05 -35.45 -0.70
CA ARG C 234 -28.36 -35.67 0.70
C ARG C 234 -27.56 -36.85 1.24
N ARG C 235 -27.14 -36.74 2.50
CA ARG C 235 -26.61 -37.89 3.21
C ARG C 235 -27.76 -38.75 3.72
N TYR C 236 -27.43 -39.94 4.19
CA TYR C 236 -28.43 -40.84 4.75
C TYR C 236 -28.68 -40.43 6.20
N CYS C 237 -29.85 -39.87 6.46
CA CYS C 237 -30.20 -39.39 7.79
C CYS C 237 -30.55 -40.56 8.71
N ALA C 238 -30.42 -40.31 10.01
CA ALA C 238 -30.80 -41.30 11.01
C ALA C 238 -32.21 -41.11 11.54
N ASP C 239 -32.93 -40.09 11.07
CA ASP C 239 -34.28 -39.80 11.54
C ASP C 239 -35.36 -40.52 10.75
N SER C 240 -35.01 -41.17 9.65
CA SER C 240 -36.01 -41.83 8.82
C SER C 240 -35.66 -43.31 8.64
N PRO C 241 -36.64 -44.20 8.76
CA PRO C 241 -36.36 -45.63 8.58
C PRO C 241 -35.82 -45.98 7.20
N GLU C 242 -36.26 -45.29 6.14
CA GLU C 242 -35.81 -45.64 4.80
C GLU C 242 -34.31 -45.36 4.64
N ASP C 243 -33.84 -44.23 5.14
CA ASP C 243 -32.41 -43.91 5.04
C ASP C 243 -31.57 -44.88 5.85
N VAL C 244 -32.04 -45.22 7.06
CA VAL C 244 -31.30 -46.17 7.90
C VAL C 244 -31.23 -47.53 7.21
N GLN C 245 -32.35 -47.97 6.62
CA GLN C 245 -32.37 -49.25 5.92
C GLN C 245 -31.48 -49.24 4.69
N ALA C 246 -31.44 -48.14 3.95
CA ALA C 246 -30.53 -48.03 2.82
C ALA C 246 -29.07 -48.07 3.27
N PHE C 247 -28.76 -47.40 4.39
CA PHE C 247 -27.42 -47.47 4.95
C PHE C 247 -27.06 -48.89 5.34
N LYS C 248 -28.00 -49.61 5.96
CA LYS C 248 -27.74 -51.00 6.31
C LYS C 248 -27.53 -51.86 5.08
N SER C 249 -28.29 -51.62 4.03
CA SER C 249 -28.11 -52.37 2.79
C SER C 249 -26.74 -52.10 2.17
N VAL C 250 -26.31 -50.84 2.20
CA VAL C 250 -24.98 -50.49 1.69
C VAL C 250 -23.91 -51.20 2.51
N LEU C 251 -24.08 -51.21 3.84
CA LEU C 251 -23.13 -51.91 4.70
C LEU C 251 -23.10 -53.40 4.37
N LEU C 252 -24.26 -54.00 4.11
CA LEU C 252 -24.34 -55.41 3.75
C LEU C 252 -23.62 -55.68 2.45
N THR C 253 -23.79 -54.80 1.46
CA THR C 253 -23.12 -54.96 0.17
C THR C 253 -21.61 -54.87 0.34
N PHE C 254 -21.14 -53.90 1.12
CA PHE C 254 -19.71 -53.79 1.38
C PHE C 254 -19.19 -55.02 2.12
N GLN C 255 -19.98 -55.55 3.05
CA GLN C 255 -19.62 -56.78 3.75
C GLN C 255 -19.45 -57.93 2.77
N GLN C 256 -20.39 -58.08 1.84
CA GLN C 256 -20.33 -59.18 0.90
C GLN C 256 -19.27 -58.98 -0.17
N HIS C 257 -18.82 -57.75 -0.40
CA HIS C 257 -17.92 -57.47 -1.51
C HIS C 257 -16.48 -57.20 -1.10
N LEU C 258 -16.15 -57.28 0.19
CA LEU C 258 -14.77 -57.10 0.60
C LEU C 258 -14.06 -58.46 0.65
N PRO C 259 -12.92 -58.61 -0.02
CA PRO C 259 -12.27 -59.93 -0.22
C PRO C 259 -11.50 -60.47 0.97
N LEU C 260 -12.20 -61.16 1.86
CA LEU C 260 -11.59 -61.88 2.96
C LEU C 260 -12.08 -63.33 2.95
N ALA C 261 -11.41 -64.15 3.78
CA ALA C 261 -11.77 -65.57 3.84
C ALA C 261 -13.19 -65.77 4.35
N GLU C 262 -13.58 -65.02 5.38
CA GLU C 262 -14.94 -65.06 5.90
C GLU C 262 -15.47 -63.64 5.99
N THR C 263 -16.74 -63.47 5.63
CA THR C 263 -17.34 -62.15 5.59
C THR C 263 -17.62 -61.66 7.01
N PRO C 264 -17.05 -60.54 7.44
CA PRO C 264 -17.34 -60.02 8.78
C PRO C 264 -18.74 -59.46 8.85
N ASN C 265 -19.29 -59.49 10.06
CA ASN C 265 -20.65 -58.98 10.31
C ASN C 265 -20.53 -57.50 10.65
N LEU C 266 -20.97 -56.64 9.72
CA LEU C 266 -20.93 -55.20 9.93
C LEU C 266 -22.28 -54.58 10.19
N VAL C 267 -23.38 -55.19 9.74
CA VAL C 267 -24.71 -54.65 9.98
C VAL C 267 -25.01 -54.63 11.47
N ASP C 268 -24.43 -55.55 12.23
CA ASP C 268 -24.62 -55.55 13.68
C ASP C 268 -24.00 -54.33 14.35
N HIS C 269 -23.00 -53.71 13.72
CA HIS C 269 -22.38 -52.49 14.23
C HIS C 269 -22.72 -51.28 13.36
N TRP C 270 -23.93 -51.26 12.80
CA TRP C 270 -24.32 -50.17 11.92
C TRP C 270 -24.35 -48.84 12.66
N GLU C 271 -24.68 -48.87 13.95
CA GLU C 271 -24.71 -47.63 14.73
C GLU C 271 -23.32 -47.01 14.82
N TYR C 272 -22.29 -47.83 15.08
CA TYR C 272 -20.93 -47.30 15.15
C TYR C 272 -20.49 -46.75 13.80
N PHE C 273 -20.80 -47.46 12.72
CA PHE C 273 -20.44 -46.99 11.39
C PHE C 273 -21.10 -45.66 11.09
N TYR C 274 -22.38 -45.51 11.43
CA TYR C 274 -23.05 -44.23 11.24
C TYR C 274 -22.42 -43.15 12.11
N GLU C 275 -22.06 -43.50 13.34
CA GLU C 275 -21.46 -42.53 14.24
C GLU C 275 -20.15 -41.99 13.69
N ARG C 276 -19.33 -42.85 13.09
CA ARG C 276 -18.03 -42.43 12.58
C ARG C 276 -18.05 -42.06 11.11
N THR C 277 -19.23 -42.03 10.48
CA THR C 277 -19.35 -41.61 9.08
C THR C 277 -20.47 -40.62 8.81
N LEU C 278 -21.41 -40.44 9.74
CA LEU C 278 -22.54 -39.52 9.58
C LEU C 278 -23.43 -39.85 8.40
N GLY C 279 -23.32 -41.07 7.85
CA GLY C 279 -24.19 -41.53 6.81
C GLY C 279 -23.68 -41.38 5.39
N CYS C 280 -22.66 -40.56 5.16
CA CYS C 280 -22.12 -40.41 3.82
C CYS C 280 -21.32 -41.68 3.47
N ILE C 281 -21.75 -42.38 2.43
CA ILE C 281 -21.20 -43.71 2.18
C ILE C 281 -19.79 -43.63 1.59
N GLY C 282 -19.38 -42.47 1.09
CA GLY C 282 -18.01 -42.33 0.62
C GLY C 282 -17.00 -42.46 1.75
N THR C 283 -17.27 -41.80 2.88
CA THR C 283 -16.40 -41.94 4.04
C THR C 283 -16.42 -43.37 4.56
N LEU C 284 -17.59 -44.01 4.53
CA LEU C 284 -17.68 -45.41 4.94
C LEU C 284 -16.83 -46.30 4.05
N LYS C 285 -16.89 -46.08 2.73
CA LYS C 285 -16.07 -46.87 1.82
C LYS C 285 -14.58 -46.61 2.06
N ASP C 286 -14.20 -45.36 2.30
CA ASP C 286 -12.80 -45.04 2.56
C ASP C 286 -12.31 -45.73 3.83
N TRP C 287 -13.10 -45.66 4.90
CA TRP C 287 -12.72 -46.30 6.16
C TRP C 287 -12.65 -47.82 6.01
N LEU C 288 -13.60 -48.39 5.28
CA LEU C 288 -13.57 -49.83 5.04
C LEU C 288 -12.36 -50.24 4.21
N LYS C 289 -11.97 -49.41 3.24
CA LYS C 289 -10.75 -49.68 2.48
C LYS C 289 -9.54 -49.65 3.38
N ARG C 290 -9.47 -48.65 4.28
CA ARG C 290 -8.36 -48.58 5.23
C ARG C 290 -8.28 -49.83 6.09
N VAL C 291 -9.41 -50.24 6.66
CA VAL C 291 -9.40 -51.39 7.56
C VAL C 291 -9.12 -52.67 6.79
N LEU C 292 -9.58 -52.77 5.54
CA LEU C 292 -9.29 -53.93 4.73
C LEU C 292 -7.79 -54.03 4.44
N SER C 293 -7.15 -52.91 4.12
CA SER C 293 -5.71 -52.92 3.91
C SER C 293 -4.98 -53.30 5.20
N ASP C 294 -5.45 -52.78 6.33
CA ASP C 294 -4.84 -53.11 7.61
C ASP C 294 -4.92 -54.61 7.89
N ALA C 295 -6.08 -55.20 7.65
CA ALA C 295 -6.24 -56.65 7.85
C ALA C 295 -5.42 -57.44 6.84
N LEU C 296 -5.34 -56.97 5.60
CA LEU C 296 -4.63 -57.68 4.56
C LEU C 296 -3.12 -57.68 4.80
N ASP C 297 -2.59 -56.62 5.42
CA ASP C 297 -1.17 -56.60 5.71
C ASP C 297 -0.75 -57.69 6.68
N ARG C 298 -1.68 -58.21 7.48
CA ARG C 298 -1.40 -59.32 8.39
C ARG C 298 -2.16 -60.58 8.02
N GLU C 299 -2.82 -60.58 6.85
CA GLU C 299 -3.56 -61.73 6.35
C GLU C 299 -4.61 -62.21 7.36
N ALA C 300 -5.32 -61.25 7.94
CA ALA C 300 -6.39 -61.57 8.87
C ALA C 300 -7.57 -62.21 8.14
N THR C 301 -8.21 -63.17 8.82
CA THR C 301 -9.34 -63.87 8.22
C THR C 301 -10.61 -63.03 8.20
N THR C 302 -10.76 -62.11 9.15
CA THR C 302 -11.99 -61.33 9.26
C THR C 302 -11.69 -59.98 9.88
N ILE C 303 -12.66 -59.08 9.76
CA ILE C 303 -12.56 -57.74 10.34
C ILE C 303 -13.15 -57.78 11.74
N THR C 304 -12.41 -57.24 12.71
CA THR C 304 -12.85 -57.16 14.09
C THR C 304 -13.14 -55.71 14.46
N LEU C 305 -13.82 -55.55 15.60
CA LEU C 305 -14.16 -54.21 16.06
C LEU C 305 -12.92 -53.39 16.40
N LYS C 306 -11.88 -54.04 16.94
CA LYS C 306 -10.65 -53.33 17.25
C LYS C 306 -9.99 -52.79 15.99
N ASP C 307 -10.00 -53.56 14.91
CA ASP C 307 -9.43 -53.09 13.65
C ASP C 307 -10.17 -51.88 13.13
N LEU C 308 -11.51 -51.89 13.20
CA LEU C 308 -12.29 -50.73 12.77
C LEU C 308 -11.99 -49.52 13.65
N GLN C 309 -11.90 -49.72 14.97
CA GLN C 309 -11.64 -48.61 15.86
C GLN C 309 -10.25 -48.03 15.66
N LYS C 310 -9.29 -48.86 15.25
CA LYS C 310 -7.92 -48.39 15.06
C LYS C 310 -7.79 -47.36 13.95
N ARG C 311 -8.77 -47.29 13.03
CA ARG C 311 -8.69 -46.37 11.90
C ARG C 311 -9.94 -45.50 11.76
N ALA C 312 -10.82 -45.49 12.74
CA ALA C 312 -12.01 -44.65 12.66
C ALA C 312 -11.65 -43.19 12.84
N LEU C 313 -12.50 -42.32 12.30
CA LEU C 313 -12.31 -40.89 12.46
C LEU C 313 -12.51 -40.48 13.92
N SER C 314 -11.75 -39.49 14.36
CA SER C 314 -11.88 -39.00 15.72
C SER C 314 -13.24 -38.33 15.92
N VAL C 315 -13.78 -38.46 17.13
CA VAL C 315 -15.07 -37.86 17.44
C VAL C 315 -15.01 -36.35 17.34
N ALA C 316 -13.84 -35.76 17.64
CA ALA C 316 -13.68 -34.32 17.47
C ALA C 316 -13.82 -33.93 16.01
N GLN C 317 -13.29 -34.73 15.09
CA GLN C 317 -13.47 -34.46 13.67
C GLN C 317 -14.95 -34.58 13.27
N CYS C 318 -15.61 -35.63 13.74
CA CYS C 318 -16.99 -35.87 13.35
C CYS C 318 -17.92 -34.80 13.92
N GLN C 319 -17.56 -34.19 15.05
CA GLN C 319 -18.37 -33.09 15.57
C GLN C 319 -18.39 -31.91 14.60
N LYS C 320 -17.22 -31.55 14.07
CA LYS C 320 -17.18 -30.48 13.08
C LYS C 320 -17.86 -30.88 11.79
N MET C 321 -17.68 -32.14 11.36
CA MET C 321 -18.38 -32.64 10.18
C MET C 321 -19.89 -32.46 10.34
N PHE C 322 -20.43 -32.86 11.50
CA PHE C 322 -21.86 -32.76 11.72
C PHE C 322 -22.32 -31.32 11.87
N LYS C 323 -21.51 -30.45 12.47
CA LYS C 323 -21.88 -29.04 12.56
C LYS C 323 -22.01 -28.44 11.17
N GLU C 324 -21.03 -28.68 10.30
CA GLU C 324 -21.10 -28.16 8.94
C GLU C 324 -22.26 -28.77 8.17
N ILE C 325 -22.50 -30.06 8.36
CA ILE C 325 -23.59 -30.74 7.66
C ILE C 325 -24.93 -30.17 8.08
N GLN C 326 -25.12 -29.95 9.38
CA GLN C 326 -26.35 -29.34 9.87
C GLN C 326 -26.53 -27.93 9.33
N GLU C 327 -25.45 -27.15 9.32
CA GLU C 327 -25.53 -25.79 8.80
C GLU C 327 -25.96 -25.79 7.34
N GLY C 328 -25.40 -26.70 6.54
CA GLY C 328 -25.81 -26.79 5.15
C GLY C 328 -27.25 -27.26 4.99
N GLU C 329 -27.62 -28.29 5.73
CA GLU C 329 -28.92 -28.92 5.53
C GLU C 329 -30.06 -28.03 6.01
N ARG C 330 -29.82 -27.22 7.04
CA ARG C 330 -30.83 -26.26 7.48
C ARG C 330 -31.13 -25.25 6.39
N GLN C 331 -30.09 -24.76 5.70
CA GLN C 331 -30.29 -23.83 4.61
C GLN C 331 -30.94 -24.48 3.41
N LEU C 332 -30.58 -25.73 3.12
CA LEU C 332 -31.07 -26.41 1.93
C LEU C 332 -32.44 -27.06 2.11
N SER C 333 -33.08 -26.88 3.25
CA SER C 333 -34.38 -27.47 3.49
C SER C 333 -35.50 -26.51 3.10
N GLU C 334 -36.67 -27.09 2.79
CA GLU C 334 -37.84 -26.30 2.44
C GLU C 334 -39.09 -27.05 2.92
N THR C 335 -40.11 -26.27 3.28
CA THR C 335 -41.37 -26.81 3.76
C THR C 335 -42.52 -26.16 3.01
N GLU C 336 -43.74 -26.63 3.31
CA GLU C 336 -44.93 -26.02 2.74
C GLU C 336 -45.09 -24.57 3.21
N ALA C 337 -44.56 -24.26 4.38
CA ALA C 337 -44.65 -22.89 4.89
C ALA C 337 -43.95 -21.91 3.96
N ASP C 338 -42.81 -22.30 3.39
CA ASP C 338 -42.14 -21.45 2.43
C ASP C 338 -43.00 -21.21 1.19
N VAL C 339 -43.67 -22.25 0.71
CA VAL C 339 -44.53 -22.11 -0.47
C VAL C 339 -45.69 -21.16 -0.17
N GLN C 340 -46.32 -21.32 0.99
CA GLN C 340 -47.41 -20.42 1.37
C GLN C 340 -46.91 -18.99 1.53
N ASN C 341 -45.73 -18.81 2.13
CA ASN C 341 -45.17 -17.48 2.29
C ASN C 341 -44.92 -16.83 0.94
N LEU C 342 -44.38 -17.60 0.00
CA LEU C 342 -44.15 -17.09 -1.36
C LEU C 342 -45.47 -16.66 -1.99
N ARG C 343 -46.45 -17.57 -2.01
CA ARG C 343 -47.70 -17.22 -2.62
C ARG C 343 -48.47 -16.12 -1.90
N SER C 344 -48.39 -16.01 -0.58
CA SER C 344 -49.01 -14.89 0.14
C SER C 344 -48.38 -13.59 -0.30
N ALA C 345 -47.06 -13.57 -0.46
CA ALA C 345 -46.38 -12.37 -0.95
C ALA C 345 -46.87 -12.07 -2.36
N LEU C 346 -47.09 -13.13 -3.15
CA LEU C 346 -47.55 -12.95 -4.53
C LEU C 346 -49.02 -12.59 -4.57
N GLY C 347 -49.55 -12.39 -5.76
CA GLY C 347 -50.97 -12.11 -5.89
C GLY C 347 -51.78 -13.38 -5.84
N LEU C 348 -51.10 -14.53 -5.84
CA LEU C 348 -51.78 -15.81 -5.77
C LEU C 348 -52.60 -15.89 -4.50
N GLY C 349 -53.90 -16.03 -4.64
CA GLY C 349 -54.78 -16.06 -3.48
C GLY C 349 -54.43 -17.18 -2.53
N ALA C 350 -54.15 -18.36 -3.07
CA ALA C 350 -53.78 -19.50 -2.23
C ALA C 350 -52.46 -19.21 -1.54
N THR D 8 22.35 -56.27 27.72
CA THR D 8 22.99 -55.55 26.62
C THR D 8 23.70 -54.29 27.12
N GLY D 9 24.40 -53.62 26.22
CA GLY D 9 25.10 -52.40 26.56
C GLY D 9 25.98 -51.95 25.44
N PHE D 10 26.68 -50.85 25.68
CA PHE D 10 27.60 -50.31 24.69
C PHE D 10 28.78 -51.26 24.51
N PRO D 11 29.34 -51.32 23.30
CA PRO D 11 30.51 -52.18 23.07
C PRO D 11 31.68 -51.76 23.96
N LEU D 12 32.31 -52.76 24.59
CA LEU D 12 33.41 -52.47 25.50
C LEU D 12 34.66 -51.99 24.78
N GLU D 13 34.76 -52.24 23.47
CA GLU D 13 35.91 -51.79 22.71
C GLU D 13 35.99 -50.27 22.63
N LEU D 14 34.87 -49.57 22.77
CA LEU D 14 34.86 -48.11 22.66
C LEU D 14 35.67 -47.44 23.76
N LEU D 15 35.93 -48.14 24.86
CA LEU D 15 36.73 -47.55 25.93
C LEU D 15 38.15 -47.23 25.47
N THR D 16 38.73 -48.08 24.63
CA THR D 16 40.05 -47.80 24.10
C THR D 16 40.02 -46.70 23.05
N ARG D 17 38.92 -46.57 22.31
CA ARG D 17 38.81 -45.56 21.28
C ARG D 17 38.68 -44.18 21.92
N PRO D 18 39.08 -43.12 21.22
CA PRO D 18 38.99 -41.78 21.78
C PRO D 18 37.55 -41.36 22.04
N ALA D 19 37.42 -40.21 22.71
CA ALA D 19 36.10 -39.73 23.13
C ALA D 19 35.20 -39.41 21.94
N THR D 20 35.78 -39.06 20.79
CA THR D 20 34.98 -38.75 19.62
C THR D 20 34.16 -39.96 19.18
N GLU D 21 34.78 -41.15 19.21
CA GLU D 21 34.06 -42.36 18.82
C GLU D 21 32.92 -42.65 19.78
N ARG D 22 33.16 -42.48 21.09
CA ARG D 22 32.09 -42.70 22.06
C ARG D 22 30.95 -41.72 21.83
N LEU D 23 31.27 -40.45 21.59
CA LEU D 23 30.24 -39.45 21.36
C LEU D 23 29.44 -39.75 20.10
N ALA D 24 30.12 -40.17 19.03
CA ALA D 24 29.42 -40.54 17.81
C ALA D 24 28.52 -41.75 18.03
N TYR D 25 29.00 -42.74 18.78
CA TYR D 25 28.18 -43.91 19.07
C TYR D 25 26.93 -43.54 19.84
N PHE D 26 27.07 -42.67 20.85
CA PHE D 26 25.90 -42.25 21.61
C PHE D 26 24.95 -41.41 20.77
N GLU D 27 25.49 -40.59 19.87
CA GLU D 27 24.64 -39.81 18.98
C GLU D 27 23.83 -40.72 18.05
N ASN D 28 24.47 -41.76 17.51
CA ASN D 28 23.78 -42.67 16.61
C ASN D 28 22.86 -43.65 17.32
N TYR D 29 22.93 -43.73 18.65
CA TYR D 29 22.08 -44.66 19.38
C TYR D 29 20.65 -44.14 19.47
N THR D 30 19.69 -45.04 19.30
CA THR D 30 18.27 -44.70 19.37
C THR D 30 17.55 -45.75 20.19
N VAL D 31 16.43 -45.34 20.79
CA VAL D 31 15.62 -46.22 21.62
C VAL D 31 14.20 -46.25 21.06
N ALA D 32 13.66 -47.46 20.90
CA ALA D 32 12.30 -47.64 20.40
C ALA D 32 11.34 -47.79 21.58
N HIS D 33 11.13 -46.68 22.29
CA HIS D 33 10.23 -46.68 23.42
C HIS D 33 8.78 -46.83 22.97
N PRO D 34 7.90 -47.34 23.83
CA PRO D 34 6.57 -47.76 23.35
C PRO D 34 5.77 -46.68 22.65
N ARG D 35 5.79 -45.44 23.13
CA ARG D 35 5.03 -44.39 22.47
C ARG D 35 5.54 -44.15 21.06
N LEU D 36 6.87 -44.07 20.90
CA LEU D 36 7.44 -43.90 19.57
C LEU D 36 7.14 -45.09 18.67
N LYS D 37 7.21 -46.31 19.21
CA LYS D 37 6.92 -47.49 18.41
C LYS D 37 5.48 -47.46 17.92
N GLU D 38 4.54 -47.13 18.80
CA GLU D 38 3.13 -47.07 18.42
C GLU D 38 2.89 -46.00 17.37
N VAL D 39 3.46 -44.81 17.57
CA VAL D 39 3.27 -43.73 16.61
C VAL D 39 3.88 -44.08 15.26
N TYR D 40 5.05 -44.71 15.27
CA TYR D 40 5.68 -45.14 14.04
C TYR D 40 4.83 -46.17 13.31
N GLU D 41 4.26 -47.14 14.05
CA GLU D 41 3.42 -48.14 13.43
C GLU D 41 2.18 -47.50 12.79
N ILE D 42 1.53 -46.58 13.52
CA ILE D 42 0.34 -45.92 12.99
C ILE D 42 0.71 -45.09 11.75
N LEU D 43 1.82 -44.37 11.80
CA LEU D 43 2.20 -43.53 10.68
C LEU D 43 2.52 -44.37 9.45
N MET D 44 3.27 -45.46 9.63
CA MET D 44 3.58 -46.32 8.48
C MET D 44 2.33 -46.96 7.92
N ARG D 45 1.42 -47.42 8.79
CA ARG D 45 0.19 -48.03 8.32
C ARG D 45 -0.66 -47.04 7.55
N THR D 46 -0.72 -45.79 8.01
CA THR D 46 -1.53 -44.78 7.33
C THR D 46 -0.89 -44.37 6.01
N ILE D 47 0.44 -44.26 5.96
CA ILE D 47 1.12 -43.91 4.72
C ILE D 47 0.93 -45.01 3.69
N ALA D 48 1.06 -46.27 4.10
CA ALA D 48 0.94 -47.37 3.16
C ALA D 48 -0.45 -47.46 2.53
N GLU D 49 -1.46 -46.88 3.19
CA GLU D 49 -2.80 -46.83 2.63
C GLU D 49 -3.53 -45.57 3.10
N PRO D 50 -3.42 -44.47 2.37
CA PRO D 50 -4.10 -43.23 2.79
C PRO D 50 -5.60 -43.31 2.63
N ALA D 51 -6.05 -43.82 1.48
CA ALA D 51 -7.47 -43.98 1.18
C ALA D 51 -8.22 -42.66 1.34
N GLY D 52 -7.88 -41.72 0.47
CA GLY D 52 -8.57 -40.45 0.39
C GLY D 52 -8.02 -39.35 1.28
N ALA D 53 -7.37 -39.70 2.39
CA ALA D 53 -6.81 -38.69 3.28
C ALA D 53 -5.70 -37.91 2.57
N SER D 54 -5.73 -36.59 2.71
CA SER D 54 -4.73 -35.73 2.09
C SER D 54 -3.81 -35.08 3.11
N PHE D 55 -3.93 -35.43 4.40
CA PHE D 55 -3.06 -34.87 5.42
C PHE D 55 -2.85 -35.89 6.53
N ILE D 56 -1.64 -35.92 7.06
CA ILE D 56 -1.32 -36.64 8.28
C ILE D 56 -0.75 -35.63 9.26
N PHE D 57 -1.45 -35.39 10.36
CA PHE D 57 -1.03 -34.45 11.38
C PHE D 57 -0.35 -35.20 12.51
N VAL D 58 0.90 -34.86 12.78
CA VAL D 58 1.68 -35.49 13.84
C VAL D 58 1.90 -34.44 14.91
N TYR D 59 1.01 -34.40 15.89
CA TYR D 59 1.15 -33.48 17.01
C TYR D 59 2.06 -34.07 18.08
N GLY D 60 2.93 -33.23 18.62
CA GLY D 60 3.83 -33.65 19.67
C GLY D 60 4.57 -32.49 20.29
N ALA D 61 4.95 -32.62 21.56
CA ALA D 61 5.66 -31.55 22.23
C ALA D 61 7.06 -31.38 21.62
N SER D 62 7.71 -30.29 21.99
CA SER D 62 9.08 -30.07 21.53
C SER D 62 9.99 -31.12 22.12
N GLY D 63 10.79 -31.75 21.26
CA GLY D 63 11.70 -32.78 21.70
C GLY D 63 11.09 -34.12 21.98
N VAL D 64 9.89 -34.41 21.46
CA VAL D 64 9.31 -35.74 21.63
C VAL D 64 9.90 -36.74 20.65
N GLY D 65 10.41 -36.28 19.52
CA GLY D 65 10.99 -37.16 18.53
C GLY D 65 10.33 -37.14 17.16
N LYS D 66 9.67 -36.04 16.78
CA LYS D 66 9.00 -35.99 15.49
C LYS D 66 10.00 -36.06 14.34
N THR D 67 11.10 -35.31 14.45
CA THR D 67 12.08 -35.30 13.36
C THR D 67 12.78 -36.65 13.23
N THR D 68 13.12 -37.29 14.36
CA THR D 68 13.71 -38.62 14.30
C THR D 68 12.74 -39.62 13.71
N LEU D 69 11.46 -39.50 14.05
CA LEU D 69 10.45 -40.36 13.45
C LEU D 69 10.38 -40.15 11.94
N ARG D 70 10.42 -38.90 11.50
CA ARG D 70 10.39 -38.61 10.07
C ARG D 70 11.60 -39.20 9.35
N LEU D 71 12.78 -39.04 9.94
CA LEU D 71 13.98 -39.61 9.35
C LEU D 71 13.94 -41.13 9.29
N ARG D 72 13.48 -41.78 10.36
CA ARG D 72 13.41 -43.23 10.37
C ARG D 72 12.41 -43.75 9.35
N VAL D 73 11.23 -43.13 9.26
CA VAL D 73 10.24 -43.60 8.30
C VAL D 73 10.69 -43.31 6.88
N GLU D 74 11.43 -42.22 6.67
CA GLU D 74 12.02 -41.96 5.36
C GLU D 74 12.97 -43.07 4.96
N GLN D 75 13.88 -43.42 5.87
CA GLN D 75 14.84 -44.48 5.58
C GLN D 75 14.14 -45.81 5.33
N LYS D 76 13.13 -46.13 6.16
CA LYS D 76 12.41 -47.39 6.01
C LYS D 76 11.67 -47.45 4.67
N LEU D 77 11.01 -46.36 4.29
CA LEU D 77 10.29 -46.36 3.02
C LEU D 77 11.24 -46.45 1.84
N THR D 78 12.39 -45.81 1.93
CA THR D 78 13.39 -45.89 0.86
C THR D 78 13.73 -47.34 0.53
N GLU D 79 13.70 -48.21 1.53
CA GLU D 79 14.01 -49.63 1.31
C GLU D 79 13.00 -50.27 0.36
N LEU D 80 11.73 -49.91 0.49
CA LEU D 80 10.68 -50.43 -0.38
C LEU D 80 10.94 -50.02 -1.82
N ALA D 81 11.45 -48.81 -2.02
CA ALA D 81 11.67 -48.29 -3.37
C ALA D 81 12.64 -49.09 -4.24
N LEU D 82 13.69 -49.66 -3.65
CA LEU D 82 14.69 -50.33 -4.48
C LEU D 82 14.13 -51.50 -5.32
N PRO D 83 13.31 -52.38 -4.74
CA PRO D 83 12.68 -53.41 -5.60
C PRO D 83 11.75 -52.75 -6.60
N LYS D 84 11.02 -51.72 -6.17
CA LYS D 84 10.08 -51.01 -7.03
C LYS D 84 10.76 -50.33 -8.20
N LEU D 85 12.00 -49.89 -8.01
CA LEU D 85 12.71 -49.17 -9.06
C LEU D 85 12.88 -50.01 -10.32
N GLU D 86 13.12 -51.31 -10.17
CA GLU D 86 13.23 -52.18 -11.33
C GLU D 86 12.02 -52.04 -12.27
N SER D 87 10.88 -51.61 -11.75
CA SER D 87 9.69 -51.42 -12.58
C SER D 87 9.62 -50.00 -13.11
N ASP D 88 9.86 -49.00 -12.26
CA ASP D 88 9.82 -47.60 -12.64
C ASP D 88 11.18 -46.98 -12.38
N ARG D 89 11.88 -46.61 -13.44
CA ARG D 89 13.22 -46.04 -13.30
C ARG D 89 13.17 -44.68 -12.61
N ALA D 90 12.20 -43.85 -12.95
CA ALA D 90 12.10 -42.49 -12.43
C ALA D 90 10.98 -42.44 -11.40
N ARG D 91 11.34 -42.61 -10.13
CA ARG D 91 10.38 -42.53 -9.04
C ARG D 91 11.11 -42.27 -7.73
N VAL D 92 10.87 -41.12 -7.13
CA VAL D 92 11.39 -40.85 -5.78
C VAL D 92 10.42 -41.42 -4.76
N PRO D 93 10.88 -42.24 -3.82
CA PRO D 93 9.95 -42.85 -2.86
C PRO D 93 9.35 -41.85 -1.90
N VAL D 94 10.18 -41.00 -1.29
CA VAL D 94 9.73 -40.05 -0.27
C VAL D 94 10.40 -38.71 -0.53
N VAL D 95 9.63 -37.64 -0.36
CA VAL D 95 10.13 -36.27 -0.41
C VAL D 95 9.84 -35.61 0.93
N GLY D 96 10.88 -35.03 1.53
CA GLY D 96 10.72 -34.38 2.82
C GLY D 96 11.41 -33.04 2.91
N ILE D 97 10.69 -32.01 3.35
CA ILE D 97 11.22 -30.66 3.46
C ILE D 97 10.77 -30.05 4.78
N GLU D 98 11.32 -28.87 5.07
CA GLU D 98 10.96 -28.10 6.24
C GLU D 98 10.24 -26.82 5.84
N ALA D 99 9.28 -26.42 6.65
CA ALA D 99 8.55 -25.17 6.39
C ALA D 99 9.38 -24.00 6.90
N ILE D 100 9.67 -23.06 6.01
CA ILE D 100 10.53 -21.92 6.35
C ILE D 100 9.72 -20.88 7.10
N ALA D 101 10.20 -20.48 8.26
CA ALA D 101 9.58 -19.37 8.97
C ALA D 101 9.86 -18.08 8.23
N PRO D 102 8.84 -17.34 7.81
CA PRO D 102 9.08 -16.16 6.97
C PRO D 102 9.50 -14.94 7.78
N GLU D 103 10.30 -14.10 7.13
CA GLU D 103 10.65 -12.81 7.70
C GLU D 103 9.50 -11.81 7.60
N SER D 104 8.64 -11.95 6.59
CA SER D 104 7.48 -11.10 6.44
C SER D 104 6.38 -11.52 7.41
N ARG D 105 5.23 -10.84 7.31
CA ARG D 105 4.11 -11.16 8.19
C ARG D 105 3.46 -12.48 7.79
N TYR D 106 3.47 -12.82 6.51
CA TYR D 106 2.79 -14.00 6.01
C TYR D 106 3.79 -15.01 5.43
N PHE D 107 3.39 -16.27 5.45
CA PHE D 107 4.19 -17.35 4.88
C PHE D 107 4.42 -17.13 3.40
N ASN D 108 5.66 -17.31 2.97
CA ASN D 108 6.03 -17.10 1.57
C ASN D 108 5.80 -18.40 0.79
N TRP D 109 4.68 -18.45 0.05
CA TRP D 109 4.37 -19.64 -0.71
C TRP D 109 5.32 -19.85 -1.88
N LYS D 110 5.79 -18.76 -2.49
CA LYS D 110 6.71 -18.88 -3.61
C LYS D 110 8.00 -19.57 -3.20
N GLU D 111 8.55 -19.18 -2.04
CA GLU D 111 9.77 -19.82 -1.55
C GLU D 111 9.52 -21.28 -1.20
N TYR D 112 8.36 -21.58 -0.63
CA TYR D 112 8.02 -22.97 -0.32
C TYR D 112 7.98 -23.82 -1.58
N TYR D 113 7.33 -23.30 -2.64
CA TYR D 113 7.28 -24.03 -3.89
C TYR D 113 8.67 -24.18 -4.49
N THR D 114 9.49 -23.13 -4.42
CA THR D 114 10.85 -23.20 -4.95
C THR D 114 11.64 -24.29 -4.25
N ARG D 115 11.59 -24.33 -2.92
CA ARG D 115 12.38 -25.31 -2.18
C ARG D 115 11.83 -26.73 -2.39
N ALA D 116 10.51 -26.87 -2.45
CA ALA D 116 9.93 -28.18 -2.71
C ALA D 116 10.34 -28.71 -4.07
N LEU D 117 10.36 -27.84 -5.09
CA LEU D 117 10.79 -28.26 -6.42
C LEU D 117 12.29 -28.56 -6.44
N ILE D 118 13.08 -27.79 -5.69
CA ILE D 118 14.53 -28.03 -5.64
C ILE D 118 14.82 -29.37 -5.01
N THR D 119 14.08 -29.72 -3.95
CA THR D 119 14.31 -30.99 -3.26
C THR D 119 13.98 -32.19 -4.15
N LEU D 120 13.27 -31.98 -5.26
CA LEU D 120 12.93 -33.04 -6.18
C LEU D 120 13.95 -33.20 -7.31
N GLU D 121 15.20 -32.83 -7.09
CA GLU D 121 16.22 -33.01 -8.11
C GLU D 121 16.73 -34.44 -8.10
N GLU D 122 16.92 -35.00 -9.30
CA GLU D 122 17.40 -36.36 -9.47
C GLU D 122 18.43 -36.38 -10.59
N PRO D 123 19.40 -37.30 -10.55
CA PRO D 123 20.37 -37.38 -11.64
C PRO D 123 19.75 -37.64 -13.00
N LEU D 124 18.68 -38.42 -13.07
CA LEU D 124 18.02 -38.74 -14.33
C LEU D 124 17.02 -37.66 -14.71
N ILE D 125 17.47 -36.40 -14.70
CA ILE D 125 16.58 -35.28 -15.02
C ILE D 125 16.11 -35.34 -16.46
N ASP D 126 16.80 -36.08 -17.33
CA ASP D 126 16.35 -36.21 -18.71
C ASP D 126 14.99 -36.90 -18.79
N HIS D 127 14.66 -37.73 -17.81
CA HIS D 127 13.37 -38.42 -17.81
C HIS D 127 12.23 -37.42 -17.67
N LYS D 128 12.39 -36.41 -16.82
CA LYS D 128 11.33 -35.44 -16.59
C LYS D 128 11.11 -34.53 -17.80
N PHE D 129 12.18 -34.21 -18.53
CA PHE D 129 12.14 -33.28 -19.67
C PHE D 129 11.62 -31.94 -19.15
N ASP D 130 10.64 -31.31 -19.79
CA ASP D 130 10.15 -30.02 -19.35
C ASP D 130 9.35 -30.16 -18.06
N TYR D 131 9.60 -29.26 -17.11
CA TYR D 131 8.81 -29.23 -15.88
C TYR D 131 7.37 -28.81 -16.14
N GLY D 132 7.13 -28.01 -17.17
CA GLY D 132 5.78 -27.60 -17.50
C GLY D 132 5.66 -26.12 -17.84
N VAL D 133 6.51 -25.28 -17.25
CA VAL D 133 6.48 -23.85 -17.47
C VAL D 133 7.89 -23.37 -17.79
N ARG D 134 7.99 -22.47 -18.76
CA ARG D 134 9.28 -21.90 -19.13
C ARG D 134 9.86 -21.08 -17.97
N GLY D 135 11.18 -20.88 -18.02
CA GLY D 135 11.87 -20.08 -17.04
C GLY D 135 12.56 -20.87 -15.94
N ILE D 136 12.23 -22.15 -15.78
CA ILE D 136 12.85 -23.02 -14.79
C ILE D 136 13.41 -24.24 -15.50
N SER D 137 14.63 -24.61 -15.14
CA SER D 137 15.31 -25.77 -15.72
C SER D 137 16.63 -25.97 -14.98
N ARG D 138 17.12 -27.21 -15.00
CA ARG D 138 18.41 -27.50 -14.41
C ARG D 138 19.53 -26.91 -15.27
N ASP D 139 20.54 -26.33 -14.62
CA ASP D 139 21.66 -25.72 -15.31
C ASP D 139 22.70 -26.75 -15.74
N ASN D 140 22.34 -28.04 -15.79
CA ASN D 140 23.19 -29.12 -16.26
C ASN D 140 24.34 -29.36 -15.28
N PHE D 141 24.40 -28.59 -14.20
CA PHE D 141 25.42 -28.74 -13.17
C PHE D 141 24.91 -29.46 -11.93
N GLY D 142 23.71 -30.03 -11.99
CA GLY D 142 23.12 -30.71 -10.86
C GLY D 142 22.29 -29.85 -9.94
N LYS D 143 22.07 -28.58 -10.27
CA LYS D 143 21.28 -27.67 -9.46
C LYS D 143 20.08 -27.18 -10.27
N ILE D 144 18.90 -27.24 -9.65
CA ILE D 144 17.70 -26.72 -10.29
C ILE D 144 17.69 -25.20 -10.20
N ASN D 145 17.52 -24.54 -11.34
CA ASN D 145 17.52 -23.08 -11.41
C ASN D 145 16.11 -22.60 -11.71
N VAL D 146 15.60 -21.71 -10.85
CA VAL D 146 14.32 -21.05 -11.07
C VAL D 146 14.57 -19.58 -11.29
N GLU D 147 13.67 -18.93 -12.02
CA GLU D 147 13.79 -17.52 -12.35
C GLU D 147 12.97 -16.69 -11.38
N SER D 148 13.55 -15.56 -10.94
CA SER D 148 12.85 -14.69 -10.01
C SER D 148 11.61 -14.08 -10.62
N LYS D 149 11.54 -14.01 -11.95
CA LYS D 149 10.36 -13.49 -12.64
C LYS D 149 9.25 -14.51 -12.76
N VAL D 150 9.51 -15.78 -12.45
CA VAL D 150 8.47 -16.81 -12.53
C VAL D 150 7.49 -16.60 -11.36
N VAL D 151 6.22 -16.42 -11.69
CA VAL D 151 5.21 -16.21 -10.65
C VAL D 151 4.88 -17.49 -9.90
N ALA D 152 4.30 -17.35 -8.70
CA ALA D 152 3.96 -18.52 -7.91
C ALA D 152 2.92 -19.47 -8.53
N PRO D 153 1.86 -18.95 -9.17
CA PRO D 153 0.94 -19.90 -9.80
C PRO D 153 1.61 -20.81 -10.83
N ALA D 154 2.57 -20.29 -11.59
CA ALA D 154 3.29 -21.10 -12.57
C ALA D 154 4.24 -22.06 -11.88
N LEU D 155 4.92 -21.59 -10.83
CA LEU D 155 5.83 -22.46 -10.08
C LEU D 155 5.07 -23.60 -9.42
N ARG D 156 3.89 -23.32 -8.87
CA ARG D 156 3.10 -24.38 -8.24
C ARG D 156 2.54 -25.33 -9.27
N ARG D 157 2.22 -24.85 -10.47
CA ARG D 157 1.82 -25.75 -11.55
C ARG D 157 2.95 -26.68 -11.93
N ALA D 158 4.18 -26.14 -12.03
CA ALA D 158 5.34 -26.97 -12.32
C ALA D 158 5.57 -28.00 -11.22
N LEU D 159 5.41 -27.58 -9.96
CA LEU D 159 5.58 -28.52 -8.86
C LEU D 159 4.52 -29.61 -8.90
N GLU D 160 3.28 -29.25 -9.22
CA GLU D 160 2.22 -30.24 -9.35
C GLU D 160 2.53 -31.25 -10.44
N ASN D 161 2.99 -30.76 -11.61
CA ASN D 161 3.36 -31.67 -12.68
C ASN D 161 4.52 -32.58 -12.29
N ALA D 162 5.54 -32.02 -11.64
CA ALA D 162 6.68 -32.83 -11.22
C ALA D 162 6.26 -33.89 -10.21
N LEU D 163 5.39 -33.53 -9.27
CA LEU D 163 4.94 -34.49 -8.27
C LEU D 163 4.09 -35.59 -8.91
N ILE D 164 3.21 -35.21 -9.83
CA ILE D 164 2.34 -36.21 -10.46
C ILE D 164 3.14 -37.10 -11.40
N HIS D 165 4.30 -36.63 -11.87
CA HIS D 165 5.14 -37.48 -12.69
C HIS D 165 6.02 -38.40 -11.84
N ARG D 166 6.61 -37.86 -10.77
CA ARG D 166 7.47 -38.69 -9.92
C ARG D 166 6.65 -39.62 -9.05
N HIS D 167 5.49 -39.17 -8.58
CA HIS D 167 4.57 -39.92 -7.74
C HIS D 167 5.26 -40.42 -6.47
N PRO D 168 5.62 -39.53 -5.55
CA PRO D 168 6.19 -39.98 -4.27
C PRO D 168 5.14 -40.66 -3.41
N ASP D 169 5.61 -41.57 -2.56
CA ASP D 169 4.69 -42.26 -1.66
C ASP D 169 4.10 -41.31 -0.63
N VAL D 170 4.90 -40.38 -0.11
CA VAL D 170 4.46 -39.45 0.91
C VAL D 170 5.29 -38.18 0.81
N PHE D 171 4.68 -37.05 1.15
CA PHE D 171 5.36 -35.76 1.17
C PHE D 171 5.42 -35.28 2.61
N PHE D 172 6.63 -35.01 3.10
CA PHE D 172 6.86 -34.62 4.48
C PHE D 172 7.13 -33.13 4.56
N VAL D 173 6.38 -32.44 5.41
CA VAL D 173 6.60 -31.03 5.70
C VAL D 173 6.91 -30.92 7.19
N ASP D 174 8.19 -30.95 7.54
CA ASP D 174 8.62 -30.86 8.92
C ASP D 174 8.42 -29.44 9.44
N GLU D 175 8.14 -29.27 10.70
CA GLU D 175 7.86 -27.97 11.27
C GLU D 175 6.77 -27.31 10.57
N ALA D 176 5.59 -27.89 10.62
CA ALA D 176 4.47 -27.35 9.88
C ALA D 176 3.78 -26.20 10.58
N GLN D 177 4.15 -25.89 11.83
CA GLN D 177 3.51 -24.78 12.53
C GLN D 177 3.85 -23.44 11.90
N HIS D 178 4.90 -23.38 11.08
CA HIS D 178 5.23 -22.13 10.39
C HIS D 178 4.18 -21.76 9.36
N PHE D 179 3.30 -22.68 8.99
CA PHE D 179 2.20 -22.33 8.09
C PHE D 179 1.24 -21.34 8.73
N GLY D 180 1.24 -21.22 10.05
CA GLY D 180 0.34 -20.33 10.75
C GLY D 180 0.74 -18.87 10.70
N LYS D 181 1.92 -18.55 10.16
CA LYS D 181 2.33 -17.16 10.03
C LYS D 181 1.45 -16.48 8.99
N VAL D 182 0.52 -15.64 9.46
CA VAL D 182 -0.45 -15.00 8.59
C VAL D 182 -0.49 -13.51 8.90
N ALA D 183 -0.96 -12.73 7.93
CA ALA D 183 -1.06 -11.29 8.08
C ALA D 183 -2.40 -10.83 8.65
N SER D 184 -3.35 -11.75 8.86
CA SER D 184 -4.66 -11.40 9.38
C SER D 184 -5.20 -12.59 10.17
N GLY D 185 -6.37 -12.39 10.78
CA GLY D 185 -6.99 -13.43 11.58
C GLY D 185 -7.88 -14.39 10.83
N TYR D 186 -8.05 -14.21 9.52
CA TYR D 186 -8.93 -15.05 8.73
C TYR D 186 -8.20 -15.92 7.71
N LYS D 187 -6.90 -15.70 7.50
CA LYS D 187 -6.17 -16.42 6.48
C LYS D 187 -5.79 -17.83 6.89
N LEU D 188 -6.10 -18.24 8.12
CA LEU D 188 -5.65 -19.54 8.61
C LEU D 188 -6.25 -20.68 7.82
N GLN D 189 -7.55 -20.61 7.52
CA GLN D 189 -8.18 -21.68 6.76
C GLN D 189 -7.66 -21.74 5.33
N ASP D 190 -7.45 -20.57 4.71
CA ASP D 190 -6.95 -20.55 3.33
C ASP D 190 -5.53 -21.07 3.24
N GLN D 191 -4.71 -20.79 4.26
CA GLN D 191 -3.33 -21.26 4.25
C GLN D 191 -3.25 -22.78 4.17
N LEU D 192 -4.22 -23.48 4.75
CA LEU D 192 -4.26 -24.93 4.66
C LEU D 192 -5.10 -25.42 3.48
N ASP D 193 -6.06 -24.61 3.02
CA ASP D 193 -6.83 -24.98 1.84
C ASP D 193 -5.96 -25.00 0.59
N CYS D 194 -4.96 -24.12 0.51
CA CYS D 194 -4.04 -24.16 -0.63
C CYS D 194 -3.29 -25.49 -0.67
N LEU D 195 -2.77 -25.93 0.47
CA LEU D 195 -2.06 -27.20 0.53
C LEU D 195 -3.02 -28.37 0.28
N LYS D 196 -4.26 -28.25 0.75
CA LYS D 196 -5.25 -29.29 0.49
C LYS D 196 -5.52 -29.43 -1.00
N SER D 197 -5.66 -28.31 -1.70
CA SER D 197 -5.87 -28.35 -3.14
C SER D 197 -4.65 -28.95 -3.85
N LEU D 198 -3.45 -28.57 -3.41
CA LEU D 198 -2.25 -29.12 -4.01
C LEU D 198 -2.19 -30.64 -3.83
N ALA D 199 -2.46 -31.11 -2.62
CA ALA D 199 -2.43 -32.54 -2.34
C ALA D 199 -3.53 -33.28 -3.10
N ASN D 200 -4.71 -32.68 -3.18
CA ASN D 200 -5.83 -33.31 -3.87
C ASN D 200 -5.54 -33.48 -5.36
N MET D 201 -4.95 -32.47 -5.98
CA MET D 201 -4.67 -32.54 -7.40
C MET D 201 -3.47 -33.43 -7.71
N THR D 202 -2.43 -33.33 -6.91
CA THR D 202 -1.26 -34.20 -7.11
C THR D 202 -1.53 -35.62 -6.68
N GLY D 203 -2.58 -35.86 -5.89
CA GLY D 203 -2.84 -37.19 -5.38
C GLY D 203 -1.74 -37.72 -4.48
N ILE D 204 -1.08 -36.82 -3.75
CA ILE D 204 0.04 -37.16 -2.88
C ILE D 204 -0.31 -36.75 -1.47
N LEU D 205 -0.21 -37.69 -0.53
CA LEU D 205 -0.49 -37.42 0.86
C LEU D 205 0.58 -36.48 1.42
N HIS D 206 0.16 -35.44 2.11
CA HIS D 206 1.08 -34.47 2.71
C HIS D 206 1.07 -34.67 4.22
N CYS D 207 2.14 -35.27 4.74
CA CYS D 207 2.26 -35.46 6.18
C CYS D 207 2.85 -34.22 6.82
N LEU D 208 2.14 -33.65 7.78
CA LEU D 208 2.54 -32.42 8.45
C LEU D 208 2.97 -32.75 9.88
N LEU D 209 4.20 -32.40 10.22
CA LEU D 209 4.74 -32.58 11.56
C LEU D 209 5.00 -31.23 12.18
N GLY D 210 4.71 -31.10 13.46
CA GLY D 210 4.92 -29.85 14.15
C GLY D 210 4.58 -29.96 15.62
N THR D 211 4.87 -28.89 16.34
CA THR D 211 4.59 -28.84 17.77
C THR D 211 3.09 -28.63 18.01
N TYR D 212 2.74 -28.43 19.27
CA TYR D 212 1.33 -28.25 19.62
C TYR D 212 0.74 -26.96 19.08
N GLU D 213 1.57 -26.04 18.57
CA GLU D 213 1.05 -24.88 17.86
C GLU D 213 0.32 -25.28 16.58
N LEU D 214 0.59 -26.49 16.08
CA LEU D 214 -0.10 -26.99 14.91
C LEU D 214 -1.58 -27.25 15.18
N LEU D 215 -1.98 -27.32 16.45
CA LEU D 215 -3.37 -27.59 16.77
C LEU D 215 -4.30 -26.48 16.31
N THR D 216 -3.77 -25.30 16.01
CA THR D 216 -4.58 -24.26 15.37
C THR D 216 -4.99 -24.65 13.96
N PHE D 217 -4.34 -25.66 13.39
CA PHE D 217 -4.66 -26.16 12.05
C PHE D 217 -5.46 -27.45 12.08
N ARG D 218 -6.14 -27.69 13.16
CA ARG D 218 -6.78 -28.97 13.32
C ARG D 218 -8.10 -29.23 12.70
N ASN D 219 -9.06 -28.39 12.94
CA ASN D 219 -10.44 -28.63 12.53
C ASN D 219 -11.07 -27.36 11.96
N LEU D 220 -10.37 -26.71 11.03
CA LEU D 220 -10.89 -25.46 10.46
C LEU D 220 -12.22 -25.68 9.75
N SER D 221 -12.32 -26.76 8.97
CA SER D 221 -13.52 -27.02 8.18
C SER D 221 -13.77 -28.52 8.11
N GLY D 222 -15.03 -28.88 7.85
CA GLY D 222 -15.38 -30.28 7.72
C GLY D 222 -14.65 -30.96 6.57
N GLN D 223 -14.42 -30.22 5.48
CA GLN D 223 -13.63 -30.77 4.37
C GLN D 223 -12.22 -31.12 4.83
N LEU D 224 -11.56 -30.18 5.51
CA LEU D 224 -10.24 -30.45 6.06
C LEU D 224 -10.30 -31.51 7.16
N SER D 225 -11.41 -31.55 7.89
CA SER D 225 -11.57 -32.56 8.94
C SER D 225 -11.58 -33.96 8.34
N ARG D 226 -12.27 -34.15 7.23
CA ARG D 226 -12.28 -35.45 6.57
C ARG D 226 -10.96 -35.73 5.88
N ARG D 227 -10.36 -34.72 5.25
CA ARG D 227 -9.14 -34.92 4.47
C ARG D 227 -7.89 -35.03 5.31
N SER D 228 -8.00 -35.23 6.62
CA SER D 228 -6.84 -35.31 7.49
C SER D 228 -6.97 -36.46 8.46
N VAL D 229 -5.83 -36.97 8.90
CA VAL D 229 -5.74 -38.00 9.92
C VAL D 229 -4.86 -37.48 11.05
N ASP D 230 -5.38 -37.54 12.27
CA ASP D 230 -4.66 -37.00 13.42
C ASP D 230 -3.86 -38.10 14.11
N ILE D 231 -2.57 -37.85 14.29
CA ILE D 231 -1.68 -38.74 15.02
C ILE D 231 -1.04 -37.93 16.14
N HIS D 232 -1.25 -38.37 17.38
CA HIS D 232 -0.76 -37.64 18.55
C HIS D 232 0.46 -38.37 19.10
N PHE D 233 1.61 -37.67 19.09
CA PHE D 233 2.84 -38.20 19.64
C PHE D 233 2.92 -37.77 21.10
N ARG D 234 2.17 -38.47 21.94
CA ARG D 234 2.06 -38.12 23.34
C ARG D 234 3.38 -38.33 24.07
N ARG D 235 3.70 -37.40 24.97
CA ARG D 235 4.83 -37.58 25.85
C ARG D 235 4.44 -38.49 27.02
N TYR D 236 5.44 -38.88 27.81
CA TYR D 236 5.19 -39.75 28.96
C TYR D 236 4.71 -38.90 30.13
N CYS D 237 3.54 -39.26 30.67
CA CYS D 237 2.98 -38.54 31.81
C CYS D 237 3.25 -39.29 33.10
N ALA D 238 3.44 -38.52 34.18
CA ALA D 238 3.69 -39.12 35.48
C ALA D 238 2.42 -39.60 36.17
N ASP D 239 1.25 -39.27 35.63
CA ASP D 239 -0.01 -39.67 36.26
C ASP D 239 -0.20 -41.18 36.18
N SER D 240 -0.03 -41.75 34.99
CA SER D 240 -0.23 -43.19 34.82
C SER D 240 1.03 -43.94 35.21
N PRO D 241 0.93 -44.93 36.10
CA PRO D 241 2.14 -45.68 36.51
C PRO D 241 2.84 -46.38 35.36
N GLU D 242 2.11 -46.81 34.34
CA GLU D 242 2.73 -47.50 33.22
C GLU D 242 3.68 -46.58 32.45
N ASP D 243 3.27 -45.33 32.24
CA ASP D 243 4.15 -44.37 31.58
C ASP D 243 5.39 -44.09 32.42
N VAL D 244 5.24 -44.02 33.74
CA VAL D 244 6.39 -43.85 34.62
C VAL D 244 7.33 -45.03 34.48
N GLN D 245 6.77 -46.24 34.46
CA GLN D 245 7.61 -47.43 34.33
C GLN D 245 8.39 -47.32 33.04
N ALA D 246 7.71 -46.93 31.97
CA ALA D 246 8.38 -46.81 30.68
C ALA D 246 9.47 -45.74 30.70
N PHE D 247 9.22 -44.60 31.33
CA PHE D 247 10.22 -43.55 31.41
C PHE D 247 11.45 -44.00 32.20
N LYS D 248 11.24 -44.70 33.31
CA LYS D 248 12.35 -45.22 34.09
C LYS D 248 13.10 -46.25 33.25
N SER D 249 12.35 -47.06 32.51
CA SER D 249 12.97 -48.06 31.66
C SER D 249 13.84 -47.44 30.58
N VAL D 250 13.38 -46.33 29.98
CA VAL D 250 14.19 -45.64 28.98
C VAL D 250 15.46 -45.12 29.63
N LEU D 251 15.36 -44.60 30.85
CA LEU D 251 16.54 -44.14 31.56
C LEU D 251 17.50 -45.29 31.79
N LEU D 252 16.97 -46.47 32.13
CA LEU D 252 17.82 -47.64 32.32
C LEU D 252 18.55 -48.03 31.04
N THR D 253 17.86 -47.99 29.91
CA THR D 253 18.50 -48.33 28.65
C THR D 253 19.61 -47.33 28.37
N PHE D 254 19.35 -46.05 28.61
CA PHE D 254 20.37 -45.04 28.39
C PHE D 254 21.54 -45.22 29.36
N GLN D 255 21.24 -45.57 30.61
CA GLN D 255 22.30 -45.82 31.59
C GLN D 255 23.16 -47.00 31.16
N GLN D 256 22.56 -48.03 30.57
CA GLN D 256 23.34 -49.18 30.12
C GLN D 256 24.05 -48.92 28.80
N HIS D 257 23.66 -47.89 28.05
CA HIS D 257 24.18 -47.69 26.70
C HIS D 257 25.02 -46.44 26.51
N LEU D 258 25.28 -45.65 27.54
CA LEU D 258 26.19 -44.52 27.36
C LEU D 258 27.62 -44.97 27.69
N PRO D 259 28.58 -44.71 26.82
CA PRO D 259 29.93 -45.27 27.02
C PRO D 259 30.70 -44.60 28.15
N LEU D 260 30.98 -45.36 29.21
CA LEU D 260 31.77 -44.86 30.33
C LEU D 260 32.49 -46.05 30.97
N ALA D 261 33.35 -45.73 31.94
CA ALA D 261 34.07 -46.78 32.66
C ALA D 261 33.10 -47.68 33.42
N GLU D 262 32.19 -47.10 34.19
CA GLU D 262 31.15 -47.84 34.87
C GLU D 262 29.83 -47.11 34.67
N THR D 263 28.75 -47.89 34.62
CA THR D 263 27.45 -47.32 34.34
C THR D 263 26.95 -46.50 35.52
N PRO D 264 26.67 -45.22 35.37
CA PRO D 264 26.13 -44.43 36.48
C PRO D 264 24.68 -44.79 36.75
N ASN D 265 24.26 -44.54 37.99
CA ASN D 265 22.89 -44.80 38.38
C ASN D 265 22.00 -43.64 37.97
N LEU D 266 21.02 -43.92 37.10
CA LEU D 266 20.09 -42.91 36.62
C LEU D 266 18.65 -43.15 37.06
N VAL D 267 18.28 -44.38 37.41
CA VAL D 267 16.93 -44.65 37.88
C VAL D 267 16.67 -43.95 39.20
N ASP D 268 17.70 -43.87 40.06
CA ASP D 268 17.54 -43.21 41.35
C ASP D 268 17.18 -41.74 41.21
N HIS D 269 17.56 -41.09 40.11
CA HIS D 269 17.23 -39.69 39.86
C HIS D 269 16.18 -39.54 38.78
N TRP D 270 15.31 -40.53 38.62
CA TRP D 270 14.29 -40.47 37.58
C TRP D 270 13.34 -39.30 37.80
N GLU D 271 13.05 -38.97 39.06
CA GLU D 271 12.13 -37.87 39.35
C GLU D 271 12.69 -36.55 38.86
N TYR D 272 13.98 -36.31 39.10
CA TYR D 272 14.61 -35.08 38.62
C TYR D 272 14.64 -35.04 37.09
N PHE D 273 14.96 -36.17 36.46
CA PHE D 273 14.97 -36.23 35.00
C PHE D 273 13.60 -35.88 34.44
N TYR D 274 12.54 -36.47 35.00
CA TYR D 274 11.19 -36.12 34.56
C TYR D 274 10.86 -34.67 34.87
N GLU D 275 11.40 -34.13 35.96
CA GLU D 275 11.17 -32.74 36.29
C GLU D 275 11.70 -31.81 35.21
N ARG D 276 12.90 -32.09 34.70
CA ARG D 276 13.51 -31.21 33.71
C ARG D 276 13.49 -31.81 32.30
N THR D 277 12.62 -32.78 32.03
CA THR D 277 12.37 -33.25 30.67
C THR D 277 10.90 -33.39 30.33
N LEU D 278 10.02 -33.51 31.32
CA LEU D 278 8.58 -33.68 31.12
C LEU D 278 8.25 -34.93 30.31
N GLY D 279 9.12 -35.93 30.33
CA GLY D 279 8.88 -37.18 29.65
C GLY D 279 9.23 -37.20 28.18
N CYS D 280 9.68 -36.09 27.61
CA CYS D 280 10.07 -36.06 26.21
C CYS D 280 11.39 -36.79 26.05
N ILE D 281 11.40 -37.80 25.18
CA ILE D 281 12.58 -38.66 25.04
C ILE D 281 13.72 -37.88 24.37
N GLY D 282 13.41 -37.08 23.36
CA GLY D 282 14.46 -36.32 22.68
C GLY D 282 15.12 -35.32 23.60
N THR D 283 14.35 -34.62 24.42
CA THR D 283 14.92 -33.72 25.41
C THR D 283 15.78 -34.45 26.41
N LEU D 284 15.43 -35.68 26.76
CA LEU D 284 16.23 -36.49 27.66
C LEU D 284 17.56 -36.89 27.02
N LYS D 285 17.52 -37.33 25.76
CA LYS D 285 18.76 -37.76 25.11
C LYS D 285 19.67 -36.59 24.79
N ASP D 286 19.11 -35.42 24.46
CA ASP D 286 19.94 -34.24 24.26
C ASP D 286 20.68 -33.88 25.54
N TRP D 287 19.97 -33.91 26.66
CA TRP D 287 20.58 -33.65 27.96
C TRP D 287 21.66 -34.68 28.28
N LEU D 288 21.35 -35.96 28.05
CA LEU D 288 22.33 -37.01 28.36
C LEU D 288 23.57 -36.89 27.48
N LYS D 289 23.39 -36.58 26.20
CA LYS D 289 24.53 -36.41 25.31
C LYS D 289 25.36 -35.20 25.69
N ARG D 290 24.70 -34.12 26.10
CA ARG D 290 25.43 -32.95 26.58
C ARG D 290 26.25 -33.29 27.81
N VAL D 291 25.67 -34.02 28.76
CA VAL D 291 26.39 -34.39 29.97
C VAL D 291 27.54 -35.33 29.63
N LEU D 292 27.32 -36.27 28.72
CA LEU D 292 28.38 -37.19 28.32
C LEU D 292 29.53 -36.46 27.64
N SER D 293 29.22 -35.48 26.79
CA SER D 293 30.27 -34.69 26.16
C SER D 293 31.03 -33.87 27.21
N ASP D 294 30.33 -33.34 28.21
CA ASP D 294 31.01 -32.64 29.29
C ASP D 294 31.93 -33.56 30.06
N ALA D 295 31.48 -34.79 30.32
CA ALA D 295 32.27 -35.72 31.12
C ALA D 295 33.49 -36.22 30.34
N LEU D 296 33.33 -36.50 29.05
CA LEU D 296 34.44 -37.02 28.26
C LEU D 296 35.57 -36.00 28.12
N ASP D 297 35.24 -34.71 28.27
CA ASP D 297 36.28 -33.69 28.24
C ASP D 297 37.27 -33.86 29.38
N ARG D 298 36.78 -34.19 30.58
CA ARG D 298 37.62 -34.44 31.74
C ARG D 298 37.93 -35.93 31.92
N GLU D 299 37.46 -36.78 31.01
CA GLU D 299 37.66 -38.23 31.09
C GLU D 299 37.13 -38.79 32.41
N ALA D 300 35.92 -38.36 32.77
CA ALA D 300 35.28 -38.86 33.98
C ALA D 300 34.88 -40.32 33.81
N THR D 301 34.94 -41.07 34.90
CA THR D 301 34.57 -42.49 34.86
C THR D 301 33.08 -42.72 35.12
N THR D 302 32.34 -41.70 35.54
CA THR D 302 30.93 -41.88 35.86
C THR D 302 30.23 -40.52 35.80
N ILE D 303 28.90 -40.57 35.72
CA ILE D 303 28.11 -39.34 35.72
C ILE D 303 27.62 -39.04 37.13
N THR D 304 27.86 -37.83 37.59
CA THR D 304 27.39 -37.37 38.89
C THR D 304 26.18 -36.46 38.72
N LEU D 305 25.43 -36.30 39.82
CA LEU D 305 24.26 -35.43 39.78
C LEU D 305 24.66 -33.98 39.52
N LYS D 306 25.85 -33.58 39.96
CA LYS D 306 26.32 -32.22 39.69
C LYS D 306 26.49 -31.99 38.20
N ASP D 307 27.02 -32.99 37.48
CA ASP D 307 27.16 -32.85 36.03
C ASP D 307 25.81 -32.71 35.35
N LEU D 308 24.82 -33.48 35.80
CA LEU D 308 23.47 -33.35 35.23
C LEU D 308 22.89 -31.98 35.52
N GLN D 309 23.08 -31.47 36.74
CA GLN D 309 22.53 -30.17 37.09
C GLN D 309 23.23 -29.03 36.34
N LYS D 310 24.51 -29.20 36.01
CA LYS D 310 25.26 -28.13 35.38
C LYS D 310 24.68 -27.78 34.01
N ARG D 311 24.32 -28.79 33.22
CA ARG D 311 23.84 -28.58 31.86
C ARG D 311 22.40 -29.04 31.69
N ALA D 312 21.55 -28.71 32.65
CA ALA D 312 20.12 -29.02 32.56
C ALA D 312 19.39 -27.82 31.96
N LEU D 313 18.06 -27.85 32.01
CA LEU D 313 17.26 -26.74 31.52
C LEU D 313 16.76 -25.88 32.68
N SER D 314 16.60 -24.59 32.42
CA SER D 314 16.14 -23.67 33.44
C SER D 314 14.70 -23.96 33.84
N VAL D 315 14.35 -23.56 35.06
CA VAL D 315 13.00 -23.82 35.56
C VAL D 315 11.96 -23.06 34.75
N ALA D 316 12.27 -21.82 34.33
CA ALA D 316 11.33 -21.05 33.54
C ALA D 316 11.09 -21.71 32.19
N GLN D 317 12.14 -22.23 31.57
CA GLN D 317 12.00 -22.93 30.29
C GLN D 317 11.05 -24.11 30.43
N CYS D 318 11.26 -24.94 31.45
CA CYS D 318 10.39 -26.09 31.67
C CYS D 318 8.97 -25.66 32.02
N GLN D 319 8.81 -24.54 32.71
CA GLN D 319 7.47 -24.02 33.00
C GLN D 319 6.74 -23.69 31.70
N LYS D 320 7.42 -23.01 30.77
CA LYS D 320 6.81 -22.70 29.49
C LYS D 320 6.50 -23.99 28.71
N MET D 321 7.44 -24.94 28.73
CA MET D 321 7.23 -26.24 28.12
C MET D 321 5.93 -26.88 28.63
N PHE D 322 5.79 -26.94 29.95
CA PHE D 322 4.67 -27.65 30.54
C PHE D 322 3.36 -26.90 30.32
N LYS D 323 3.40 -25.56 30.29
CA LYS D 323 2.21 -24.81 29.96
C LYS D 323 1.72 -25.13 28.55
N GLU D 324 2.64 -25.11 27.58
CA GLU D 324 2.25 -25.43 26.21
C GLU D 324 1.76 -26.87 26.09
N ILE D 325 2.44 -27.80 26.77
CA ILE D 325 2.05 -29.21 26.71
C ILE D 325 0.68 -29.42 27.34
N GLN D 326 0.41 -28.74 28.45
CA GLN D 326 -0.90 -28.83 29.08
C GLN D 326 -1.99 -28.31 28.15
N GLU D 327 -1.74 -27.18 27.50
CA GLU D 327 -2.73 -26.65 26.56
C GLU D 327 -2.98 -27.63 25.42
N GLY D 328 -1.91 -28.20 24.86
CA GLY D 328 -2.07 -29.14 23.76
C GLY D 328 -2.82 -30.39 24.17
N GLU D 329 -2.46 -30.96 25.32
CA GLU D 329 -3.11 -32.19 25.77
C GLU D 329 -4.57 -31.94 26.14
N ARG D 330 -4.87 -30.76 26.69
CA ARG D 330 -6.26 -30.40 26.93
C ARG D 330 -7.05 -30.30 25.64
N GLN D 331 -6.44 -29.71 24.61
CA GLN D 331 -7.13 -29.59 23.33
C GLN D 331 -7.35 -30.96 22.68
N LEU D 332 -6.37 -31.85 22.78
CA LEU D 332 -6.42 -33.13 22.08
C LEU D 332 -7.10 -34.23 22.88
N SER D 333 -7.55 -33.95 24.11
CA SER D 333 -8.16 -34.98 24.93
C SER D 333 -9.50 -35.42 24.37
N GLU D 334 -9.75 -36.73 24.44
CA GLU D 334 -11.00 -37.32 24.00
C GLU D 334 -11.58 -38.16 25.12
N THR D 335 -12.85 -37.94 25.45
CA THR D 335 -13.51 -38.63 26.54
C THR D 335 -14.80 -39.29 26.04
N GLU D 336 -15.33 -40.20 26.87
CA GLU D 336 -16.60 -40.82 26.56
C GLU D 336 -17.73 -39.81 26.51
N ALA D 337 -17.61 -38.72 27.28
CA ALA D 337 -18.63 -37.69 27.27
C ALA D 337 -18.77 -37.07 25.88
N ASP D 338 -17.65 -36.84 25.19
CA ASP D 338 -17.72 -36.30 23.83
C ASP D 338 -18.43 -37.27 22.89
N VAL D 339 -18.13 -38.57 23.01
CA VAL D 339 -18.77 -39.56 22.16
C VAL D 339 -20.28 -39.58 22.40
N GLN D 340 -20.68 -39.54 23.67
CA GLN D 340 -22.10 -39.54 24.00
C GLN D 340 -22.79 -38.27 23.50
N ASN D 341 -22.10 -37.13 23.61
CA ASN D 341 -22.66 -35.87 23.13
C ASN D 341 -22.87 -35.93 21.61
N LEU D 342 -21.87 -36.46 20.89
CA LEU D 342 -22.02 -36.58 19.45
C LEU D 342 -23.14 -37.55 19.09
N ARG D 343 -23.26 -38.65 19.83
CA ARG D 343 -24.32 -39.61 19.59
C ARG D 343 -25.69 -38.97 19.78
N SER D 344 -25.85 -38.19 20.87
CA SER D 344 -27.13 -37.53 21.12
C SER D 344 -27.44 -36.48 20.08
N ALA D 345 -26.45 -35.69 19.68
CA ALA D 345 -26.69 -34.65 18.69
C ALA D 345 -27.00 -35.25 17.32
N LEU D 346 -26.42 -36.41 17.02
CA LEU D 346 -26.66 -37.06 15.74
C LEU D 346 -28.05 -37.66 15.65
N GLY D 347 -28.74 -37.83 16.79
CA GLY D 347 -30.05 -38.44 16.81
C GLY D 347 -30.06 -39.95 16.83
N LEU D 348 -28.88 -40.59 16.82
CA LEU D 348 -28.82 -42.04 16.83
C LEU D 348 -29.34 -42.61 18.15
N GLY D 349 -28.87 -42.08 19.27
CA GLY D 349 -29.24 -42.59 20.57
C GLY D 349 -28.49 -43.87 20.92
N ALA D 350 -28.16 -43.98 22.20
CA ALA D 350 -27.40 -45.12 22.74
C ALA D 350 -26.08 -45.33 21.99
N THR E 8 52.15 -10.60 38.04
CA THR E 8 52.62 -9.94 39.25
C THR E 8 52.48 -8.43 39.14
N GLY E 9 52.51 -7.92 37.90
CA GLY E 9 52.39 -6.50 37.67
C GLY E 9 52.85 -6.15 36.28
N PHE E 10 52.69 -4.86 35.96
CA PHE E 10 53.09 -4.37 34.65
C PHE E 10 54.62 -4.37 34.53
N PRO E 11 55.15 -4.55 33.33
CA PRO E 11 56.60 -4.49 33.13
C PRO E 11 57.15 -3.11 33.46
N LEU E 12 58.10 -3.07 34.40
CA LEU E 12 58.63 -1.80 34.87
C LEU E 12 59.40 -1.05 33.79
N GLU E 13 59.85 -1.75 32.74
CA GLU E 13 60.56 -1.10 31.65
C GLU E 13 59.66 -0.24 30.78
N LEU E 14 58.34 -0.34 30.93
CA LEU E 14 57.43 0.46 30.13
C LEU E 14 57.47 1.94 30.50
N LEU E 15 58.07 2.29 31.63
CA LEU E 15 58.13 3.69 32.04
C LEU E 15 58.95 4.51 31.04
N THR E 16 60.03 3.95 30.51
CA THR E 16 60.85 4.67 29.54
C THR E 16 60.15 4.80 28.19
N ARG E 17 59.13 4.00 27.91
CA ARG E 17 58.41 4.07 26.67
C ARG E 17 57.47 5.28 26.65
N PRO E 18 57.10 5.78 25.48
CA PRO E 18 56.16 6.89 25.40
C PRO E 18 54.77 6.47 25.89
N ALA E 19 53.93 7.49 26.11
CA ALA E 19 52.61 7.26 26.69
C ALA E 19 51.75 6.37 25.80
N THR E 20 51.97 6.40 24.48
CA THR E 20 51.20 5.57 23.57
C THR E 20 51.44 4.08 23.85
N GLU E 21 52.70 3.71 24.11
CA GLU E 21 53.01 2.32 24.41
C GLU E 21 52.33 1.87 25.70
N ARG E 22 52.36 2.71 26.74
CA ARG E 22 51.71 2.35 28.00
C ARG E 22 50.20 2.23 27.82
N LEU E 23 49.60 3.14 27.06
CA LEU E 23 48.16 3.05 26.81
C LEU E 23 47.80 1.79 26.05
N ALA E 24 48.61 1.44 25.04
CA ALA E 24 48.37 0.21 24.30
C ALA E 24 48.51 -1.02 25.19
N TYR E 25 49.52 -1.03 26.07
CA TYR E 25 49.68 -2.15 26.99
C TYR E 25 48.48 -2.28 27.92
N PHE E 26 48.01 -1.16 28.47
CA PHE E 26 46.87 -1.23 29.37
C PHE E 26 45.61 -1.68 28.64
N GLU E 27 45.42 -1.20 27.40
CA GLU E 27 44.26 -1.63 26.63
C GLU E 27 44.32 -3.12 26.32
N ASN E 28 45.51 -3.63 26.01
CA ASN E 28 45.65 -5.05 25.70
C ASN E 28 45.39 -5.92 26.92
N TYR E 29 45.71 -5.42 28.11
CA TYR E 29 45.57 -6.21 29.31
C TYR E 29 44.11 -6.54 29.58
N THR E 30 43.84 -7.80 29.89
CA THR E 30 42.51 -8.28 30.24
C THR E 30 42.62 -9.15 31.49
N VAL E 31 41.70 -8.94 32.44
CA VAL E 31 41.70 -9.67 33.70
C VAL E 31 40.66 -10.79 33.60
N ALA E 32 40.98 -11.94 34.19
CA ALA E 32 40.08 -13.10 34.17
C ALA E 32 39.38 -13.18 35.51
N HIS E 33 38.37 -12.34 35.70
CA HIS E 33 37.66 -12.40 36.97
C HIS E 33 36.72 -13.61 37.00
N PRO E 34 36.40 -14.10 38.20
CA PRO E 34 35.70 -15.40 38.30
C PRO E 34 34.40 -15.47 37.52
N ARG E 35 33.60 -14.41 37.51
CA ARG E 35 32.35 -14.44 36.74
C ARG E 35 32.64 -14.66 35.26
N LEU E 36 33.57 -13.89 34.71
CA LEU E 36 33.95 -14.06 33.31
C LEU E 36 34.56 -15.43 33.07
N LYS E 37 35.38 -15.92 34.00
CA LYS E 37 36.00 -17.24 33.82
C LYS E 37 34.95 -18.33 33.74
N GLU E 38 33.98 -18.33 34.67
CA GLU E 38 32.96 -19.38 34.67
C GLU E 38 32.03 -19.24 33.47
N VAL E 39 31.70 -18.01 33.08
CA VAL E 39 30.84 -17.82 31.91
C VAL E 39 31.55 -18.29 30.65
N TYR E 40 32.85 -18.00 30.54
CA TYR E 40 33.62 -18.48 29.40
C TYR E 40 33.69 -20.00 29.37
N GLU E 41 33.88 -20.62 30.54
CA GLU E 41 33.91 -22.08 30.60
C GLU E 41 32.58 -22.67 30.14
N ILE E 42 31.47 -22.11 30.64
CA ILE E 42 30.15 -22.61 30.26
C ILE E 42 29.92 -22.44 28.76
N LEU E 43 30.28 -21.27 28.22
CA LEU E 43 30.06 -21.00 26.80
C LEU E 43 30.90 -21.93 25.93
N MET E 44 32.17 -22.13 26.30
CA MET E 44 33.02 -23.01 25.51
C MET E 44 32.52 -24.44 25.55
N ARG E 45 32.09 -24.92 26.73
CA ARG E 45 31.57 -26.28 26.83
C ARG E 45 30.29 -26.42 26.02
N THR E 46 29.42 -25.41 26.02
CA THR E 46 28.19 -25.47 25.24
C THR E 46 28.50 -25.46 23.74
N ILE E 47 29.47 -24.66 23.31
CA ILE E 47 29.84 -24.62 21.90
C ILE E 47 30.44 -25.95 21.47
N ALA E 48 31.22 -26.59 22.35
CA ALA E 48 31.84 -27.87 22.00
C ALA E 48 30.79 -28.92 21.65
N GLU E 49 29.63 -28.87 22.28
CA GLU E 49 28.54 -29.81 21.98
C GLU E 49 27.22 -29.15 22.32
N PRO E 50 26.54 -28.56 21.34
CA PRO E 50 25.22 -27.96 21.63
C PRO E 50 24.19 -29.00 22.04
N ALA E 51 24.29 -30.23 21.53
CA ALA E 51 23.37 -31.32 21.87
C ALA E 51 21.92 -30.91 21.61
N GLY E 52 21.63 -30.63 20.34
CA GLY E 52 20.30 -30.28 19.91
C GLY E 52 19.89 -28.85 20.15
N ALA E 53 20.69 -28.08 20.88
CA ALA E 53 20.37 -26.69 21.11
C ALA E 53 20.57 -25.88 19.83
N SER E 54 19.71 -24.88 19.64
CA SER E 54 19.76 -24.02 18.47
C SER E 54 20.06 -22.56 18.80
N PHE E 55 20.03 -22.17 20.06
CA PHE E 55 20.33 -20.81 20.46
C PHE E 55 21.15 -20.81 21.74
N ILE E 56 21.99 -19.79 21.89
CA ILE E 56 22.68 -19.50 23.14
C ILE E 56 22.39 -18.05 23.48
N PHE E 57 21.67 -17.83 24.57
CA PHE E 57 21.32 -16.47 24.99
C PHE E 57 22.29 -16.03 26.07
N VAL E 58 23.29 -15.24 25.67
CA VAL E 58 24.24 -14.65 26.60
C VAL E 58 23.83 -13.20 26.77
N TYR E 59 23.28 -12.88 27.93
CA TYR E 59 22.90 -11.50 28.21
C TYR E 59 23.59 -11.04 29.47
N GLY E 60 23.88 -9.76 29.57
CA GLY E 60 24.62 -9.26 30.71
C GLY E 60 24.37 -7.80 31.00
N ALA E 61 24.82 -7.34 32.16
CA ALA E 61 24.65 -5.95 32.54
C ALA E 61 25.42 -5.06 31.60
N SER E 62 24.95 -3.83 31.38
CA SER E 62 25.72 -2.92 30.57
C SER E 62 27.02 -2.77 31.33
N GLY E 63 28.15 -2.91 30.65
CA GLY E 63 29.45 -2.87 31.30
C GLY E 63 30.05 -4.24 31.60
N VAL E 64 29.27 -5.32 31.51
CA VAL E 64 29.78 -6.65 31.90
C VAL E 64 30.95 -7.28 31.09
N GLY E 65 30.92 -7.19 29.76
CA GLY E 65 31.97 -7.82 28.96
C GLY E 65 31.54 -8.88 27.95
N LYS E 66 30.28 -8.88 27.53
CA LYS E 66 29.80 -9.81 26.57
C LYS E 66 30.58 -9.79 25.28
N THR E 67 31.07 -8.66 24.84
CA THR E 67 31.80 -8.51 23.59
C THR E 67 33.24 -9.02 23.73
N THR E 68 33.88 -8.74 24.87
CA THR E 68 35.21 -9.28 25.11
C THR E 68 35.17 -10.81 25.18
N LEU E 69 34.13 -11.36 25.81
CA LEU E 69 33.94 -12.80 25.81
C LEU E 69 33.83 -13.34 24.40
N ARG E 70 33.04 -12.68 23.56
CA ARG E 70 32.87 -13.13 22.18
C ARG E 70 34.19 -13.13 21.43
N LEU E 71 34.95 -12.04 21.56
CA LEU E 71 36.24 -11.97 20.88
C LEU E 71 37.20 -13.05 21.38
N ARG E 72 37.23 -13.27 22.69
CA ARG E 72 38.15 -14.26 23.23
C ARG E 72 37.80 -15.67 22.76
N VAL E 73 36.50 -16.02 22.82
CA VAL E 73 36.11 -17.37 22.41
C VAL E 73 36.31 -17.54 20.91
N GLU E 74 36.07 -16.48 20.14
CA GLU E 74 36.32 -16.53 18.71
C GLU E 74 37.79 -16.80 18.42
N GLN E 75 38.69 -16.06 19.07
CA GLN E 75 40.11 -16.27 18.83
C GLN E 75 40.57 -17.65 19.30
N LYS E 76 40.02 -18.12 20.41
CA LYS E 76 40.40 -19.45 20.90
C LYS E 76 39.95 -20.54 19.93
N LEU E 77 38.70 -20.46 19.46
CA LEU E 77 38.19 -21.46 18.55
C LEU E 77 38.93 -21.43 17.22
N THR E 78 39.22 -20.25 16.69
CA THR E 78 39.92 -20.20 15.41
C THR E 78 41.36 -20.67 15.54
N GLU E 79 42.04 -20.34 16.65
CA GLU E 79 43.40 -20.83 16.83
C GLU E 79 43.45 -22.31 17.14
N LEU E 80 42.36 -22.88 17.67
CA LEU E 80 42.30 -24.32 17.84
C LEU E 80 42.04 -25.03 16.52
N ALA E 81 41.18 -24.45 15.68
CA ALA E 81 40.84 -25.07 14.40
C ALA E 81 41.93 -24.90 13.36
N LEU E 82 42.74 -23.86 13.46
CA LEU E 82 43.76 -23.61 12.44
C LEU E 82 44.74 -24.76 12.23
N PRO E 83 45.27 -25.42 13.26
CA PRO E 83 46.21 -26.54 13.00
C PRO E 83 45.59 -27.68 12.22
N LYS E 84 44.26 -27.80 12.19
CA LYS E 84 43.58 -28.87 11.47
C LYS E 84 42.97 -28.40 10.16
N LEU E 85 43.29 -27.17 9.72
CA LEU E 85 42.66 -26.59 8.54
C LEU E 85 43.11 -27.26 7.23
N GLU E 86 44.13 -28.11 7.27
CA GLU E 86 44.64 -28.72 6.04
C GLU E 86 43.76 -29.86 5.53
N SER E 87 42.74 -30.27 6.28
CA SER E 87 41.84 -31.33 5.85
C SER E 87 40.43 -30.85 5.53
N ASP E 88 40.09 -29.62 5.90
CA ASP E 88 38.75 -29.05 5.73
C ASP E 88 38.87 -27.65 5.14
N ARG E 89 39.62 -27.53 4.05
CA ARG E 89 40.01 -26.23 3.50
C ARG E 89 38.82 -25.28 3.37
N ALA E 90 37.66 -25.81 2.98
CA ALA E 90 36.48 -24.97 2.82
C ALA E 90 35.84 -24.58 4.15
N ARG E 91 36.26 -25.15 5.26
CA ARG E 91 35.64 -24.88 6.55
C ARG E 91 36.21 -23.60 7.17
N VAL E 92 35.33 -22.83 7.80
CA VAL E 92 35.70 -21.68 8.61
C VAL E 92 35.29 -21.97 10.04
N PRO E 93 36.10 -21.64 11.04
CA PRO E 93 35.77 -22.04 12.42
C PRO E 93 34.56 -21.33 13.00
N VAL E 94 34.57 -19.99 12.99
CA VAL E 94 33.54 -19.20 13.65
C VAL E 94 33.21 -17.99 12.79
N VAL E 95 31.93 -17.64 12.74
CA VAL E 95 31.45 -16.47 12.01
C VAL E 95 30.86 -15.49 13.02
N GLY E 96 31.31 -14.24 12.94
CA GLY E 96 30.80 -13.20 13.83
C GLY E 96 30.22 -12.03 13.09
N ILE E 97 29.05 -11.56 13.53
CA ILE E 97 28.37 -10.44 12.88
C ILE E 97 27.53 -9.71 13.92
N GLU E 98 27.58 -8.39 13.89
CA GLU E 98 26.81 -7.55 14.80
C GLU E 98 25.46 -7.23 14.16
N ALA E 99 24.40 -7.26 14.96
CA ALA E 99 23.05 -7.07 14.46
C ALA E 99 22.87 -5.66 13.92
N ILE E 100 22.05 -5.53 12.88
CA ILE E 100 21.79 -4.24 12.25
C ILE E 100 20.71 -3.52 13.03
N ALA E 101 21.02 -2.34 13.55
CA ALA E 101 19.96 -1.49 14.10
C ALA E 101 19.29 -0.73 12.96
N PRO E 102 18.01 -0.96 12.72
CA PRO E 102 17.35 -0.39 11.54
C PRO E 102 16.91 1.05 11.74
N GLU E 103 17.04 1.83 10.68
CA GLU E 103 16.51 3.18 10.67
C GLU E 103 14.99 3.22 10.55
N SER E 104 14.39 2.19 9.96
CA SER E 104 12.95 2.10 9.83
C SER E 104 12.35 1.53 11.12
N ARG E 105 11.03 1.35 11.12
CA ARG E 105 10.33 0.86 12.30
C ARG E 105 10.57 -0.62 12.55
N TYR E 106 11.03 -1.37 11.56
CA TYR E 106 11.19 -2.81 11.70
C TYR E 106 12.59 -3.23 11.28
N PHE E 107 13.04 -4.35 11.83
CA PHE E 107 14.34 -4.90 11.51
C PHE E 107 14.43 -5.28 10.04
N ASN E 108 15.58 -5.03 9.44
CA ASN E 108 15.82 -5.29 8.02
C ASN E 108 16.50 -6.64 7.90
N TRP E 109 15.76 -7.65 7.45
CA TRP E 109 16.33 -8.98 7.29
C TRP E 109 17.21 -9.07 6.06
N LYS E 110 16.88 -8.32 5.00
CA LYS E 110 17.68 -8.36 3.79
C LYS E 110 19.10 -7.88 4.06
N GLU E 111 19.24 -6.77 4.79
CA GLU E 111 20.57 -6.27 5.10
C GLU E 111 21.32 -7.21 6.03
N TYR E 112 20.61 -7.85 6.96
CA TYR E 112 21.26 -8.83 7.84
C TYR E 112 21.80 -10.00 7.05
N TYR E 113 21.01 -10.52 6.10
CA TYR E 113 21.49 -11.60 5.24
C TYR E 113 22.66 -11.15 4.39
N THR E 114 22.61 -9.92 3.87
CA THR E 114 23.73 -9.41 3.08
C THR E 114 25.01 -9.32 3.90
N ARG E 115 24.89 -8.82 5.13
CA ARG E 115 26.07 -8.74 6.01
C ARG E 115 26.61 -10.12 6.35
N ALA E 116 25.71 -11.07 6.62
CA ALA E 116 26.16 -12.44 6.92
C ALA E 116 26.88 -13.05 5.73
N LEU E 117 26.36 -12.84 4.53
CA LEU E 117 27.02 -13.35 3.33
C LEU E 117 28.37 -12.68 3.11
N ILE E 118 28.45 -11.36 3.35
CA ILE E 118 29.70 -10.63 3.15
C ILE E 118 30.75 -11.12 4.13
N THR E 119 30.35 -11.36 5.39
CA THR E 119 31.30 -11.83 6.39
C THR E 119 31.89 -13.19 6.03
N LEU E 120 31.19 -13.95 5.19
CA LEU E 120 31.67 -15.27 4.75
C LEU E 120 32.58 -15.13 3.53
N GLU E 121 33.69 -14.44 3.73
CA GLU E 121 34.73 -14.29 2.71
C GLU E 121 36.06 -14.77 3.27
N GLU E 122 36.81 -15.51 2.45
CA GLU E 122 38.07 -16.10 2.87
C GLU E 122 39.00 -16.16 1.67
N PRO E 123 40.32 -16.22 1.89
CA PRO E 123 41.25 -16.07 0.74
C PRO E 123 41.05 -17.07 -0.38
N LEU E 124 40.74 -18.33 -0.06
CA LEU E 124 40.52 -19.34 -1.10
C LEU E 124 39.07 -19.33 -1.58
N ILE E 125 38.59 -18.13 -1.91
CA ILE E 125 37.18 -17.90 -2.20
C ILE E 125 36.71 -18.57 -3.50
N ASP E 126 37.64 -18.90 -4.39
CA ASP E 126 37.26 -19.28 -5.76
C ASP E 126 36.47 -20.58 -5.79
N HIS E 127 36.72 -21.50 -4.86
CA HIS E 127 36.14 -22.83 -4.99
C HIS E 127 34.63 -22.82 -4.78
N LYS E 128 34.13 -21.87 -3.99
CA LYS E 128 32.68 -21.75 -3.81
C LYS E 128 32.00 -21.44 -5.14
N PHE E 129 32.53 -20.47 -5.88
CA PHE E 129 31.99 -20.05 -7.18
C PHE E 129 30.53 -19.64 -6.98
N ASP E 130 29.57 -20.25 -7.67
CA ASP E 130 28.18 -19.87 -7.51
C ASP E 130 27.64 -20.38 -6.17
N TYR E 131 26.78 -19.55 -5.56
CA TYR E 131 26.12 -19.91 -4.32
C TYR E 131 24.75 -20.53 -4.54
N GLY E 132 24.36 -20.78 -5.78
CA GLY E 132 23.08 -21.37 -6.09
C GLY E 132 22.01 -20.41 -6.58
N VAL E 133 22.27 -19.11 -6.54
CA VAL E 133 21.31 -18.11 -7.01
C VAL E 133 22.04 -17.11 -7.88
N ARG E 134 21.27 -16.41 -8.70
CA ARG E 134 21.81 -15.38 -9.59
C ARG E 134 21.92 -14.06 -8.86
N GLY E 135 22.91 -13.26 -9.27
CA GLY E 135 23.15 -11.97 -8.66
C GLY E 135 24.11 -11.97 -7.50
N ILE E 136 24.54 -13.14 -7.04
CA ILE E 136 25.50 -13.27 -5.95
C ILE E 136 26.77 -13.89 -6.53
N SER E 137 27.86 -13.13 -6.54
CA SER E 137 29.11 -13.60 -7.12
C SER E 137 30.25 -12.74 -6.58
N ARG E 138 31.42 -12.92 -7.20
CA ARG E 138 32.61 -12.17 -6.85
C ARG E 138 33.23 -11.52 -8.08
N ASP E 139 34.11 -10.56 -7.84
CA ASP E 139 34.83 -9.86 -8.90
C ASP E 139 36.34 -10.07 -8.79
N ASN E 140 36.76 -11.18 -8.20
CA ASN E 140 38.17 -11.52 -8.01
C ASN E 140 38.90 -10.52 -7.12
N PHE E 141 38.17 -9.56 -6.56
CA PHE E 141 38.72 -8.62 -5.61
C PHE E 141 38.25 -9.01 -4.20
N GLY E 142 38.54 -8.15 -3.21
CA GLY E 142 38.13 -8.44 -1.85
C GLY E 142 36.71 -8.01 -1.56
N LYS E 143 35.81 -8.18 -2.53
CA LYS E 143 34.42 -7.77 -2.39
C LYS E 143 33.51 -8.86 -2.91
N ILE E 144 32.41 -9.09 -2.19
CA ILE E 144 31.33 -9.95 -2.66
C ILE E 144 30.19 -9.04 -3.07
N ASN E 145 29.89 -9.00 -4.36
CA ASN E 145 28.84 -8.12 -4.85
C ASN E 145 27.46 -8.78 -4.73
N VAL E 146 26.45 -7.96 -4.45
CA VAL E 146 25.06 -8.41 -4.39
C VAL E 146 24.20 -7.37 -5.10
N GLU E 147 23.27 -7.86 -5.93
CA GLU E 147 22.36 -6.96 -6.62
C GLU E 147 21.26 -6.48 -5.69
N SER E 148 20.91 -5.20 -5.80
CA SER E 148 19.87 -4.63 -4.95
C SER E 148 18.49 -5.19 -5.28
N LYS E 149 18.34 -5.87 -6.40
CA LYS E 149 17.07 -6.47 -6.80
C LYS E 149 16.91 -7.91 -6.34
N VAL E 150 17.90 -8.46 -5.64
CA VAL E 150 17.80 -9.84 -5.17
C VAL E 150 16.85 -9.88 -3.98
N VAL E 151 15.82 -10.71 -4.07
CA VAL E 151 14.80 -10.77 -3.02
C VAL E 151 15.39 -11.41 -1.77
N ALA E 152 14.79 -11.10 -0.63
CA ALA E 152 15.24 -11.65 0.64
C ALA E 152 15.21 -13.18 0.69
N PRO E 153 14.16 -13.87 0.22
CA PRO E 153 14.21 -15.34 0.25
C PRO E 153 15.38 -15.93 -0.52
N ALA E 154 15.71 -15.35 -1.68
CA ALA E 154 16.88 -15.83 -2.42
C ALA E 154 18.16 -15.60 -1.63
N LEU E 155 18.26 -14.45 -0.97
CA LEU E 155 19.43 -14.17 -0.14
C LEU E 155 19.56 -15.16 1.00
N ARG E 156 18.45 -15.49 1.66
CA ARG E 156 18.51 -16.44 2.76
C ARG E 156 18.79 -17.85 2.28
N ARG E 157 18.30 -18.21 1.08
CA ARG E 157 18.65 -19.51 0.53
C ARG E 157 20.14 -19.61 0.22
N ALA E 158 20.71 -18.54 -0.36
CA ALA E 158 22.14 -18.52 -0.60
C ALA E 158 22.92 -18.58 0.70
N LEU E 159 22.45 -17.87 1.73
CA LEU E 159 23.11 -17.92 3.03
C LEU E 159 23.03 -19.32 3.63
N GLU E 160 21.89 -20.00 3.47
CA GLU E 160 21.78 -21.37 3.96
C GLU E 160 22.77 -22.29 3.26
N ASN E 161 22.87 -22.16 1.94
CA ASN E 161 23.82 -22.99 1.20
C ASN E 161 25.25 -22.71 1.65
N ALA E 162 25.60 -21.43 1.80
CA ALA E 162 26.96 -21.07 2.21
C ALA E 162 27.25 -21.58 3.63
N LEU E 163 26.30 -21.45 4.54
CA LEU E 163 26.52 -21.89 5.91
C LEU E 163 26.62 -23.42 5.99
N ILE E 164 25.83 -24.12 5.17
CA ILE E 164 25.92 -25.57 5.13
C ILE E 164 27.28 -26.01 4.60
N HIS E 165 27.77 -25.36 3.54
CA HIS E 165 29.06 -25.74 2.99
C HIS E 165 30.23 -25.39 3.90
N ARG E 166 30.24 -24.18 4.46
CA ARG E 166 31.35 -23.75 5.31
C ARG E 166 31.37 -24.52 6.63
N HIS E 167 30.21 -24.82 7.19
CA HIS E 167 30.06 -25.58 8.42
C HIS E 167 30.81 -24.94 9.58
N PRO E 168 30.48 -23.72 9.98
CA PRO E 168 31.14 -23.12 11.14
C PRO E 168 30.64 -23.72 12.45
N ASP E 169 31.49 -23.65 13.48
CA ASP E 169 31.10 -24.18 14.78
C ASP E 169 29.98 -23.37 15.42
N VAL E 170 30.01 -22.04 15.30
CA VAL E 170 29.01 -21.19 15.94
C VAL E 170 28.88 -19.91 15.13
N PHE E 171 27.65 -19.45 14.98
CA PHE E 171 27.35 -18.18 14.31
C PHE E 171 27.05 -17.14 15.38
N PHE E 172 28.02 -16.26 15.62
CA PHE E 172 27.90 -15.26 16.68
C PHE E 172 27.13 -14.05 16.17
N VAL E 173 26.14 -13.63 16.94
CA VAL E 173 25.37 -12.42 16.66
C VAL E 173 25.50 -11.48 17.85
N ASP E 174 26.18 -10.35 17.65
CA ASP E 174 26.35 -9.36 18.70
C ASP E 174 25.22 -8.33 18.63
N GLU E 175 24.96 -7.70 19.77
CA GLU E 175 23.89 -6.72 19.90
C GLU E 175 22.55 -7.32 19.44
N ALA E 176 22.28 -8.55 19.87
CA ALA E 176 21.11 -9.27 19.41
C ALA E 176 19.80 -8.63 19.85
N GLN E 177 19.82 -7.71 20.81
CA GLN E 177 18.60 -7.03 21.22
C GLN E 177 18.02 -6.14 20.13
N HIS E 178 18.80 -5.86 19.08
CA HIS E 178 18.26 -5.08 17.96
C HIS E 178 17.20 -5.85 17.18
N PHE E 179 17.10 -7.16 17.38
CA PHE E 179 16.02 -7.93 16.77
C PHE E 179 14.65 -7.50 17.28
N GLY E 180 14.60 -6.84 18.44
CA GLY E 180 13.34 -6.40 19.00
C GLY E 180 12.72 -5.21 18.28
N LYS E 181 13.47 -4.55 17.41
CA LYS E 181 12.93 -3.43 16.65
C LYS E 181 11.97 -3.96 15.58
N VAL E 182 10.68 -4.03 15.91
CA VAL E 182 9.68 -4.62 15.05
C VAL E 182 8.47 -3.70 14.99
N ALA E 183 7.44 -4.14 14.28
CA ALA E 183 6.20 -3.38 14.12
C ALA E 183 5.32 -3.58 15.35
N SER E 184 4.05 -3.20 15.24
CA SER E 184 3.10 -3.28 16.35
C SER E 184 2.54 -4.68 16.55
N GLY E 185 2.79 -5.62 15.65
CA GLY E 185 2.27 -6.96 15.77
C GLY E 185 3.07 -7.79 16.75
N TYR E 186 2.69 -9.07 16.84
CA TYR E 186 3.39 -10.02 17.70
C TYR E 186 4.65 -10.52 17.00
N LYS E 187 5.45 -9.57 16.51
CA LYS E 187 6.57 -9.90 15.63
C LYS E 187 7.76 -10.49 16.36
N LEU E 188 7.80 -10.46 17.69
CA LEU E 188 8.93 -11.05 18.41
C LEU E 188 9.02 -12.54 18.16
N GLN E 189 7.89 -13.24 18.27
CA GLN E 189 7.87 -14.67 18.02
C GLN E 189 8.22 -14.97 16.56
N ASP E 190 7.74 -14.14 15.65
CA ASP E 190 8.04 -14.35 14.23
C ASP E 190 9.54 -14.19 13.96
N GLN E 191 10.16 -13.17 14.55
CA GLN E 191 11.60 -12.96 14.36
C GLN E 191 12.38 -14.14 14.92
N LEU E 192 12.06 -14.55 16.15
CA LEU E 192 12.81 -15.65 16.75
C LEU E 192 12.55 -16.96 16.01
N ASP E 193 11.35 -17.13 15.46
CA ASP E 193 11.05 -18.31 14.67
C ASP E 193 11.83 -18.32 13.36
N CYS E 194 11.98 -17.17 12.73
CA CYS E 194 12.81 -17.08 11.53
C CYS E 194 14.26 -17.44 11.84
N LEU E 195 14.78 -16.92 12.96
CA LEU E 195 16.15 -17.28 13.35
C LEU E 195 16.26 -18.77 13.65
N LYS E 196 15.26 -19.34 14.32
CA LYS E 196 15.28 -20.76 14.63
C LYS E 196 15.24 -21.61 13.36
N SER E 197 14.43 -21.20 12.39
CA SER E 197 14.36 -21.92 11.13
C SER E 197 15.70 -21.87 10.40
N LEU E 198 16.32 -20.69 10.37
CA LEU E 198 17.63 -20.58 9.73
C LEU E 198 18.65 -21.48 10.40
N ALA E 199 18.71 -21.44 11.73
CA ALA E 199 19.68 -22.26 12.45
C ALA E 199 19.40 -23.75 12.27
N ASN E 200 18.13 -24.14 12.26
CA ASN E 200 17.78 -25.55 12.15
C ASN E 200 18.07 -26.10 10.77
N MET E 201 17.70 -25.36 9.71
CA MET E 201 18.00 -25.82 8.37
C MET E 201 19.50 -25.84 8.11
N THR E 202 20.22 -24.81 8.58
CA THR E 202 21.67 -24.78 8.41
C THR E 202 22.39 -25.71 9.37
N GLY E 203 21.75 -26.12 10.46
CA GLY E 203 22.44 -26.93 11.46
C GLY E 203 23.59 -26.23 12.12
N ILE E 204 23.51 -24.91 12.28
CA ILE E 204 24.57 -24.10 12.85
C ILE E 204 24.06 -23.45 14.13
N LEU E 205 24.76 -23.69 15.23
CA LEU E 205 24.36 -23.12 16.51
C LEU E 205 24.55 -21.60 16.49
N HIS E 206 23.53 -20.87 16.90
CA HIS E 206 23.55 -19.43 16.94
C HIS E 206 23.66 -18.94 18.38
N CYS E 207 24.62 -18.08 18.65
CA CYS E 207 24.80 -17.48 19.96
C CYS E 207 24.44 -16.00 19.88
N LEU E 208 23.45 -15.59 20.65
CA LEU E 208 22.95 -14.23 20.65
C LEU E 208 23.47 -13.50 21.88
N LEU E 209 24.16 -12.39 21.67
CA LEU E 209 24.69 -11.56 22.75
C LEU E 209 23.99 -10.23 22.76
N GLY E 210 23.59 -9.78 23.94
CA GLY E 210 22.91 -8.51 24.07
C GLY E 210 22.72 -8.15 25.53
N THR E 211 22.15 -6.97 25.74
CA THR E 211 21.90 -6.48 27.09
C THR E 211 20.61 -7.12 27.62
N TYR E 212 20.13 -6.62 28.75
CA TYR E 212 18.93 -7.18 29.37
C TYR E 212 17.66 -6.92 28.57
N GLU E 213 17.71 -6.06 27.55
CA GLU E 213 16.57 -5.90 26.67
C GLU E 213 16.33 -7.16 25.83
N LEU E 214 17.33 -8.04 25.73
CA LEU E 214 17.17 -9.32 25.05
C LEU E 214 16.23 -10.26 25.79
N LEU E 215 15.90 -9.96 27.05
CA LEU E 215 15.04 -10.84 27.83
C LEU E 215 13.64 -10.94 27.25
N THR E 216 13.27 -10.04 26.34
CA THR E 216 11.99 -10.18 25.64
C THR E 216 11.98 -11.41 24.74
N PHE E 217 13.13 -12.02 24.49
CA PHE E 217 13.24 -13.22 23.67
C PHE E 217 13.42 -14.48 24.51
N ARG E 218 13.09 -14.42 25.80
CA ARG E 218 13.48 -15.50 26.71
C ARG E 218 12.59 -16.72 26.55
N ASN E 219 11.29 -16.59 26.81
CA ASN E 219 10.36 -17.70 26.88
C ASN E 219 9.21 -17.50 25.89
N LEU E 220 9.58 -17.18 24.65
CA LEU E 220 8.58 -16.84 23.64
C LEU E 220 7.65 -18.01 23.37
N SER E 221 8.20 -19.23 23.29
CA SER E 221 7.38 -20.42 23.09
C SER E 221 8.15 -21.64 23.56
N GLY E 222 7.40 -22.73 23.76
CA GLY E 222 8.03 -23.95 24.24
C GLY E 222 9.07 -24.51 23.30
N GLN E 223 8.79 -24.45 22.00
CA GLN E 223 9.76 -24.93 21.00
C GLN E 223 11.05 -24.12 21.08
N LEU E 224 10.94 -22.79 21.04
CA LEU E 224 12.13 -21.95 21.10
C LEU E 224 12.73 -21.95 22.49
N SER E 225 11.96 -22.38 23.50
CA SER E 225 12.54 -22.60 24.82
C SER E 225 13.41 -23.85 24.83
N ARG E 226 12.99 -24.89 24.10
CA ARG E 226 13.82 -26.09 24.00
C ARG E 226 15.06 -25.84 23.16
N ARG E 227 14.93 -25.05 22.09
CA ARG E 227 16.05 -24.84 21.18
C ARG E 227 16.95 -23.68 21.61
N SER E 228 16.97 -23.35 22.90
CA SER E 228 17.79 -22.26 23.39
C SER E 228 18.41 -22.63 24.72
N VAL E 229 19.59 -22.06 24.98
CA VAL E 229 20.30 -22.23 26.24
C VAL E 229 20.59 -20.85 26.80
N ASP E 230 20.23 -20.64 28.06
CA ASP E 230 20.36 -19.33 28.69
C ASP E 230 21.65 -19.27 29.51
N ILE E 231 22.45 -18.24 29.27
CA ILE E 231 23.67 -17.96 30.02
C ILE E 231 23.58 -16.55 30.55
N HIS E 232 23.67 -16.39 31.86
CA HIS E 232 23.55 -15.09 32.52
C HIS E 232 24.95 -14.62 32.92
N PHE E 233 25.43 -13.57 32.26
CA PHE E 233 26.71 -12.96 32.59
C PHE E 233 26.50 -12.06 33.80
N ARG E 234 26.52 -12.68 34.98
CA ARG E 234 26.21 -11.97 36.22
C ARG E 234 27.26 -10.91 36.51
N ARG E 235 26.80 -9.70 36.81
CA ARG E 235 27.69 -8.65 37.28
C ARG E 235 27.85 -8.73 38.79
N TYR E 236 28.99 -8.24 39.28
CA TYR E 236 29.27 -8.30 40.70
C TYR E 236 28.32 -7.40 41.47
N CYS E 237 27.88 -7.89 42.63
CA CYS E 237 26.92 -7.18 43.47
C CYS E 237 27.50 -7.02 44.86
N ALA E 238 27.12 -5.92 45.52
CA ALA E 238 27.65 -5.61 46.84
C ALA E 238 27.01 -6.43 47.95
N ASP E 239 25.90 -7.11 47.68
CA ASP E 239 25.26 -7.90 48.73
C ASP E 239 26.09 -9.11 49.13
N SER E 240 26.64 -9.82 48.14
CA SER E 240 27.39 -11.04 48.41
C SER E 240 28.80 -10.68 48.85
N PRO E 241 29.24 -11.09 50.04
CA PRO E 241 30.63 -10.82 50.45
C PRO E 241 31.67 -11.39 49.49
N GLU E 242 31.40 -12.56 48.91
CA GLU E 242 32.34 -13.13 47.95
C GLU E 242 32.44 -12.28 46.70
N ASP E 243 31.31 -11.73 46.23
CA ASP E 243 31.36 -10.84 45.08
C ASP E 243 32.13 -9.57 45.41
N VAL E 244 31.96 -9.04 46.61
CA VAL E 244 32.73 -7.87 47.03
C VAL E 244 34.22 -8.20 47.05
N GLN E 245 34.56 -9.36 47.61
CA GLN E 245 35.97 -9.74 47.67
C GLN E 245 36.53 -9.79 46.27
N ALA E 246 35.78 -10.38 45.35
CA ALA E 246 36.23 -10.48 43.97
C ALA E 246 36.40 -9.10 43.34
N PHE E 247 35.46 -8.19 43.60
CA PHE E 247 35.55 -6.85 43.05
C PHE E 247 36.79 -6.12 43.58
N LYS E 248 37.06 -6.26 44.87
CA LYS E 248 38.25 -5.64 45.45
C LYS E 248 39.50 -6.24 44.82
N SER E 249 39.48 -7.55 44.61
CA SER E 249 40.60 -8.22 43.99
C SER E 249 40.80 -7.73 42.56
N VAL E 250 39.72 -7.51 41.82
CA VAL E 250 39.82 -7.00 40.46
C VAL E 250 40.44 -5.61 40.50
N LEU E 251 40.05 -4.80 41.48
CA LEU E 251 40.64 -3.48 41.60
C LEU E 251 42.12 -3.58 41.88
N LEU E 252 42.52 -4.53 42.72
CA LEU E 252 43.94 -4.74 43.00
C LEU E 252 44.73 -5.15 41.78
N THR E 253 44.17 -6.02 40.95
CA THR E 253 44.85 -6.44 39.74
C THR E 253 45.04 -5.25 38.82
N PHE E 254 44.00 -4.44 38.66
CA PHE E 254 44.12 -3.25 37.83
C PHE E 254 45.10 -2.25 38.43
N GLN E 255 45.11 -2.14 39.76
CA GLN E 255 46.04 -1.26 40.45
C GLN E 255 47.48 -1.68 40.19
N GLN E 256 47.76 -2.98 40.27
CA GLN E 256 49.13 -3.46 40.06
C GLN E 256 49.53 -3.39 38.60
N HIS E 257 48.59 -3.59 37.67
CA HIS E 257 48.89 -3.61 36.25
C HIS E 257 48.73 -2.24 35.59
N LEU E 258 48.61 -1.18 36.37
CA LEU E 258 48.45 0.16 35.83
C LEU E 258 49.81 0.81 35.67
N PRO E 259 50.25 1.12 34.44
CA PRO E 259 51.63 1.61 34.24
C PRO E 259 51.75 3.06 34.70
N LEU E 260 52.42 3.25 35.84
CA LEU E 260 52.70 4.57 36.38
C LEU E 260 54.05 4.53 37.08
N ALA E 261 54.54 5.72 37.48
CA ALA E 261 55.79 5.78 38.22
C ALA E 261 55.70 5.02 39.54
N GLU E 262 54.61 5.24 40.28
CA GLU E 262 54.30 4.45 41.46
C GLU E 262 52.80 4.17 41.47
N THR E 263 52.44 2.97 41.93
CA THR E 263 51.05 2.55 41.86
C THR E 263 50.20 3.33 42.86
N PRO E 264 49.02 3.78 42.46
CA PRO E 264 48.12 4.45 43.42
C PRO E 264 47.33 3.43 44.22
N ASN E 265 46.55 3.93 45.17
CA ASN E 265 45.69 3.10 45.99
C ASN E 265 44.25 3.21 45.48
N LEU E 266 43.73 2.12 44.93
CA LEU E 266 42.37 2.09 44.41
C LEU E 266 41.39 1.37 45.32
N VAL E 267 41.88 0.45 46.16
CA VAL E 267 41.00 -0.29 47.05
C VAL E 267 40.36 0.63 48.08
N ASP E 268 41.08 1.66 48.52
CA ASP E 268 40.54 2.58 49.51
C ASP E 268 39.28 3.29 49.02
N HIS E 269 39.11 3.41 47.70
CA HIS E 269 37.91 4.01 47.11
C HIS E 269 37.09 2.97 46.37
N TRP E 270 37.07 1.73 46.85
CA TRP E 270 36.32 0.68 46.18
C TRP E 270 34.83 0.97 46.19
N GLU E 271 34.33 1.61 47.25
CA GLU E 271 32.92 1.96 47.30
C GLU E 271 32.56 2.94 46.19
N TYR E 272 33.40 3.94 45.96
CA TYR E 272 33.15 4.88 44.87
C TYR E 272 33.19 4.18 43.52
N PHE E 273 34.16 3.29 43.33
CA PHE E 273 34.27 2.55 42.07
C PHE E 273 33.02 1.73 41.81
N TYR E 274 32.54 0.99 42.82
CA TYR E 274 31.33 0.23 42.65
C TYR E 274 30.12 1.13 42.44
N GLU E 275 30.12 2.31 43.06
CA GLU E 275 29.02 3.25 42.86
C GLU E 275 28.94 3.70 41.41
N ARG E 276 30.08 4.01 40.80
CA ARG E 276 30.11 4.55 39.45
C ARG E 276 30.33 3.49 38.38
N THR E 277 30.40 2.22 38.76
CA THR E 277 30.54 1.14 37.78
C THR E 277 29.49 0.04 37.91
N LEU E 278 28.76 -0.02 39.03
CA LEU E 278 27.68 -0.99 39.24
C LEU E 278 28.17 -2.44 39.20
N GLY E 279 29.45 -2.66 39.46
CA GLY E 279 29.99 -4.00 39.50
C GLY E 279 30.36 -4.61 38.17
N CYS E 280 30.32 -3.83 37.09
CA CYS E 280 30.70 -4.31 35.76
C CYS E 280 32.18 -4.05 35.54
N ILE E 281 32.92 -5.11 35.21
CA ILE E 281 34.37 -4.99 35.05
C ILE E 281 34.72 -4.15 33.83
N GLY E 282 33.93 -4.26 32.75
CA GLY E 282 34.23 -3.49 31.56
C GLY E 282 34.15 -2.00 31.79
N THR E 283 33.11 -1.54 32.49
CA THR E 283 33.00 -0.12 32.84
C THR E 283 34.14 0.34 33.74
N LEU E 284 34.54 -0.49 34.71
CA LEU E 284 35.66 -0.14 35.56
C LEU E 284 36.94 0.01 34.76
N LYS E 285 37.19 -0.92 33.83
CA LYS E 285 38.39 -0.85 33.01
C LYS E 285 38.35 0.38 32.10
N ASP E 286 37.17 0.70 31.56
CA ASP E 286 37.05 1.88 30.70
C ASP E 286 37.35 3.15 31.48
N TRP E 287 36.79 3.26 32.68
CA TRP E 287 37.05 4.40 33.55
C TRP E 287 38.54 4.50 33.89
N LEU E 288 39.16 3.36 34.22
CA LEU E 288 40.56 3.37 34.59
C LEU E 288 41.45 3.76 33.41
N LYS E 289 41.11 3.30 32.20
CA LYS E 289 41.86 3.69 31.02
C LYS E 289 41.73 5.19 30.76
N ARG E 290 40.51 5.72 30.91
CA ARG E 290 40.31 7.16 30.76
C ARG E 290 41.18 7.94 31.73
N VAL E 291 41.17 7.53 33.00
CA VAL E 291 41.95 8.23 34.01
C VAL E 291 43.44 8.09 33.75
N LEU E 292 43.87 6.90 33.32
CA LEU E 292 45.28 6.68 33.03
C LEU E 292 45.76 7.57 31.91
N SER E 293 44.98 7.69 30.83
CA SER E 293 45.39 8.58 29.74
C SER E 293 45.34 10.04 30.16
N ASP E 294 44.34 10.40 30.97
CA ASP E 294 44.27 11.76 31.51
C ASP E 294 45.52 12.11 32.31
N ALA E 295 46.02 11.19 33.12
CA ALA E 295 47.24 11.43 33.87
C ALA E 295 48.49 11.38 33.00
N LEU E 296 48.51 10.49 32.00
CA LEU E 296 49.67 10.36 31.14
C LEU E 296 49.88 11.61 30.29
N ASP E 297 48.79 12.19 29.77
CA ASP E 297 48.95 13.40 28.97
C ASP E 297 49.48 14.57 29.78
N ARG E 298 49.31 14.53 31.11
CA ARG E 298 49.95 15.49 32.00
C ARG E 298 51.23 14.96 32.61
N GLU E 299 51.65 13.74 32.24
CA GLU E 299 52.84 13.09 32.78
C GLU E 299 52.77 12.98 34.31
N ALA E 300 51.56 12.78 34.82
CA ALA E 300 51.39 12.61 36.25
C ALA E 300 51.94 11.25 36.70
N THR E 301 52.55 11.24 37.89
CA THR E 301 53.15 10.03 38.40
C THR E 301 52.18 9.12 39.15
N THR E 302 50.99 9.61 39.47
CA THR E 302 50.05 8.84 40.27
C THR E 302 48.63 9.29 39.97
N ILE E 303 47.67 8.50 40.43
CA ILE E 303 46.25 8.76 40.24
C ILE E 303 45.67 9.30 41.54
N THR E 304 44.98 10.44 41.46
CA THR E 304 44.30 11.02 42.60
C THR E 304 42.79 10.84 42.44
N LEU E 305 42.07 10.96 43.56
CA LEU E 305 40.62 10.80 43.53
C LEU E 305 39.97 11.86 42.66
N LYS E 306 40.57 13.05 42.57
CA LYS E 306 40.08 14.07 41.66
C LYS E 306 40.14 13.60 40.21
N ASP E 307 41.17 12.81 39.86
CA ASP E 307 41.24 12.26 38.51
C ASP E 307 40.08 11.31 38.25
N LEU E 308 39.72 10.49 39.23
CA LEU E 308 38.54 9.63 39.07
C LEU E 308 37.28 10.46 38.92
N GLN E 309 37.12 11.49 39.74
CA GLN E 309 35.91 12.31 39.69
C GLN E 309 35.81 13.06 38.37
N LYS E 310 36.94 13.41 37.76
CA LYS E 310 36.91 14.16 36.51
C LYS E 310 36.27 13.38 35.37
N ARG E 311 36.56 12.08 35.28
CA ARG E 311 36.06 11.25 34.18
C ARG E 311 35.16 10.13 34.69
N ALA E 312 34.32 10.44 35.68
CA ALA E 312 33.38 9.45 36.19
C ALA E 312 32.05 9.53 35.45
N LEU E 313 31.28 8.45 35.52
CA LEU E 313 29.96 8.44 34.94
C LEU E 313 29.00 9.29 35.76
N SER E 314 28.04 9.91 35.08
CA SER E 314 27.06 10.74 35.76
C SER E 314 26.17 9.90 36.66
N VAL E 315 25.64 10.53 37.72
CA VAL E 315 24.81 9.82 38.67
C VAL E 315 23.51 9.36 38.02
N ALA E 316 22.96 10.17 37.11
CA ALA E 316 21.76 9.76 36.40
C ALA E 316 22.03 8.56 35.50
N GLN E 317 23.20 8.54 34.85
CA GLN E 317 23.56 7.39 34.03
C GLN E 317 23.62 6.12 34.87
N CYS E 318 24.27 6.19 36.02
CA CYS E 318 24.35 5.02 36.90
C CYS E 318 22.99 4.62 37.42
N GLN E 319 22.13 5.60 37.71
CA GLN E 319 20.78 5.30 38.19
C GLN E 319 19.98 4.54 37.14
N LYS E 320 20.01 5.02 35.89
CA LYS E 320 19.29 4.34 34.82
C LYS E 320 19.86 2.94 34.57
N MET E 321 21.19 2.84 34.55
CA MET E 321 21.82 1.55 34.33
C MET E 321 21.47 0.56 35.43
N PHE E 322 21.44 1.02 36.68
CA PHE E 322 21.09 0.14 37.78
C PHE E 322 19.62 -0.23 37.75
N LYS E 323 18.74 0.68 37.32
CA LYS E 323 17.34 0.32 37.13
C LYS E 323 17.22 -0.83 36.14
N GLU E 324 17.88 -0.71 34.98
CA GLU E 324 17.83 -1.78 33.99
C GLU E 324 18.43 -3.07 34.53
N ILE E 325 19.55 -2.97 35.26
CA ILE E 325 20.22 -4.15 35.78
C ILE E 325 19.34 -4.87 36.79
N GLN E 326 18.70 -4.11 37.69
CA GLN E 326 17.85 -4.72 38.69
C GLN E 326 16.60 -5.34 38.07
N GLU E 327 16.07 -4.71 37.01
CA GLU E 327 14.95 -5.33 36.31
C GLU E 327 15.36 -6.64 35.67
N GLY E 328 16.54 -6.67 35.03
CA GLY E 328 17.02 -7.92 34.45
C GLY E 328 17.26 -8.99 35.48
N GLU E 329 17.88 -8.63 36.61
CA GLU E 329 18.14 -9.60 37.67
C GLU E 329 16.84 -10.14 38.26
N ARG E 330 15.83 -9.27 38.39
CA ARG E 330 14.51 -9.74 38.82
C ARG E 330 13.92 -10.72 37.83
N GLN E 331 14.05 -10.43 36.53
CA GLN E 331 13.48 -11.32 35.53
C GLN E 331 14.23 -12.64 35.43
N LEU E 332 15.51 -12.65 35.78
CA LEU E 332 16.35 -13.85 35.66
C LEU E 332 16.50 -14.60 36.97
N SER E 333 15.55 -14.45 37.89
CA SER E 333 15.62 -15.11 39.18
C SER E 333 15.16 -16.56 39.09
N GLU E 334 15.74 -17.40 39.93
CA GLU E 334 15.38 -18.81 39.99
C GLU E 334 15.60 -19.29 41.42
N THR E 335 14.52 -19.55 42.14
CA THR E 335 14.57 -19.95 43.54
C THR E 335 13.96 -21.33 43.71
N GLU E 336 14.04 -21.84 44.96
CA GLU E 336 13.45 -23.14 45.25
C GLU E 336 11.93 -23.13 45.10
N ALA E 337 11.31 -21.96 45.27
CA ALA E 337 9.86 -21.87 45.12
C ALA E 337 9.44 -22.21 43.70
N ASP E 338 10.20 -21.75 42.70
CA ASP E 338 9.84 -22.00 41.31
C ASP E 338 9.90 -23.49 40.98
N VAL E 339 11.00 -24.16 41.35
CA VAL E 339 11.13 -25.58 41.05
C VAL E 339 10.11 -26.38 41.86
N GLN E 340 9.84 -25.98 43.10
CA GLN E 340 8.83 -26.67 43.89
C GLN E 340 7.45 -26.56 43.25
N ASN E 341 7.10 -25.36 42.77
CA ASN E 341 5.82 -25.18 42.09
C ASN E 341 5.75 -25.99 40.81
N LEU E 342 6.85 -26.02 40.05
CA LEU E 342 6.88 -26.81 38.82
C LEU E 342 6.67 -28.29 39.12
N ARG E 343 7.35 -28.80 40.15
CA ARG E 343 7.20 -30.21 40.52
C ARG E 343 5.78 -30.50 41.00
N SER E 344 5.20 -29.58 41.77
CA SER E 344 3.84 -29.78 42.26
C SER E 344 2.83 -29.80 41.11
N ALA E 345 2.97 -28.88 40.16
CA ALA E 345 2.04 -28.83 39.04
C ALA E 345 2.31 -29.92 38.00
N LEU E 346 3.49 -30.52 38.02
CA LEU E 346 3.87 -31.54 37.05
C LEU E 346 3.55 -32.96 37.50
N GLY E 347 3.80 -33.27 38.77
CA GLY E 347 3.65 -34.62 39.26
C GLY E 347 3.80 -34.73 40.76
N LEU E 348 4.56 -35.73 41.21
CA LEU E 348 4.77 -35.91 42.64
C LEU E 348 5.42 -34.67 43.25
N GLY E 349 4.97 -34.33 44.46
CA GLY E 349 5.48 -33.17 45.15
C GLY E 349 6.62 -33.49 46.09
N ALA E 350 7.28 -32.42 46.56
CA ALA E 350 8.38 -32.51 47.51
C ALA E 350 9.54 -33.37 47.01
N THR F 8 46.08 43.60 26.42
CA THR F 8 45.99 44.87 25.71
C THR F 8 44.72 44.95 24.86
N GLY F 9 44.49 46.10 24.25
CA GLY F 9 43.32 46.32 23.42
C GLY F 9 43.55 45.95 21.98
N PHE F 10 42.60 46.34 21.14
CA PHE F 10 42.69 46.09 19.71
C PHE F 10 43.78 46.96 19.09
N PRO F 11 44.37 46.50 17.98
CA PRO F 11 45.38 47.33 17.30
C PRO F 11 44.78 48.63 16.81
N LEU F 12 45.36 49.74 17.28
CA LEU F 12 44.85 51.06 16.94
C LEU F 12 45.06 51.42 15.48
N GLU F 13 45.90 50.67 14.75
CA GLU F 13 46.11 50.94 13.33
C GLU F 13 44.89 50.59 12.49
N LEU F 14 43.91 49.88 13.04
CA LEU F 14 42.72 49.52 12.28
C LEU F 14 41.84 50.73 12.02
N LEU F 15 42.02 51.82 12.78
CA LEU F 15 41.21 53.02 12.57
C LEU F 15 41.44 53.61 11.18
N THR F 16 42.68 53.63 10.71
CA THR F 16 42.95 54.08 9.35
C THR F 16 42.35 53.16 8.30
N ARG F 17 42.15 51.88 8.63
CA ARG F 17 41.56 50.93 7.71
C ARG F 17 40.09 51.25 7.49
N PRO F 18 39.53 50.81 6.35
CA PRO F 18 38.09 51.01 6.11
C PRO F 18 37.24 50.30 7.16
N ALA F 19 35.98 50.72 7.23
CA ALA F 19 35.06 50.17 8.22
C ALA F 19 34.88 48.66 8.06
N THR F 20 34.92 48.17 6.82
CA THR F 20 34.77 46.74 6.58
C THR F 20 35.89 45.94 7.23
N GLU F 21 37.13 46.47 7.17
CA GLU F 21 38.25 45.79 7.80
C GLU F 21 38.07 45.70 9.31
N ARG F 22 37.62 46.79 9.94
CA ARG F 22 37.39 46.78 11.38
C ARG F 22 36.28 45.80 11.75
N LEU F 23 35.19 45.78 10.97
CA LEU F 23 34.12 44.85 11.24
C LEU F 23 34.58 43.40 11.09
N ALA F 24 35.39 43.12 10.07
CA ALA F 24 35.92 41.78 9.90
C ALA F 24 36.85 41.39 11.04
N TYR F 25 37.67 42.33 11.50
CA TYR F 25 38.55 42.06 12.63
C TYR F 25 37.75 41.72 13.88
N PHE F 26 36.69 42.49 14.15
CA PHE F 26 35.87 42.18 15.32
C PHE F 26 35.13 40.87 15.16
N GLU F 27 34.70 40.53 13.94
CA GLU F 27 34.06 39.25 13.70
C GLU F 27 35.02 38.10 13.97
N ASN F 28 36.26 38.22 13.52
CA ASN F 28 37.24 37.16 13.70
C ASN F 28 37.83 37.10 15.10
N TYR F 29 37.61 38.15 15.91
CA TYR F 29 38.16 38.15 17.27
C TYR F 29 37.35 37.22 18.14
N THR F 30 38.05 36.34 18.87
CA THR F 30 37.43 35.34 19.72
C THR F 30 37.96 35.49 21.14
N VAL F 31 37.05 35.37 22.12
CA VAL F 31 37.39 35.54 23.53
C VAL F 31 37.33 34.18 24.21
N ALA F 32 38.41 33.82 24.90
CA ALA F 32 38.44 32.61 25.70
C ALA F 32 38.04 32.93 27.13
N HIS F 33 36.98 32.29 27.60
CA HIS F 33 36.45 32.54 28.93
C HIS F 33 36.33 31.21 29.66
N PRO F 34 36.32 31.23 31.00
CA PRO F 34 36.49 29.98 31.76
C PRO F 34 35.51 28.87 31.40
N ARG F 35 34.23 29.19 31.16
CA ARG F 35 33.29 28.14 30.79
C ARG F 35 33.69 27.50 29.46
N LEU F 36 33.93 28.32 28.45
CA LEU F 36 34.30 27.79 27.13
C LEU F 36 35.63 27.05 27.18
N LYS F 37 36.61 27.59 27.91
CA LYS F 37 37.91 26.92 27.94
C LYS F 37 37.85 25.61 28.71
N GLU F 38 37.05 25.55 29.78
CA GLU F 38 36.88 24.29 30.49
C GLU F 38 36.17 23.26 29.62
N VAL F 39 35.12 23.69 28.91
CA VAL F 39 34.41 22.76 28.03
C VAL F 39 35.33 22.28 26.92
N TYR F 40 36.16 23.19 26.37
CA TYR F 40 37.09 22.80 25.33
C TYR F 40 38.12 21.80 25.86
N GLU F 41 38.63 22.03 27.07
CA GLU F 41 39.61 21.12 27.64
C GLU F 41 39.02 19.73 27.84
N ILE F 42 37.84 19.66 28.47
CA ILE F 42 37.24 18.35 28.73
C ILE F 42 36.83 17.68 27.42
N LEU F 43 36.39 18.46 26.43
CA LEU F 43 36.03 17.89 25.14
C LEU F 43 37.25 17.31 24.44
N MET F 44 38.37 18.03 24.45
CA MET F 44 39.59 17.48 23.85
C MET F 44 40.04 16.23 24.59
N ARG F 45 39.97 16.25 25.92
CA ARG F 45 40.41 15.10 26.69
C ARG F 45 39.57 13.87 26.39
N THR F 46 38.26 14.03 26.29
CA THR F 46 37.41 12.89 25.94
C THR F 46 37.47 12.54 24.46
N ILE F 47 37.89 13.47 23.61
CA ILE F 47 38.07 13.17 22.19
C ILE F 47 39.28 12.27 22.01
N ALA F 48 40.39 12.59 22.69
CA ALA F 48 41.58 11.75 22.58
C ALA F 48 41.33 10.32 23.05
N GLU F 49 40.43 10.11 23.99
CA GLU F 49 40.09 8.78 24.51
C GLU F 49 38.59 8.55 24.36
N PRO F 50 38.17 8.05 23.20
CA PRO F 50 36.76 7.63 23.08
C PRO F 50 36.37 6.61 24.13
N ALA F 51 37.27 5.66 24.41
CA ALA F 51 37.17 4.73 25.53
C ALA F 51 35.80 4.05 25.58
N GLY F 52 35.53 3.28 24.52
CA GLY F 52 34.32 2.49 24.47
C GLY F 52 33.08 3.30 24.20
N ALA F 53 32.89 4.40 24.93
CA ALA F 53 31.72 5.25 24.75
C ALA F 53 31.67 5.79 23.32
N SER F 54 30.49 5.68 22.71
CA SER F 54 30.31 6.05 21.31
C SER F 54 29.46 7.32 21.15
N PHE F 55 29.37 8.13 22.18
CA PHE F 55 28.59 9.36 22.10
C PHE F 55 29.18 10.42 23.02
N ILE F 56 29.24 11.65 22.54
CA ILE F 56 29.59 12.81 23.34
C ILE F 56 28.43 13.79 23.21
N PHE F 57 27.62 13.91 24.25
CA PHE F 57 26.47 14.81 24.25
C PHE F 57 26.91 16.14 24.82
N VAL F 58 27.18 17.11 23.95
CA VAL F 58 27.49 18.47 24.34
C VAL F 58 26.27 19.33 24.07
N TYR F 59 25.54 19.68 25.12
CA TYR F 59 24.33 20.48 24.97
C TYR F 59 24.50 21.79 25.73
N GLY F 60 24.06 22.87 25.09
CA GLY F 60 24.10 24.19 25.70
C GLY F 60 23.01 25.05 25.14
N ALA F 61 22.76 26.17 25.82
CA ALA F 61 21.72 27.08 25.39
C ALA F 61 22.07 27.69 24.03
N SER F 62 21.07 28.25 23.36
CA SER F 62 21.30 28.91 22.09
C SER F 62 22.21 30.11 22.28
N GLY F 63 23.26 30.20 21.48
CA GLY F 63 24.21 31.28 21.59
C GLY F 63 25.23 31.14 22.70
N VAL F 64 25.45 29.92 23.21
CA VAL F 64 26.49 29.73 24.22
C VAL F 64 27.85 29.46 23.59
N GLY F 65 27.88 29.01 22.33
CA GLY F 65 29.12 28.81 21.62
C GLY F 65 29.46 27.38 21.26
N LYS F 66 28.48 26.50 21.11
CA LYS F 66 28.77 25.11 20.75
C LYS F 66 29.36 25.01 19.35
N THR F 67 28.79 25.76 18.39
CA THR F 67 29.31 25.72 17.03
C THR F 67 30.73 26.28 16.95
N THR F 68 31.00 27.37 17.67
CA THR F 68 32.36 27.91 17.72
C THR F 68 33.32 26.92 18.35
N LEU F 69 32.89 26.24 19.41
CA LEU F 69 33.71 25.21 20.03
C LEU F 69 34.01 24.08 19.05
N ARG F 70 33.00 23.64 18.30
CA ARG F 70 33.19 22.58 17.32
C ARG F 70 34.19 23.00 16.25
N LEU F 71 34.04 24.23 15.74
CA LEU F 71 34.96 24.71 14.71
C LEU F 71 36.38 24.79 15.24
N ARG F 72 36.55 25.32 16.45
CA ARG F 72 37.88 25.45 17.03
C ARG F 72 38.53 24.09 17.26
N VAL F 73 37.76 23.13 17.79
CA VAL F 73 38.33 21.82 18.07
C VAL F 73 38.64 21.09 16.76
N GLU F 74 37.82 21.29 15.73
CA GLU F 74 38.13 20.73 14.42
C GLU F 74 39.43 21.28 13.87
N GLN F 75 39.60 22.61 13.95
CA GLN F 75 40.83 23.22 13.44
C GLN F 75 42.04 22.75 14.24
N LYS F 76 41.90 22.66 15.58
CA LYS F 76 43.01 22.21 16.41
C LYS F 76 43.40 20.78 16.12
N LEU F 77 42.41 19.89 15.95
CA LEU F 77 42.73 18.50 15.65
C LEU F 77 43.34 18.36 14.27
N THR F 78 42.85 19.13 13.30
CA THR F 78 43.46 19.11 11.97
C THR F 78 44.91 19.58 12.03
N GLU F 79 45.17 20.65 12.77
CA GLU F 79 46.54 21.13 12.92
C GLU F 79 47.43 20.10 13.60
N LEU F 80 46.89 19.42 14.62
CA LEU F 80 47.66 18.39 15.30
C LEU F 80 47.99 17.22 14.39
N ALA F 81 47.03 16.80 13.57
CA ALA F 81 47.21 15.62 12.72
C ALA F 81 47.93 15.94 11.41
N LEU F 82 48.08 17.22 11.07
CA LEU F 82 48.74 17.58 9.81
C LEU F 82 50.18 17.09 9.73
N PRO F 83 51.03 17.26 10.75
CA PRO F 83 52.42 16.76 10.62
C PRO F 83 52.50 15.26 10.41
N LYS F 84 51.59 14.48 10.99
CA LYS F 84 51.63 13.03 10.88
C LYS F 84 50.92 12.50 9.64
N LEU F 85 50.38 13.38 8.80
CA LEU F 85 49.64 12.92 7.63
C LEU F 85 50.55 12.29 6.58
N GLU F 86 51.83 12.65 6.56
CA GLU F 86 52.74 12.14 5.53
C GLU F 86 52.97 10.64 5.62
N SER F 87 52.78 10.05 6.81
CA SER F 87 52.90 8.61 6.98
C SER F 87 51.55 7.91 7.04
N ASP F 88 50.45 8.66 7.02
CA ASP F 88 49.09 8.14 7.13
C ASP F 88 48.20 8.79 6.08
N ARG F 89 48.61 8.67 4.80
CA ARG F 89 47.96 9.40 3.72
C ARG F 89 46.45 9.17 3.67
N ALA F 90 45.99 7.97 4.04
CA ALA F 90 44.59 7.64 3.98
C ALA F 90 43.77 8.23 5.14
N ARG F 91 44.44 8.85 6.11
CA ARG F 91 43.75 9.35 7.29
C ARG F 91 43.10 10.69 7.03
N VAL F 92 41.85 10.82 7.47
CA VAL F 92 41.14 12.09 7.51
C VAL F 92 41.00 12.48 8.97
N PRO F 93 41.48 13.65 9.40
CA PRO F 93 41.52 13.95 10.83
C PRO F 93 40.15 14.01 11.49
N VAL F 94 39.26 14.86 11.00
CA VAL F 94 37.94 15.06 11.59
C VAL F 94 36.91 15.24 10.47
N VAL F 95 35.73 14.67 10.68
CA VAL F 95 34.59 14.85 9.79
C VAL F 95 33.46 15.50 10.59
N GLY F 96 32.91 16.57 10.07
CA GLY F 96 31.85 17.29 10.77
C GLY F 96 30.74 17.71 9.83
N ILE F 97 29.52 17.29 10.16
CA ILE F 97 28.35 17.63 9.37
C ILE F 97 27.29 18.19 10.31
N GLU F 98 26.28 18.84 9.72
CA GLU F 98 25.17 19.38 10.48
C GLU F 98 23.91 18.55 10.25
N ALA F 99 23.21 18.23 11.34
CA ALA F 99 21.99 17.44 11.25
C ALA F 99 20.94 18.22 10.46
N ILE F 100 20.37 17.59 9.44
CA ILE F 100 19.43 18.28 8.55
C ILE F 100 18.02 18.13 9.11
N ALA F 101 17.34 19.25 9.28
CA ALA F 101 15.96 19.20 9.74
C ALA F 101 15.05 18.72 8.61
N PRO F 102 14.28 17.66 8.82
CA PRO F 102 13.47 17.11 7.73
C PRO F 102 12.27 17.99 7.41
N GLU F 103 11.82 17.88 6.17
CA GLU F 103 10.59 18.56 5.75
C GLU F 103 9.35 17.72 6.00
N SER F 104 9.51 16.41 6.09
CA SER F 104 8.38 15.51 6.36
C SER F 104 8.15 15.40 7.87
N ARG F 105 7.28 14.47 8.24
CA ARG F 105 6.94 14.29 9.65
C ARG F 105 8.06 13.65 10.45
N TYR F 106 8.97 12.92 9.81
CA TYR F 106 10.02 12.20 10.51
C TYR F 106 11.36 12.46 9.85
N PHE F 107 12.43 12.25 10.63
CA PHE F 107 13.78 12.48 10.15
C PHE F 107 14.12 11.54 9.00
N ASN F 108 14.89 12.06 8.05
CA ASN F 108 15.29 11.32 6.86
C ASN F 108 16.73 10.87 7.01
N TRP F 109 16.96 9.56 6.92
CA TRP F 109 18.30 9.01 7.09
C TRP F 109 19.07 8.90 5.78
N LYS F 110 18.38 8.75 4.64
CA LYS F 110 19.08 8.66 3.37
C LYS F 110 19.86 9.93 3.08
N GLU F 111 19.24 11.09 3.33
CA GLU F 111 19.95 12.36 3.14
C GLU F 111 21.10 12.49 4.12
N TYR F 112 20.92 12.00 5.35
CA TYR F 112 22.00 12.05 6.33
C TYR F 112 23.19 11.25 5.86
N TYR F 113 22.96 10.03 5.38
CA TYR F 113 24.05 9.20 4.87
C TYR F 113 24.69 9.83 3.64
N THR F 114 23.88 10.39 2.75
CA THR F 114 24.40 11.03 1.55
C THR F 114 25.32 12.18 1.91
N ARG F 115 24.91 13.04 2.84
CA ARG F 115 25.74 14.18 3.22
C ARG F 115 26.97 13.73 3.99
N ALA F 116 26.85 12.68 4.81
CA ALA F 116 28.03 12.16 5.49
C ALA F 116 29.05 11.63 4.50
N LEU F 117 28.60 10.94 3.45
CA LEU F 117 29.53 10.47 2.42
C LEU F 117 30.11 11.63 1.62
N ILE F 118 29.29 12.64 1.33
CA ILE F 118 29.78 13.80 0.57
C ILE F 118 30.86 14.53 1.35
N THR F 119 30.67 14.66 2.67
CA THR F 119 31.68 15.34 3.48
C THR F 119 33.01 14.60 3.46
N LEU F 120 32.98 13.30 3.17
CA LEU F 120 34.21 12.52 3.00
C LEU F 120 34.71 12.67 1.56
N GLU F 121 35.19 13.86 1.26
CA GLU F 121 35.70 14.21 -0.07
C GLU F 121 37.18 14.51 0.03
N GLU F 122 37.96 13.89 -0.86
CA GLU F 122 39.41 13.96 -0.78
C GLU F 122 40.00 13.54 -2.12
N PRO F 123 41.00 14.25 -2.65
CA PRO F 123 41.61 13.83 -3.92
C PRO F 123 42.16 12.41 -3.90
N LEU F 124 42.64 11.93 -2.76
CA LEU F 124 43.05 10.53 -2.66
C LEU F 124 41.86 9.60 -2.87
N ILE F 125 40.69 9.98 -2.35
CA ILE F 125 39.47 9.19 -2.56
C ILE F 125 39.14 9.11 -4.04
N ASP F 126 39.47 10.14 -4.81
CA ASP F 126 39.31 10.09 -6.25
C ASP F 126 40.13 8.99 -6.89
N HIS F 127 41.17 8.50 -6.21
CA HIS F 127 41.98 7.39 -6.69
C HIS F 127 41.93 6.18 -5.76
N LYS F 128 41.00 6.16 -4.81
CA LYS F 128 40.94 5.09 -3.83
C LYS F 128 40.12 3.92 -4.35
N PHE F 129 39.98 2.90 -3.51
CA PHE F 129 39.19 1.72 -3.85
C PHE F 129 37.73 2.09 -4.00
N ASP F 130 37.04 1.36 -4.87
CA ASP F 130 35.61 1.57 -5.06
C ASP F 130 34.83 1.11 -3.83
N TYR F 131 33.72 1.79 -3.57
CA TYR F 131 32.88 1.44 -2.44
C TYR F 131 32.19 0.10 -2.67
N GLY F 132 31.55 -0.40 -1.62
CA GLY F 132 30.92 -1.70 -1.66
C GLY F 132 29.58 -1.78 -2.34
N VAL F 133 29.05 -0.66 -2.84
CA VAL F 133 27.75 -0.64 -3.49
C VAL F 133 27.89 0.01 -4.85
N ARG F 134 26.90 -0.25 -5.70
CA ARG F 134 26.88 0.30 -7.06
C ARG F 134 26.18 1.65 -7.09
N GLY F 135 26.37 2.37 -8.18
CA GLY F 135 25.77 3.68 -8.34
C GLY F 135 26.26 4.71 -7.34
N ILE F 136 27.50 4.57 -6.87
CA ILE F 136 28.05 5.44 -5.84
C ILE F 136 29.45 5.94 -6.17
N SER F 137 30.07 5.42 -7.23
CA SER F 137 31.46 5.75 -7.52
C SER F 137 31.61 7.21 -7.93
N ARG F 138 32.84 7.69 -7.83
CA ARG F 138 33.16 9.07 -8.19
C ARG F 138 33.10 9.25 -9.70
N ASP F 139 33.12 10.52 -10.13
CA ASP F 139 33.07 10.85 -11.55
C ASP F 139 34.28 11.69 -11.96
N ASN F 140 35.38 11.58 -11.22
CA ASN F 140 36.62 12.29 -11.50
C ASN F 140 36.48 13.80 -11.34
N PHE F 141 35.55 14.24 -10.49
CA PHE F 141 35.51 15.61 -9.99
C PHE F 141 35.17 15.58 -8.51
N GLY F 142 35.08 16.77 -7.92
CA GLY F 142 34.70 16.90 -6.53
C GLY F 142 33.19 16.98 -6.35
N LYS F 143 32.47 16.11 -7.04
CA LYS F 143 31.01 16.09 -7.03
C LYS F 143 30.51 14.66 -6.82
N ILE F 144 31.02 14.01 -5.78
CA ILE F 144 30.63 12.64 -5.43
C ILE F 144 29.12 12.55 -5.37
N ASN F 145 28.55 11.67 -6.19
CA ASN F 145 27.11 11.56 -6.35
C ASN F 145 26.64 10.14 -6.10
N VAL F 146 25.40 10.03 -5.63
CA VAL F 146 24.76 8.74 -5.40
C VAL F 146 23.45 8.70 -6.17
N GLU F 147 23.14 7.53 -6.71
CA GLU F 147 21.90 7.35 -7.45
C GLU F 147 20.71 7.44 -6.51
N SER F 148 19.64 8.11 -6.97
CA SER F 148 18.43 8.20 -6.18
C SER F 148 17.77 6.85 -5.97
N LYS F 149 18.10 5.85 -6.79
CA LYS F 149 17.55 4.51 -6.65
C LYS F 149 18.32 3.67 -5.64
N VAL F 150 19.41 4.19 -5.07
CA VAL F 150 20.17 3.45 -4.07
C VAL F 150 19.38 3.41 -2.77
N VAL F 151 19.18 2.21 -2.24
CA VAL F 151 18.42 2.05 -1.02
C VAL F 151 19.23 2.52 0.18
N ALA F 152 18.54 2.88 1.26
CA ALA F 152 19.21 3.41 2.44
C ALA F 152 20.18 2.43 3.09
N PRO F 153 19.85 1.14 3.31
CA PRO F 153 20.84 0.24 3.91
C PRO F 153 22.13 0.11 3.11
N ALA F 154 22.04 0.12 1.76
CA ALA F 154 23.26 0.09 0.96
C ALA F 154 24.08 1.35 1.17
N LEU F 155 23.41 2.50 1.26
CA LEU F 155 24.11 3.74 1.56
C LEU F 155 24.80 3.67 2.92
N ARG F 156 24.12 3.09 3.92
CA ARG F 156 24.72 2.92 5.24
C ARG F 156 25.94 2.01 5.18
N ARG F 157 25.86 0.93 4.42
CA ARG F 157 27.00 0.02 4.28
C ARG F 157 28.19 0.73 3.64
N ALA F 158 27.94 1.48 2.57
CA ALA F 158 29.00 2.22 1.91
C ALA F 158 29.62 3.25 2.85
N LEU F 159 28.77 3.96 3.62
CA LEU F 159 29.27 4.93 4.58
C LEU F 159 30.11 4.26 5.65
N GLU F 160 29.68 3.09 6.13
CA GLU F 160 30.46 2.36 7.12
C GLU F 160 31.83 1.97 6.57
N ASN F 161 31.85 1.47 5.33
CA ASN F 161 33.13 1.08 4.73
C ASN F 161 34.05 2.29 4.59
N ALA F 162 33.53 3.40 4.06
CA ALA F 162 34.35 4.59 3.89
C ALA F 162 34.83 5.13 5.23
N LEU F 163 33.96 5.12 6.24
CA LEU F 163 34.30 5.66 7.54
C LEU F 163 35.36 4.81 8.24
N ILE F 164 35.25 3.48 8.14
CA ILE F 164 36.24 2.61 8.75
C ILE F 164 37.55 2.65 7.99
N HIS F 165 37.52 2.95 6.68
CA HIS F 165 38.77 3.10 5.94
C HIS F 165 39.46 4.42 6.20
N ARG F 166 38.72 5.51 6.32
CA ARG F 166 39.31 6.84 6.48
C ARG F 166 39.90 7.07 7.86
N HIS F 167 39.45 6.34 8.87
CA HIS F 167 39.97 6.42 10.23
C HIS F 167 39.95 7.85 10.80
N PRO F 168 38.78 8.47 10.94
CA PRO F 168 38.72 9.78 11.56
C PRO F 168 38.75 9.68 13.08
N ASP F 169 39.26 10.75 13.71
CA ASP F 169 39.30 10.79 15.16
C ASP F 169 37.91 10.93 15.76
N VAL F 170 37.03 11.71 15.13
CA VAL F 170 35.69 11.93 15.64
C VAL F 170 34.79 12.37 14.50
N PHE F 171 33.53 11.95 14.54
CA PHE F 171 32.50 12.40 13.61
C PHE F 171 31.59 13.37 14.35
N PHE F 172 31.52 14.60 13.84
CA PHE F 172 30.77 15.67 14.49
C PHE F 172 29.39 15.80 13.85
N VAL F 173 28.36 15.88 14.68
CA VAL F 173 26.99 16.11 14.22
C VAL F 173 26.50 17.36 14.94
N ASP F 174 26.48 18.49 14.24
CA ASP F 174 26.04 19.73 14.83
C ASP F 174 24.52 19.87 14.74
N GLU F 175 23.96 20.59 15.70
CA GLU F 175 22.51 20.79 15.81
C GLU F 175 21.78 19.44 15.81
N ALA F 176 22.21 18.56 16.71
CA ALA F 176 21.69 17.20 16.78
C ALA F 176 20.26 17.13 17.29
N GLN F 177 19.67 18.25 17.74
CA GLN F 177 18.30 18.22 18.21
C GLN F 177 17.32 17.87 17.11
N HIS F 178 17.73 17.97 15.84
CA HIS F 178 16.87 17.59 14.73
C HIS F 178 16.63 16.09 14.66
N PHE F 179 17.39 15.29 15.41
CA PHE F 179 17.15 13.85 15.47
C PHE F 179 15.84 13.50 16.13
N GLY F 180 15.20 14.42 16.84
CA GLY F 180 13.96 14.16 17.53
C GLY F 180 12.72 14.22 16.69
N LYS F 181 12.85 14.49 15.39
CA LYS F 181 11.70 14.58 14.49
C LYS F 181 11.22 13.17 14.18
N VAL F 182 10.25 12.69 14.96
CA VAL F 182 9.68 11.36 14.79
C VAL F 182 8.17 11.45 14.90
N ALA F 183 7.50 10.39 14.41
CA ALA F 183 6.04 10.34 14.48
C ALA F 183 5.57 9.93 15.87
N SER F 184 6.12 8.84 16.41
CA SER F 184 5.79 8.36 17.74
C SER F 184 6.98 8.56 18.67
N GLY F 185 6.70 8.85 19.94
CA GLY F 185 7.76 9.16 20.87
C GLY F 185 8.73 8.02 21.12
N TYR F 186 8.27 6.78 20.95
CA TYR F 186 9.14 5.63 21.18
C TYR F 186 10.24 5.53 20.13
N LYS F 187 10.08 6.18 18.98
CA LYS F 187 11.08 6.13 17.93
C LYS F 187 12.38 6.84 18.31
N LEU F 188 12.38 7.61 19.40
CA LEU F 188 13.59 8.29 19.82
C LEU F 188 14.69 7.28 20.16
N GLN F 189 14.33 6.24 20.90
CA GLN F 189 15.28 5.20 21.23
C GLN F 189 15.74 4.45 19.99
N ASP F 190 14.85 4.26 19.01
CA ASP F 190 15.25 3.61 17.77
C ASP F 190 16.28 4.45 17.01
N GLN F 191 16.06 5.76 16.95
CA GLN F 191 17.03 6.64 16.28
C GLN F 191 18.38 6.60 17.00
N LEU F 192 18.36 6.69 18.33
CA LEU F 192 19.60 6.65 19.08
C LEU F 192 20.30 5.30 18.92
N ASP F 193 19.53 4.21 18.85
CA ASP F 193 20.11 2.89 18.68
C ASP F 193 20.73 2.75 17.29
N CYS F 194 20.09 3.31 16.27
CA CYS F 194 20.69 3.30 14.93
C CYS F 194 22.02 4.03 14.93
N LEU F 195 22.05 5.23 15.52
CA LEU F 195 23.31 5.97 15.56
C LEU F 195 24.37 5.23 16.37
N LYS F 196 23.95 4.61 17.48
CA LYS F 196 24.89 3.85 18.31
C LYS F 196 25.46 2.65 17.56
N SER F 197 24.61 1.95 16.81
CA SER F 197 25.09 0.81 16.01
C SER F 197 26.08 1.28 14.96
N LEU F 198 25.78 2.39 14.29
CA LEU F 198 26.72 2.92 13.29
C LEU F 198 28.06 3.23 13.94
N ALA F 199 28.04 3.95 15.06
CA ALA F 199 29.29 4.31 15.74
C ALA F 199 30.05 3.08 16.22
N ASN F 200 29.32 2.08 16.74
CA ASN F 200 29.97 0.89 17.28
C ASN F 200 30.62 0.09 16.17
N MET F 201 29.96 -0.07 15.03
CA MET F 201 30.55 -0.88 13.96
C MET F 201 31.70 -0.14 13.28
N THR F 202 31.55 1.17 13.00
CA THR F 202 32.66 1.90 12.43
C THR F 202 33.75 2.19 13.45
N GLY F 203 33.49 1.99 14.74
CA GLY F 203 34.47 2.27 15.77
C GLY F 203 34.89 3.72 15.82
N ILE F 204 34.04 4.61 15.34
CA ILE F 204 34.35 6.03 15.24
C ILE F 204 33.51 6.80 16.25
N LEU F 205 34.16 7.53 17.12
CA LEU F 205 33.46 8.28 18.15
C LEU F 205 32.58 9.35 17.52
N HIS F 206 31.34 9.43 18.00
CA HIS F 206 30.35 10.38 17.50
C HIS F 206 30.08 11.42 18.58
N CYS F 207 30.22 12.69 18.21
CA CYS F 207 29.94 13.79 19.13
C CYS F 207 28.70 14.53 18.64
N LEU F 208 27.71 14.65 19.51
CA LEU F 208 26.43 15.27 19.18
C LEU F 208 26.31 16.59 19.92
N LEU F 209 26.08 17.67 19.16
CA LEU F 209 25.94 19.01 19.71
C LEU F 209 24.55 19.53 19.40
N GLY F 210 24.01 20.34 20.31
CA GLY F 210 22.71 20.93 20.10
C GLY F 210 22.21 21.60 21.36
N THR F 211 20.98 22.11 21.28
CA THR F 211 20.37 22.82 22.39
C THR F 211 19.86 21.83 23.43
N TYR F 212 19.10 22.35 24.40
CA TYR F 212 18.54 21.49 25.43
C TYR F 212 17.43 20.61 24.88
N GLU F 213 17.02 20.84 23.62
CA GLU F 213 16.00 20.01 22.98
C GLU F 213 16.47 18.56 22.87
N LEU F 214 17.77 18.34 22.84
CA LEU F 214 18.31 16.99 22.74
C LEU F 214 18.40 16.28 24.09
N LEU F 215 18.05 16.96 25.18
CA LEU F 215 18.13 16.34 26.50
C LEU F 215 17.22 15.13 26.61
N THR F 216 16.23 14.99 25.73
CA THR F 216 15.40 13.80 25.73
C THR F 216 16.17 12.56 25.31
N PHE F 217 17.36 12.71 24.75
CA PHE F 217 18.18 11.58 24.35
C PHE F 217 19.07 11.06 25.46
N ARG F 218 19.08 11.72 26.63
CA ARG F 218 20.16 11.51 27.58
C ARG F 218 20.08 10.15 28.28
N ASN F 219 18.88 9.76 28.71
CA ASN F 219 18.71 8.54 29.51
C ASN F 219 17.74 7.57 28.85
N LEU F 220 17.91 7.34 27.55
CA LEU F 220 16.98 6.49 26.81
C LEU F 220 17.10 5.03 27.22
N SER F 221 18.33 4.54 27.41
CA SER F 221 18.53 3.13 27.74
C SER F 221 19.83 2.97 28.49
N GLY F 222 19.98 1.81 29.13
CA GLY F 222 21.19 1.55 29.89
C GLY F 222 22.44 1.48 29.03
N GLN F 223 22.35 0.79 27.90
CA GLN F 223 23.49 0.72 26.98
C GLN F 223 23.86 2.09 26.45
N LEU F 224 22.84 2.86 26.05
CA LEU F 224 23.10 4.23 25.58
C LEU F 224 23.64 5.10 26.71
N SER F 225 23.16 4.86 27.93
CA SER F 225 23.67 5.61 29.08
C SER F 225 25.15 5.33 29.31
N ARG F 226 25.56 4.07 29.21
CA ARG F 226 26.95 3.72 29.44
C ARG F 226 27.84 4.13 28.27
N ARG F 227 27.28 4.16 27.06
CA ARG F 227 28.06 4.42 25.85
C ARG F 227 28.12 5.89 25.48
N SER F 228 27.58 6.77 26.32
CA SER F 228 27.56 8.20 26.05
C SER F 228 28.27 8.97 27.15
N VAL F 229 28.91 10.06 26.76
CA VAL F 229 29.57 10.97 27.68
C VAL F 229 28.83 12.30 27.64
N ASP F 230 28.41 12.77 28.82
CA ASP F 230 27.62 13.98 28.94
C ASP F 230 28.53 15.16 29.29
N ILE F 231 28.47 16.20 28.47
CA ILE F 231 29.21 17.43 28.68
C ILE F 231 28.23 18.59 28.65
N HIS F 232 28.25 19.41 29.69
CA HIS F 232 27.33 20.53 29.83
C HIS F 232 28.07 21.84 29.55
N PHE F 233 27.61 22.56 28.54
CA PHE F 233 28.16 23.89 28.23
C PHE F 233 27.36 24.92 29.03
N ARG F 234 27.71 25.03 30.31
CA ARG F 234 27.00 25.91 31.21
C ARG F 234 27.18 27.37 30.83
N ARG F 235 26.10 28.13 30.98
CA ARG F 235 26.14 29.57 30.80
C ARG F 235 26.71 30.24 32.05
N TYR F 236 26.68 31.56 32.05
CA TYR F 236 27.08 32.33 33.23
C TYR F 236 25.84 32.72 34.02
N CYS F 237 25.81 32.33 35.29
CA CYS F 237 24.66 32.53 36.16
C CYS F 237 24.92 33.71 37.09
N ALA F 238 23.95 34.62 37.18
CA ALA F 238 24.08 35.75 38.08
C ALA F 238 24.00 35.34 39.54
N ASP F 239 23.56 34.11 39.82
CA ASP F 239 23.48 33.64 41.20
C ASP F 239 24.85 33.53 41.86
N SER F 240 25.84 33.02 41.15
CA SER F 240 27.19 32.86 41.70
C SER F 240 28.01 34.11 41.44
N PRO F 241 28.56 34.73 42.48
CA PRO F 241 29.35 35.95 42.25
C PRO F 241 30.55 35.74 41.34
N GLU F 242 31.18 34.56 41.39
CA GLU F 242 32.32 34.31 40.52
C GLU F 242 31.94 34.36 39.05
N ASP F 243 30.77 33.80 38.71
CA ASP F 243 30.28 33.92 37.34
C ASP F 243 29.99 35.37 36.98
N VAL F 244 29.53 36.17 37.95
CA VAL F 244 29.30 37.59 37.68
C VAL F 244 30.61 38.29 37.35
N GLN F 245 31.67 37.99 38.11
CA GLN F 245 32.97 38.58 37.81
C GLN F 245 33.52 38.11 36.48
N ALA F 246 33.30 36.84 36.13
CA ALA F 246 33.71 36.35 34.82
C ALA F 246 32.97 37.06 33.70
N PHE F 247 31.68 37.32 33.90
CA PHE F 247 30.90 38.03 32.90
C PHE F 247 31.42 39.45 32.78
N LYS F 248 31.74 40.09 33.91
CA LYS F 248 32.33 41.42 33.88
C LYS F 248 33.64 41.42 33.10
N SER F 249 34.47 40.39 33.30
CA SER F 249 35.72 40.28 32.57
C SER F 249 35.49 40.15 31.08
N VAL F 250 34.50 39.34 30.69
CA VAL F 250 34.17 39.18 29.27
C VAL F 250 33.70 40.51 28.70
N LEU F 251 32.88 41.23 29.46
CA LEU F 251 32.40 42.54 29.01
C LEU F 251 33.59 43.47 28.81
N LEU F 252 34.51 43.48 29.76
CA LEU F 252 35.68 44.35 29.65
C LEU F 252 36.52 44.00 28.43
N THR F 253 36.69 42.70 28.16
CA THR F 253 37.46 42.29 26.99
C THR F 253 36.79 42.76 25.70
N PHE F 254 35.46 42.62 25.62
CA PHE F 254 34.76 43.12 24.44
C PHE F 254 34.83 44.64 24.36
N GLN F 255 34.85 45.31 25.52
CA GLN F 255 34.92 46.76 25.56
C GLN F 255 36.28 47.27 25.08
N GLN F 256 37.34 46.51 25.35
CA GLN F 256 38.68 46.96 24.97
C GLN F 256 39.05 46.59 23.54
N HIS F 257 38.19 45.93 22.79
CA HIS F 257 38.57 45.41 21.48
C HIS F 257 37.66 45.81 20.32
N LEU F 258 36.54 46.47 20.57
CA LEU F 258 35.72 46.91 19.44
C LEU F 258 36.35 48.15 18.81
N PRO F 259 36.59 48.15 17.50
CA PRO F 259 37.39 49.22 16.89
C PRO F 259 36.64 50.54 16.76
N LEU F 260 36.64 51.34 17.82
CA LEU F 260 36.08 52.68 17.80
C LEU F 260 37.17 53.69 18.12
N ALA F 261 36.84 54.97 17.99
CA ALA F 261 37.80 56.03 18.29
C ALA F 261 38.21 55.99 19.75
N GLU F 262 37.24 55.81 20.65
CA GLU F 262 37.52 55.65 22.07
C GLU F 262 36.66 54.52 22.61
N THR F 263 37.18 53.84 23.62
CA THR F 263 36.49 52.69 24.20
C THR F 263 35.27 53.17 24.98
N PRO F 264 34.08 52.60 24.72
CA PRO F 264 32.91 52.97 25.53
C PRO F 264 32.96 52.37 26.91
N ASN F 265 31.91 52.53 27.69
CA ASN F 265 31.80 51.96 29.03
C ASN F 265 30.67 50.93 29.02
N LEU F 266 30.99 49.66 29.19
CA LEU F 266 29.97 48.61 29.15
C LEU F 266 29.82 47.89 30.49
N VAL F 267 30.76 48.08 31.42
CA VAL F 267 30.60 47.45 32.72
C VAL F 267 29.42 48.05 33.47
N ASP F 268 29.19 49.36 33.32
CA ASP F 268 28.06 49.99 33.99
C ASP F 268 26.73 49.44 33.49
N HIS F 269 26.68 49.04 32.23
CA HIS F 269 25.44 48.48 31.67
C HIS F 269 25.41 46.98 31.82
N TRP F 270 26.06 46.45 32.85
CA TRP F 270 26.13 45.00 33.00
C TRP F 270 24.76 44.35 33.17
N GLU F 271 23.88 44.98 33.93
CA GLU F 271 22.55 44.41 34.14
C GLU F 271 21.79 44.32 32.85
N TYR F 272 21.85 45.36 32.03
CA TYR F 272 21.19 45.33 30.74
C TYR F 272 21.80 44.26 29.85
N PHE F 273 23.14 44.18 29.85
CA PHE F 273 23.81 43.19 29.02
C PHE F 273 23.42 41.78 29.46
N TYR F 274 23.40 41.55 30.77
CA TYR F 274 23.03 40.24 31.28
C TYR F 274 21.58 39.85 30.98
N GLU F 275 20.66 40.77 31.19
CA GLU F 275 19.25 40.42 31.00
C GLU F 275 18.98 40.10 29.54
N ARG F 276 19.57 40.87 28.63
CA ARG F 276 19.43 40.60 27.21
C ARG F 276 20.04 39.26 26.80
N THR F 277 21.17 38.91 27.39
CA THR F 277 21.85 37.69 26.95
C THR F 277 21.81 36.47 27.88
N LEU F 278 21.14 36.54 29.03
CA LEU F 278 21.03 35.37 29.89
C LEU F 278 22.38 34.74 30.18
N GLY F 279 23.46 35.50 29.99
CA GLY F 279 24.78 35.04 30.38
C GLY F 279 25.56 34.30 29.33
N CYS F 280 24.95 33.92 28.20
CA CYS F 280 25.68 33.25 27.13
C CYS F 280 26.40 34.29 26.28
N ILE F 281 27.72 34.12 26.15
CA ILE F 281 28.54 35.18 25.58
C ILE F 281 28.44 35.23 24.06
N GLY F 282 28.01 34.14 23.42
CA GLY F 282 27.82 34.19 21.98
C GLY F 282 26.71 35.14 21.58
N THR F 283 25.59 35.11 22.30
CA THR F 283 24.54 36.10 22.09
C THR F 283 25.04 37.50 22.40
N LEU F 284 25.90 37.61 23.42
CA LEU F 284 26.46 38.90 23.80
C LEU F 284 27.28 39.49 22.66
N LYS F 285 28.09 38.67 22.01
CA LYS F 285 28.95 39.15 20.93
C LYS F 285 28.15 39.56 19.70
N ASP F 286 27.23 38.71 19.26
CA ASP F 286 26.46 39.01 18.06
C ASP F 286 25.63 40.28 18.28
N TRP F 287 25.12 40.46 19.49
CA TRP F 287 24.38 41.68 19.80
C TRP F 287 25.33 42.87 19.73
N LEU F 288 26.50 42.75 20.34
CA LEU F 288 27.45 43.85 20.26
C LEU F 288 27.89 44.12 18.83
N LYS F 289 27.88 43.08 17.99
CA LYS F 289 28.26 43.26 16.58
C LYS F 289 27.29 44.20 15.86
N ARG F 290 26.00 44.08 16.18
CA ARG F 290 25.00 44.94 15.54
C ARG F 290 25.24 46.41 15.84
N VAL F 291 25.43 46.74 17.13
CA VAL F 291 25.64 48.13 17.50
C VAL F 291 26.98 48.62 16.98
N LEU F 292 27.99 47.74 16.95
CA LEU F 292 29.27 48.13 16.36
C LEU F 292 29.11 48.47 14.88
N SER F 293 28.37 47.65 14.14
CA SER F 293 28.14 47.92 12.73
C SER F 293 27.37 49.22 12.54
N ASP F 294 26.37 49.48 13.39
CA ASP F 294 25.65 50.74 13.31
C ASP F 294 26.56 51.93 13.54
N ALA F 295 27.43 51.83 14.55
CA ALA F 295 28.35 52.93 14.85
C ALA F 295 29.33 53.16 13.69
N LEU F 296 29.84 52.08 13.11
CA LEU F 296 30.78 52.24 12.00
C LEU F 296 30.10 52.77 10.76
N ASP F 297 28.84 52.39 10.51
CA ASP F 297 28.09 52.98 9.40
C ASP F 297 27.82 54.46 9.64
N ARG F 298 27.53 54.84 10.89
CA ARG F 298 27.34 56.25 11.23
C ARG F 298 28.66 56.98 11.47
N GLU F 299 29.78 56.28 11.41
CA GLU F 299 31.09 56.84 11.74
C GLU F 299 31.09 57.45 13.13
N ALA F 300 30.43 56.76 14.06
CA ALA F 300 30.34 57.21 15.44
C ALA F 300 31.67 56.99 16.15
N THR F 301 31.81 57.65 17.30
CA THR F 301 33.05 57.56 18.07
C THR F 301 32.94 56.61 19.27
N THR F 302 31.73 56.39 19.78
CA THR F 302 31.56 55.53 20.95
C THR F 302 30.15 54.95 20.95
N ILE F 303 29.97 53.92 21.76
CA ILE F 303 28.70 53.24 21.90
C ILE F 303 27.91 53.86 23.05
N THR F 304 26.64 54.14 22.80
CA THR F 304 25.73 54.65 23.81
C THR F 304 24.63 53.62 24.07
N LEU F 305 24.02 53.72 25.25
CA LEU F 305 22.95 52.79 25.61
C LEU F 305 21.76 52.91 24.66
N LYS F 306 21.56 54.10 24.08
CA LYS F 306 20.52 54.26 23.07
C LYS F 306 20.78 53.37 21.87
N ASP F 307 22.04 53.29 21.42
CA ASP F 307 22.38 52.39 20.33
C ASP F 307 22.20 50.93 20.74
N LEU F 308 22.52 50.61 21.99
CA LEU F 308 22.35 49.24 22.48
C LEU F 308 20.89 48.82 22.40
N GLN F 309 19.99 49.70 22.85
CA GLN F 309 18.58 49.37 22.83
C GLN F 309 18.02 49.21 21.43
N LYS F 310 18.70 49.74 20.42
CA LYS F 310 18.15 49.72 19.06
C LYS F 310 17.98 48.30 18.54
N ARG F 311 18.98 47.45 18.73
CA ARG F 311 18.98 46.10 18.18
C ARG F 311 19.24 45.07 19.27
N ALA F 312 18.59 45.23 20.41
CA ALA F 312 18.65 44.22 21.46
C ALA F 312 17.52 43.21 21.26
N LEU F 313 17.66 42.06 21.91
CA LEU F 313 16.64 41.04 21.83
C LEU F 313 15.37 41.49 22.56
N SER F 314 14.23 41.01 22.07
CA SER F 314 12.95 41.36 22.69
C SER F 314 12.83 40.75 24.08
N VAL F 315 12.04 41.40 24.93
CA VAL F 315 11.85 40.92 26.30
C VAL F 315 11.16 39.56 26.28
N ALA F 316 10.16 39.39 25.41
CA ALA F 316 9.49 38.10 25.29
C ALA F 316 10.45 37.03 24.79
N GLN F 317 11.32 37.38 23.84
CA GLN F 317 12.30 36.43 23.33
C GLN F 317 13.22 35.95 24.44
N CYS F 318 13.77 36.90 25.22
CA CYS F 318 14.66 36.52 26.32
C CYS F 318 13.92 35.72 27.37
N GLN F 319 12.65 36.05 27.62
CA GLN F 319 11.87 35.29 28.59
C GLN F 319 11.68 33.85 28.13
N LYS F 320 11.39 33.65 26.84
CA LYS F 320 11.24 32.29 26.33
C LYS F 320 12.55 31.52 26.41
N MET F 321 13.66 32.16 26.03
CA MET F 321 14.95 31.50 26.12
C MET F 321 15.29 31.13 27.55
N PHE F 322 14.98 32.03 28.50
CA PHE F 322 15.26 31.73 29.91
C PHE F 322 14.39 30.59 30.42
N LYS F 323 13.12 30.54 29.99
CA LYS F 323 12.26 29.42 30.38
C LYS F 323 12.83 28.11 29.87
N GLU F 324 13.26 28.09 28.60
CA GLU F 324 13.86 26.88 28.04
C GLU F 324 15.14 26.50 28.78
N ILE F 325 15.97 27.50 29.11
CA ILE F 325 17.22 27.25 29.80
C ILE F 325 16.96 26.66 31.18
N GLN F 326 16.01 27.22 31.91
CA GLN F 326 15.69 26.69 33.23
C GLN F 326 15.15 25.27 33.15
N GLU F 327 14.26 25.01 32.18
CA GLU F 327 13.73 23.66 32.03
C GLU F 327 14.83 22.67 31.68
N GLY F 328 15.78 23.05 30.84
CA GLY F 328 16.91 22.19 30.53
C GLY F 328 17.85 21.98 31.71
N GLU F 329 18.14 23.04 32.45
CA GLU F 329 19.09 22.95 33.55
C GLU F 329 18.53 22.16 34.72
N ARG F 330 17.22 22.18 34.92
CA ARG F 330 16.64 21.42 36.03
C ARG F 330 16.88 19.92 35.86
N GLN F 331 17.10 19.44 34.64
CA GLN F 331 17.35 18.03 34.40
C GLN F 331 18.80 17.62 34.61
N LEU F 332 19.72 18.58 34.74
CA LEU F 332 21.13 18.25 34.93
C LEU F 332 21.62 18.68 36.30
N SER F 333 20.77 18.56 37.31
CA SER F 333 21.10 18.94 38.68
C SER F 333 21.73 17.73 39.37
N GLU F 334 23.06 17.65 39.34
CA GLU F 334 23.79 16.55 39.97
C GLU F 334 24.06 16.91 41.43
N THR F 335 23.00 16.84 42.23
CA THR F 335 23.10 17.16 43.64
C THR F 335 23.63 15.96 44.42
N GLU F 336 24.15 16.24 45.62
CA GLU F 336 24.64 15.17 46.49
C GLU F 336 23.49 14.30 46.97
N ALA F 337 22.27 14.84 47.05
CA ALA F 337 21.13 14.03 47.46
C ALA F 337 20.87 12.89 46.47
N ASP F 338 21.00 13.17 45.18
CA ASP F 338 20.84 12.12 44.18
C ASP F 338 21.89 11.03 44.34
N VAL F 339 23.14 11.43 44.62
CA VAL F 339 24.20 10.44 44.83
C VAL F 339 23.90 9.58 46.05
N GLN F 340 23.45 10.21 47.13
CA GLN F 340 23.12 9.46 48.34
C GLN F 340 21.96 8.51 48.09
N ASN F 341 20.94 8.96 47.36
CA ASN F 341 19.81 8.10 47.04
C ASN F 341 20.24 6.92 46.18
N LEU F 342 21.12 7.16 45.20
CA LEU F 342 21.63 6.07 44.38
C LEU F 342 22.41 5.07 45.22
N ARG F 343 23.25 5.56 46.13
CA ARG F 343 24.01 4.65 46.99
C ARG F 343 23.09 3.83 47.89
N SER F 344 22.05 4.47 48.43
CA SER F 344 21.11 3.75 49.29
C SER F 344 20.35 2.68 48.50
N ALA F 345 19.91 3.02 47.28
CA ALA F 345 19.18 2.05 46.47
C ALA F 345 20.10 0.93 45.98
N LEU F 346 21.39 1.21 45.85
CA LEU F 346 22.35 0.20 45.40
C LEU F 346 22.71 -0.78 46.50
N GLY F 347 22.33 -0.49 47.74
CA GLY F 347 22.67 -1.35 48.87
C GLY F 347 23.99 -1.03 49.53
N LEU F 348 24.78 -0.13 48.96
CA LEU F 348 26.07 0.26 49.51
C LEU F 348 25.98 1.52 50.37
N GLY F 349 24.79 2.15 50.40
CA GLY F 349 24.62 3.42 51.08
C GLY F 349 25.01 3.43 52.54
N ALA F 350 25.79 4.43 52.94
CA ALA F 350 26.24 4.56 54.32
C ALA F 350 26.50 6.03 54.66
N THR G 8 4.32 68.78 -4.05
CA THR G 8 4.58 69.79 -5.06
C THR G 8 3.51 69.76 -6.15
N GLY G 9 2.75 68.68 -6.19
CA GLY G 9 1.70 68.55 -7.19
C GLY G 9 2.15 67.82 -8.43
N PHE G 10 1.21 67.12 -9.05
CA PHE G 10 1.50 66.37 -10.26
C PHE G 10 1.72 67.33 -11.43
N PRO G 11 2.56 66.95 -12.40
CA PRO G 11 2.77 67.81 -13.56
C PRO G 11 1.51 67.96 -14.41
N LEU G 12 1.36 69.15 -15.00
CA LEU G 12 0.17 69.45 -15.77
C LEU G 12 0.12 68.70 -17.09
N GLU G 13 1.24 68.14 -17.55
CA GLU G 13 1.25 67.42 -18.82
C GLU G 13 0.44 66.14 -18.78
N LEU G 14 0.10 65.65 -17.58
CA LEU G 14 -0.67 64.42 -17.48
C LEU G 14 -2.11 64.60 -17.98
N LEU G 15 -2.66 65.81 -17.81
CA LEU G 15 -4.03 66.06 -18.24
C LEU G 15 -4.20 65.94 -19.75
N THR G 16 -3.12 66.08 -20.52
CA THR G 16 -3.16 65.90 -21.96
C THR G 16 -3.13 64.44 -22.38
N ARG G 17 -2.95 63.52 -21.43
CA ARG G 17 -2.90 62.09 -21.69
C ARG G 17 -4.22 61.43 -21.30
N PRO G 18 -4.56 60.31 -21.93
CA PRO G 18 -5.80 59.61 -21.58
C PRO G 18 -5.74 58.96 -20.20
N ALA G 19 -6.80 58.26 -19.83
CA ALA G 19 -6.97 57.79 -18.45
C ALA G 19 -5.89 56.78 -18.07
N THR G 20 -5.46 55.94 -19.01
CA THR G 20 -4.51 54.88 -18.67
C THR G 20 -3.20 55.43 -18.16
N GLU G 21 -2.65 56.44 -18.85
CA GLU G 21 -1.38 57.02 -18.42
C GLU G 21 -1.51 57.71 -17.07
N ARG G 22 -2.63 58.41 -16.84
CA ARG G 22 -2.83 59.07 -15.56
C ARG G 22 -2.94 58.08 -14.42
N LEU G 23 -3.68 56.99 -14.61
CA LEU G 23 -3.80 55.98 -13.58
C LEU G 23 -2.46 55.27 -13.34
N ALA G 24 -1.69 55.04 -14.41
CA ALA G 24 -0.37 54.44 -14.25
C ALA G 24 0.55 55.36 -13.45
N TYR G 25 0.52 56.66 -13.75
CA TYR G 25 1.34 57.61 -12.99
C TYR G 25 0.94 57.62 -11.52
N PHE G 26 -0.37 57.61 -11.24
CA PHE G 26 -0.82 57.59 -9.85
C PHE G 26 -0.37 56.32 -9.16
N GLU G 27 -0.44 55.18 -9.86
CA GLU G 27 0.01 53.92 -9.27
C GLU G 27 1.50 53.94 -8.97
N ASN G 28 2.31 54.47 -9.88
CA ASN G 28 3.75 54.50 -9.65
C ASN G 28 4.15 55.50 -8.57
N TYR G 29 3.30 56.47 -8.26
CA TYR G 29 3.61 57.45 -7.23
C TYR G 29 3.66 56.78 -5.86
N THR G 30 4.68 57.12 -5.07
CA THR G 30 4.86 56.57 -3.74
C THR G 30 5.15 57.69 -2.75
N VAL G 31 4.78 57.47 -1.50
CA VAL G 31 4.98 58.42 -0.42
C VAL G 31 5.86 57.77 0.63
N ALA G 32 6.96 58.44 1.00
CA ALA G 32 7.88 57.93 2.01
C ALA G 32 7.50 58.54 3.36
N HIS G 33 6.47 57.98 3.96
CA HIS G 33 6.02 58.44 5.27
C HIS G 33 7.06 58.09 6.33
N PRO G 34 7.10 58.84 7.43
CA PRO G 34 8.19 58.64 8.41
C PRO G 34 8.28 57.22 8.96
N ARG G 35 7.14 56.56 9.21
CA ARG G 35 7.19 55.17 9.68
C ARG G 35 7.79 54.26 8.63
N LEU G 36 7.42 54.45 7.36
CA LEU G 36 8.01 53.65 6.29
C LEU G 36 9.51 53.90 6.19
N LYS G 37 9.93 55.15 6.30
CA LYS G 37 11.35 55.46 6.25
C LYS G 37 12.11 54.80 7.40
N GLU G 38 11.55 54.87 8.61
CA GLU G 38 12.21 54.27 9.77
C GLU G 38 12.32 52.75 9.61
N VAL G 39 11.23 52.11 9.19
CA VAL G 39 11.24 50.65 9.04
C VAL G 39 12.18 50.24 7.92
N TYR G 40 12.20 51.01 6.83
CA TYR G 40 13.12 50.73 5.74
C TYR G 40 14.57 50.84 6.19
N GLU G 41 14.90 51.89 6.95
CA GLU G 41 16.26 52.04 7.45
C GLU G 41 16.64 50.90 8.38
N ILE G 42 15.72 50.51 9.28
CA ILE G 42 15.99 49.42 10.20
C ILE G 42 16.23 48.13 9.45
N LEU G 43 15.37 47.83 8.47
CA LEU G 43 15.51 46.60 7.69
C LEU G 43 16.80 46.59 6.89
N MET G 44 17.14 47.73 6.27
CA MET G 44 18.38 47.80 5.49
C MET G 44 19.59 47.59 6.38
N ARG G 45 19.60 48.19 7.57
CA ARG G 45 20.73 48.01 8.48
C ARG G 45 20.79 46.56 8.98
N THR G 46 19.63 45.93 9.20
CA THR G 46 19.63 44.54 9.60
C THR G 46 20.18 43.63 8.51
N ILE G 47 19.84 43.93 7.25
CA ILE G 47 20.41 43.18 6.13
C ILE G 47 21.91 43.42 6.04
N ALA G 48 22.37 44.63 6.35
CA ALA G 48 23.78 44.93 6.28
C ALA G 48 24.61 44.10 7.25
N GLU G 49 24.00 43.58 8.31
CA GLU G 49 24.72 42.77 9.30
C GLU G 49 23.72 41.82 9.95
N PRO G 50 23.60 40.59 9.43
CA PRO G 50 22.70 39.62 10.09
C PRO G 50 23.11 39.30 11.52
N ALA G 51 24.42 39.27 11.79
CA ALA G 51 24.96 39.04 13.14
C ALA G 51 24.42 37.75 13.75
N GLY G 52 24.65 36.64 13.06
CA GLY G 52 24.24 35.35 13.57
C GLY G 52 22.75 35.18 13.73
N ALA G 53 21.96 35.73 12.82
CA ALA G 53 20.51 35.60 12.83
C ALA G 53 20.07 35.04 11.49
N SER G 54 19.22 34.01 11.53
CA SER G 54 18.75 33.36 10.31
C SER G 54 17.36 33.81 9.89
N PHE G 55 16.60 34.44 10.76
CA PHE G 55 15.24 34.87 10.46
C PHE G 55 15.08 36.36 10.71
N ILE G 56 14.32 37.01 9.83
CA ILE G 56 13.88 38.39 10.03
C ILE G 56 12.37 38.40 9.91
N PHE G 57 11.68 38.71 11.01
CA PHE G 57 10.23 38.71 11.06
C PHE G 57 9.74 40.15 10.97
N VAL G 58 9.20 40.52 9.81
CA VAL G 58 8.56 41.81 9.60
C VAL G 58 7.08 41.53 9.43
N TYR G 59 6.28 41.96 10.41
CA TYR G 59 4.84 41.74 10.38
C TYR G 59 4.13 43.09 10.39
N GLY G 60 3.24 43.29 9.42
CA GLY G 60 2.41 44.47 9.39
C GLY G 60 1.00 44.11 8.97
N ALA G 61 0.07 45.03 9.21
CA ALA G 61 -1.32 44.80 8.89
C ALA G 61 -1.50 44.77 7.38
N SER G 62 -2.68 44.34 6.93
CA SER G 62 -2.95 44.30 5.49
C SER G 62 -2.97 45.70 4.91
N GLY G 63 -2.34 45.86 3.75
CA GLY G 63 -2.26 47.16 3.13
C GLY G 63 -1.49 48.18 3.93
N VAL G 64 -0.32 47.80 4.45
CA VAL G 64 0.54 48.70 5.20
C VAL G 64 1.77 49.12 4.39
N GLY G 65 2.17 48.28 3.43
CA GLY G 65 3.32 48.57 2.59
C GLY G 65 4.46 47.60 2.69
N LYS G 66 4.21 46.38 3.19
CA LYS G 66 5.28 45.40 3.32
C LYS G 66 5.82 45.00 1.94
N THR G 67 4.93 44.72 1.00
CA THR G 67 5.36 44.31 -0.33
C THR G 67 6.13 45.43 -1.03
N THR G 68 5.59 46.65 -1.00
CA THR G 68 6.27 47.78 -1.62
C THR G 68 7.63 48.02 -0.97
N LEU G 69 7.70 47.85 0.35
CA LEU G 69 8.99 47.91 1.04
C LEU G 69 9.94 46.84 0.51
N ARG G 70 9.42 45.65 0.24
CA ARG G 70 10.27 44.57 -0.27
C ARG G 70 10.84 44.92 -1.64
N LEU G 71 9.98 45.39 -2.55
CA LEU G 71 10.52 45.78 -3.86
C LEU G 71 11.49 46.94 -3.76
N ARG G 72 11.20 47.92 -2.90
CA ARG G 72 12.09 49.07 -2.75
C ARG G 72 13.47 48.62 -2.25
N VAL G 73 13.49 47.78 -1.21
CA VAL G 73 14.75 47.35 -0.65
C VAL G 73 15.49 46.43 -1.62
N GLU G 74 14.76 45.60 -2.36
CA GLU G 74 15.39 44.75 -3.37
C GLU G 74 16.08 45.59 -4.42
N GLN G 75 15.39 46.62 -4.91
CA GLN G 75 15.99 47.52 -5.89
C GLN G 75 17.20 48.24 -5.30
N LYS G 76 17.12 48.63 -4.04
CA LYS G 76 18.24 49.34 -3.42
C LYS G 76 19.47 48.44 -3.31
N LEU G 77 19.31 47.19 -2.86
CA LEU G 77 20.45 46.29 -2.80
C LEU G 77 20.98 45.99 -4.20
N THR G 78 20.09 45.84 -5.19
CA THR G 78 20.57 45.61 -6.55
C THR G 78 21.41 46.78 -7.05
N GLU G 79 20.94 48.01 -6.82
CA GLU G 79 21.69 49.19 -7.25
C GLU G 79 23.02 49.28 -6.51
N LEU G 80 23.02 49.02 -5.20
CA LEU G 80 24.25 49.10 -4.43
C LEU G 80 25.27 48.05 -4.87
N ALA G 81 24.80 46.84 -5.18
CA ALA G 81 25.71 45.76 -5.55
C ALA G 81 26.14 45.83 -7.01
N LEU G 82 25.41 46.57 -7.85
CA LEU G 82 25.78 46.64 -9.26
C LEU G 82 27.22 47.10 -9.51
N PRO G 83 27.74 48.16 -8.86
CA PRO G 83 29.15 48.53 -9.11
C PRO G 83 30.13 47.41 -8.81
N LYS G 84 29.89 46.63 -7.75
CA LYS G 84 30.71 45.46 -7.51
C LYS G 84 30.33 44.30 -8.43
N LEU G 85 29.06 44.27 -8.87
CA LEU G 85 28.61 43.19 -9.74
C LEU G 85 29.15 43.31 -11.16
N GLU G 86 29.70 44.48 -11.53
CA GLU G 86 30.36 44.58 -12.82
C GLU G 86 31.52 43.60 -12.93
N SER G 87 32.32 43.47 -11.86
CA SER G 87 33.38 42.49 -11.81
C SER G 87 32.96 41.18 -11.17
N ASP G 88 32.06 41.22 -10.19
CA ASP G 88 31.52 40.02 -9.56
C ASP G 88 30.19 39.64 -10.20
N ARG G 89 30.26 39.27 -11.49
CA ARG G 89 29.05 38.99 -12.25
C ARG G 89 28.38 37.70 -11.78
N ALA G 90 29.14 36.80 -11.14
CA ALA G 90 28.55 35.54 -10.67
C ALA G 90 27.60 35.74 -9.50
N ARG G 91 27.82 36.76 -8.68
CA ARG G 91 26.99 36.96 -7.50
C ARG G 91 25.62 37.51 -7.88
N VAL G 92 24.62 37.31 -7.00
CA VAL G 92 23.26 37.84 -7.23
C VAL G 92 22.77 38.39 -5.91
N PRO G 93 22.68 39.71 -5.77
CA PRO G 93 22.36 40.26 -4.45
C PRO G 93 21.03 39.96 -3.78
N VAL G 94 19.89 39.97 -4.43
CA VAL G 94 18.67 39.66 -3.71
C VAL G 94 17.81 38.70 -4.46
N VAL G 95 16.90 38.03 -3.75
CA VAL G 95 15.98 37.08 -4.38
C VAL G 95 14.69 37.00 -3.55
N GLY G 96 13.56 37.34 -4.14
CA GLY G 96 12.30 37.31 -3.42
C GLY G 96 11.24 36.40 -4.01
N ILE G 97 10.68 35.51 -3.19
CA ILE G 97 9.59 34.63 -3.66
C ILE G 97 8.41 34.61 -2.69
N GLU G 98 7.25 34.22 -3.16
CA GLU G 98 6.10 34.13 -2.29
C GLU G 98 6.09 32.75 -1.72
N ALA G 99 5.40 32.55 -0.61
CA ALA G 99 5.28 31.21 -0.09
C ALA G 99 4.48 30.26 -0.94
N ILE G 100 3.32 30.70 -1.39
CA ILE G 100 2.45 29.85 -2.21
C ILE G 100 1.93 30.72 -3.33
N ALA G 101 2.60 30.81 -4.48
CA ALA G 101 2.16 31.78 -5.50
C ALA G 101 0.77 31.58 -6.07
N PRO G 102 0.43 30.34 -6.42
CA PRO G 102 -0.96 30.16 -6.81
C PRO G 102 -1.55 29.53 -5.59
N GLU G 103 -2.69 29.98 -5.16
CA GLU G 103 -3.18 29.47 -3.89
C GLU G 103 -3.27 27.98 -3.84
N SER G 104 -2.76 27.42 -2.75
CA SER G 104 -2.86 26.01 -2.57
C SER G 104 -3.33 25.77 -1.16
N ARG G 105 -4.30 24.88 -0.98
CA ARG G 105 -4.85 24.62 0.34
C ARG G 105 -3.73 24.24 1.27
N TYR G 106 -2.63 23.82 0.70
CA TYR G 106 -1.45 23.45 1.48
C TYR G 106 -0.14 23.99 0.95
N PHE G 107 0.85 24.13 1.83
CA PHE G 107 2.17 24.60 1.42
C PHE G 107 2.98 23.38 1.01
N ASN G 108 3.53 23.36 -0.20
CA ASN G 108 4.22 22.19 -0.65
C ASN G 108 5.65 22.55 -0.64
N TRP G 109 6.39 22.03 0.33
CA TRP G 109 7.82 22.30 0.37
C TRP G 109 8.46 22.18 -1.00
N LYS G 110 8.24 21.05 -1.69
CA LYS G 110 8.89 20.82 -2.97
C LYS G 110 8.62 21.96 -3.95
N GLU G 111 7.39 22.44 -3.96
CA GLU G 111 7.05 23.59 -4.80
C GLU G 111 7.86 24.82 -4.38
N TYR G 112 8.02 25.02 -3.07
CA TYR G 112 8.79 26.16 -2.58
C TYR G 112 10.24 26.09 -3.04
N TYR G 113 10.89 24.93 -2.90
CA TYR G 113 12.28 24.84 -3.32
C TYR G 113 12.40 24.98 -4.83
N THR G 114 11.47 24.41 -5.60
CA THR G 114 11.53 24.57 -7.05
C THR G 114 11.42 26.03 -7.45
N ARG G 115 10.47 26.76 -6.84
CA ARG G 115 10.32 28.18 -7.15
C ARG G 115 11.57 28.96 -6.75
N ALA G 116 12.13 28.66 -5.57
CA ALA G 116 13.33 29.38 -5.13
C ALA G 116 14.49 29.12 -6.07
N LEU G 117 14.65 27.88 -6.54
CA LEU G 117 15.77 27.56 -7.40
C LEU G 117 15.59 28.18 -8.78
N ILE G 118 14.36 28.22 -9.30
CA ILE G 118 14.17 28.80 -10.62
C ILE G 118 14.24 30.32 -10.55
N THR G 119 14.00 30.90 -9.37
CA THR G 119 14.04 32.35 -9.26
C THR G 119 15.46 32.83 -8.94
N LEU G 120 16.45 32.33 -9.67
CA LEU G 120 17.73 33.02 -9.80
C LEU G 120 18.26 32.97 -11.22
N GLU G 121 17.41 32.70 -12.21
CA GLU G 121 17.90 32.43 -13.56
C GLU G 121 18.49 33.68 -14.19
N GLU G 122 19.46 33.47 -15.07
CA GLU G 122 20.09 34.53 -15.83
C GLU G 122 20.37 34.01 -17.23
N PRO G 123 20.36 34.89 -18.24
CA PRO G 123 20.62 34.43 -19.61
C PRO G 123 21.99 33.80 -19.77
N LEU G 124 22.99 34.27 -19.01
CA LEU G 124 24.34 33.71 -19.04
C LEU G 124 24.46 32.73 -17.87
N ILE G 125 24.02 31.49 -18.12
CA ILE G 125 23.97 30.46 -17.09
C ILE G 125 25.33 29.79 -16.94
N ASP G 126 26.33 30.28 -17.67
CA ASP G 126 27.66 29.67 -17.62
C ASP G 126 28.35 29.88 -16.28
N HIS G 127 27.80 30.70 -15.39
CA HIS G 127 28.46 30.95 -14.11
C HIS G 127 28.53 29.68 -13.27
N LYS G 128 27.61 28.74 -13.48
CA LYS G 128 27.47 27.61 -12.57
C LYS G 128 27.94 26.28 -13.17
N PHE G 129 27.39 25.88 -14.33
CA PHE G 129 27.67 24.62 -15.02
C PHE G 129 27.12 23.36 -14.36
N ASP G 130 26.60 23.45 -13.13
CA ASP G 130 26.19 22.21 -12.47
C ASP G 130 25.43 22.53 -11.19
N TYR G 131 24.45 21.69 -10.88
CA TYR G 131 23.79 21.71 -9.58
C TYR G 131 24.03 20.44 -8.77
N GLY G 132 24.61 19.40 -9.35
CA GLY G 132 24.89 18.17 -8.64
C GLY G 132 23.78 17.15 -8.64
N VAL G 133 22.64 17.45 -9.26
CA VAL G 133 21.48 16.57 -9.27
C VAL G 133 21.04 16.35 -10.72
N ARG G 134 20.69 15.12 -11.04
CA ARG G 134 20.20 14.80 -12.38
C ARG G 134 18.77 15.33 -12.56
N GLY G 135 18.41 15.57 -13.82
CA GLY G 135 17.07 15.99 -14.16
C GLY G 135 16.74 17.43 -13.83
N ILE G 136 17.72 18.24 -13.47
CA ILE G 136 17.48 19.63 -13.12
C ILE G 136 18.24 20.61 -14.00
N SER G 137 19.30 20.18 -14.69
CA SER G 137 20.06 21.09 -15.54
C SER G 137 19.25 21.47 -16.78
N ARG G 138 19.49 22.68 -17.26
CA ARG G 138 18.82 23.20 -18.44
C ARG G 138 19.75 23.12 -19.65
N ASP G 139 19.14 23.14 -20.84
CA ASP G 139 19.89 23.00 -22.09
C ASP G 139 20.38 24.37 -22.58
N ASN G 140 21.22 25.00 -21.76
CA ASN G 140 21.82 26.30 -22.07
C ASN G 140 20.75 27.34 -22.41
N PHE G 141 19.67 27.34 -21.62
CA PHE G 141 18.55 28.25 -21.83
C PHE G 141 18.30 29.05 -20.57
N GLY G 142 17.65 30.21 -20.73
CA GLY G 142 17.24 31.01 -19.59
C GLY G 142 16.19 30.33 -18.74
N LYS G 143 15.43 29.40 -19.31
CA LYS G 143 14.40 28.66 -18.58
C LYS G 143 15.06 27.47 -17.90
N ILE G 144 14.92 27.41 -16.58
CA ILE G 144 15.46 26.29 -15.82
C ILE G 144 14.36 25.26 -15.60
N ASN G 145 14.59 24.03 -16.04
CA ASN G 145 13.61 22.96 -15.97
C ASN G 145 13.92 22.04 -14.80
N VAL G 146 12.87 21.70 -14.05
CA VAL G 146 12.97 20.78 -12.92
C VAL G 146 12.05 19.60 -13.20
N GLU G 147 12.62 18.39 -13.22
CA GLU G 147 11.82 17.20 -13.47
C GLU G 147 10.87 16.95 -12.30
N SER G 148 9.64 16.55 -12.63
CA SER G 148 8.62 16.40 -11.59
C SER G 148 8.89 15.20 -10.69
N LYS G 149 9.68 14.23 -11.15
CA LYS G 149 9.94 13.02 -10.38
C LYS G 149 11.17 13.13 -9.50
N VAL G 150 11.84 14.28 -9.48
CA VAL G 150 13.00 14.46 -8.62
C VAL G 150 12.54 14.55 -7.17
N VAL G 151 13.19 13.76 -6.31
CA VAL G 151 12.81 13.75 -4.90
C VAL G 151 13.16 15.09 -4.24
N ALA G 152 12.47 15.37 -3.14
CA ALA G 152 12.68 16.64 -2.44
C ALA G 152 14.09 16.81 -1.89
N PRO G 153 14.69 15.85 -1.18
CA PRO G 153 16.03 16.10 -0.61
C PRO G 153 17.10 16.39 -1.65
N ALA G 154 17.04 15.74 -2.82
CA ALA G 154 18.08 15.97 -3.83
C ALA G 154 18.01 17.38 -4.39
N LEU G 155 16.80 17.83 -4.77
CA LEU G 155 16.67 19.18 -5.30
C LEU G 155 16.86 20.21 -4.19
N ARG G 156 16.63 19.83 -2.94
CA ARG G 156 17.01 20.68 -1.82
C ARG G 156 18.52 20.84 -1.74
N ARG G 157 19.26 19.76 -1.95
CA ARG G 157 20.72 19.85 -2.01
C ARG G 157 21.16 20.75 -3.16
N ALA G 158 20.49 20.61 -4.31
CA ALA G 158 20.80 21.48 -5.45
C ALA G 158 20.55 22.95 -5.10
N LEU G 159 19.44 23.24 -4.44
CA LEU G 159 19.15 24.61 -4.03
C LEU G 159 20.18 25.12 -3.04
N GLU G 160 20.61 24.28 -2.10
CA GLU G 160 21.65 24.69 -1.16
C GLU G 160 22.94 25.03 -1.89
N ASN G 161 23.36 24.18 -2.83
CA ASN G 161 24.57 24.45 -3.59
C ASN G 161 24.44 25.74 -4.39
N ALA G 162 23.29 25.95 -5.02
CA ALA G 162 23.08 27.18 -5.79
C ALA G 162 23.12 28.41 -4.90
N LEU G 163 22.51 28.34 -3.70
CA LEU G 163 22.53 29.47 -2.79
C LEU G 163 23.94 29.76 -2.30
N ILE G 164 24.71 28.73 -1.97
CA ILE G 164 26.09 28.94 -1.54
C ILE G 164 26.94 29.54 -2.65
N HIS G 165 26.82 29.03 -3.88
CA HIS G 165 27.64 29.53 -4.97
C HIS G 165 27.25 30.96 -5.37
N ARG G 166 25.96 31.20 -5.55
CA ARG G 166 25.50 32.53 -5.96
C ARG G 166 25.70 33.56 -4.86
N HIS G 167 25.54 33.15 -3.60
CA HIS G 167 25.75 33.99 -2.43
C HIS G 167 24.86 35.24 -2.46
N PRO G 168 23.54 35.08 -2.38
CA PRO G 168 22.68 36.27 -2.30
C PRO G 168 22.80 36.94 -0.94
N ASP G 169 22.58 38.26 -0.93
CA ASP G 169 22.67 39.01 0.32
C ASP G 169 21.53 38.68 1.27
N VAL G 170 20.32 38.47 0.76
CA VAL G 170 19.17 38.16 1.60
C VAL G 170 18.10 37.46 0.78
N PHE G 171 17.50 36.42 1.35
CA PHE G 171 16.39 35.72 0.73
C PHE G 171 15.08 36.27 1.29
N PHE G 172 14.20 36.73 0.41
CA PHE G 172 12.93 37.33 0.80
C PHE G 172 11.80 36.33 0.61
N VAL G 173 10.96 36.20 1.61
CA VAL G 173 9.78 35.35 1.56
C VAL G 173 8.59 36.24 1.85
N ASP G 174 7.95 36.75 0.80
CA ASP G 174 6.83 37.66 0.96
C ASP G 174 5.54 36.88 1.20
N GLU G 175 4.63 37.50 1.95
CA GLU G 175 3.36 36.87 2.33
C GLU G 175 3.59 35.53 3.00
N ALA G 176 4.55 35.49 3.93
CA ALA G 176 4.94 34.26 4.60
C ALA G 176 3.88 33.74 5.57
N GLN G 177 2.70 34.36 5.63
CA GLN G 177 1.63 33.82 6.47
C GLN G 177 1.16 32.47 5.95
N HIS G 178 1.43 32.18 4.68
CA HIS G 178 1.03 30.90 4.09
C HIS G 178 1.88 29.74 4.60
N PHE G 179 3.00 30.03 5.28
CA PHE G 179 3.80 28.96 5.86
C PHE G 179 3.02 28.17 6.90
N GLY G 180 2.06 28.80 7.57
CA GLY G 180 1.23 28.11 8.54
C GLY G 180 0.17 27.22 7.92
N LYS G 181 -0.03 27.29 6.60
CA LYS G 181 -0.98 26.44 5.91
C LYS G 181 -0.36 25.06 5.69
N VAL G 182 -0.25 24.31 6.77
CA VAL G 182 0.30 22.97 6.76
C VAL G 182 -0.76 21.99 6.26
N ALA G 183 -0.31 20.92 5.61
CA ALA G 183 -1.22 19.89 5.10
C ALA G 183 -1.60 18.92 6.22
N SER G 184 -2.29 19.47 7.22
CA SER G 184 -2.77 18.75 8.40
C SER G 184 -1.65 18.16 9.24
N GLY G 185 -0.39 18.49 8.93
CA GLY G 185 0.71 17.97 9.71
C GLY G 185 0.76 18.53 11.13
N TYR G 186 0.39 19.80 11.28
CA TYR G 186 0.47 20.50 12.57
C TYR G 186 1.89 20.42 13.13
N LYS G 187 2.85 20.73 12.27
CA LYS G 187 4.28 20.65 12.60
C LYS G 187 4.93 22.02 12.44
N LEU G 188 4.34 23.05 13.05
CA LEU G 188 4.85 24.40 12.91
C LEU G 188 6.32 24.50 13.30
N GLN G 189 6.68 23.92 14.45
CA GLN G 189 8.06 23.98 14.90
C GLN G 189 8.98 23.22 13.96
N ASP G 190 8.50 22.10 13.40
CA ASP G 190 9.30 21.36 12.43
C ASP G 190 9.52 22.18 11.15
N GLN G 191 8.50 22.91 10.70
CA GLN G 191 8.64 23.75 9.51
C GLN G 191 9.69 24.84 9.76
N LEU G 192 9.60 25.50 10.91
CA LEU G 192 10.58 26.53 11.23
C LEU G 192 11.98 25.94 11.41
N ASP G 193 12.06 24.72 11.95
CA ASP G 193 13.35 24.05 12.06
C ASP G 193 13.94 23.75 10.70
N CYS G 194 13.11 23.32 9.75
CA CYS G 194 13.59 23.07 8.39
C CYS G 194 14.11 24.37 7.75
N LEU G 195 13.36 25.46 7.92
CA LEU G 195 13.82 26.74 7.36
C LEU G 195 15.11 27.19 8.02
N LYS G 196 15.23 27.02 9.34
CA LYS G 196 16.45 27.38 10.04
C LYS G 196 17.63 26.55 9.56
N SER G 197 17.41 25.25 9.36
CA SER G 197 18.50 24.40 8.88
C SER G 197 18.93 24.80 7.47
N LEU G 198 17.97 25.13 6.61
CA LEU G 198 18.30 25.62 5.28
C LEU G 198 19.17 26.87 5.36
N ALA G 199 18.74 27.84 6.17
CA ALA G 199 19.51 29.07 6.33
C ALA G 199 20.89 28.80 6.92
N ASN G 200 20.98 27.81 7.80
CA ASN G 200 22.24 27.53 8.48
C ASN G 200 23.26 26.90 7.54
N MET G 201 22.85 25.87 6.79
CA MET G 201 23.82 25.29 5.87
C MET G 201 24.08 26.18 4.67
N THR G 202 23.14 27.06 4.31
CA THR G 202 23.38 27.97 3.20
C THR G 202 24.04 29.27 3.63
N GLY G 203 23.97 29.64 4.90
CA GLY G 203 24.55 30.88 5.36
C GLY G 203 23.88 32.13 4.81
N ILE G 204 22.67 32.01 4.29
CA ILE G 204 21.96 33.13 3.68
C ILE G 204 20.88 33.62 4.64
N LEU G 205 20.86 34.92 4.87
CA LEU G 205 19.84 35.52 5.71
C LEU G 205 18.47 35.39 5.06
N HIS G 206 17.48 35.01 5.87
CA HIS G 206 16.11 34.82 5.41
C HIS G 206 15.21 35.87 6.08
N CYS G 207 14.42 36.56 5.27
CA CYS G 207 13.48 37.57 5.75
C CYS G 207 12.06 37.06 5.53
N LEU G 208 11.27 37.05 6.60
CA LEU G 208 9.90 36.57 6.57
C LEU G 208 8.95 37.76 6.61
N LEU G 209 8.13 37.90 5.58
CA LEU G 209 7.18 39.00 5.47
C LEU G 209 5.76 38.45 5.48
N GLY G 210 4.90 39.07 6.29
CA GLY G 210 3.53 38.62 6.36
C GLY G 210 2.72 39.48 7.29
N THR G 211 1.45 39.09 7.44
CA THR G 211 0.51 39.80 8.30
C THR G 211 0.74 39.41 9.75
N TYR G 212 -0.20 39.79 10.62
CA TYR G 212 -0.12 39.42 12.02
C TYR G 212 -0.43 37.95 12.27
N GLU G 213 -0.80 37.20 11.23
CA GLU G 213 -1.09 35.78 11.40
C GLU G 213 0.17 35.01 11.82
N LEU G 214 1.32 35.39 11.29
CA LEU G 214 2.54 34.64 11.59
C LEU G 214 3.08 34.91 12.98
N LEU G 215 2.35 35.55 13.90
CA LEU G 215 2.81 35.65 15.28
C LEU G 215 2.89 34.28 15.95
N THR G 216 2.23 33.27 15.37
CA THR G 216 2.42 31.90 15.83
C THR G 216 3.85 31.43 15.57
N PHE G 217 4.51 32.01 14.57
CA PHE G 217 5.91 31.70 14.26
C PHE G 217 6.89 32.44 15.15
N ARG G 218 6.40 33.33 16.03
CA ARG G 218 7.27 34.34 16.63
C ARG G 218 8.20 33.74 17.68
N ASN G 219 7.65 33.19 18.76
CA ASN G 219 8.43 32.77 19.91
C ASN G 219 8.07 31.36 20.33
N LEU G 220 8.03 30.45 19.36
CA LEU G 220 7.64 29.07 19.64
C LEU G 220 8.77 28.30 20.31
N SER G 221 10.02 28.61 19.98
CA SER G 221 11.17 27.91 20.55
C SER G 221 12.29 28.89 20.82
N GLY G 222 13.14 28.55 21.79
CA GLY G 222 14.24 29.42 22.15
C GLY G 222 15.29 29.53 21.06
N GLN G 223 15.57 28.43 20.37
CA GLN G 223 16.54 28.45 19.29
C GLN G 223 16.09 29.38 18.17
N LEU G 224 14.84 29.21 17.71
CA LEU G 224 14.29 30.12 16.71
C LEU G 224 14.15 31.53 17.26
N SER G 225 13.89 31.67 18.56
CA SER G 225 13.81 33.00 19.15
C SER G 225 15.12 33.75 19.04
N ARG G 226 16.24 33.06 19.32
CA ARG G 226 17.54 33.72 19.17
C ARG G 226 17.87 33.94 17.70
N ARG G 227 17.54 32.98 16.83
CA ARG G 227 17.85 33.11 15.41
C ARG G 227 17.02 34.19 14.72
N SER G 228 15.96 34.67 15.34
CA SER G 228 15.03 35.61 14.70
C SER G 228 15.25 37.03 15.18
N VAL G 229 15.04 37.98 14.27
CA VAL G 229 15.06 39.40 14.58
C VAL G 229 13.68 39.95 14.26
N ASP G 230 13.08 40.63 15.24
CA ASP G 230 11.69 41.08 15.15
C ASP G 230 11.64 42.54 14.77
N ILE G 231 10.92 42.84 13.68
CA ILE G 231 10.67 44.20 13.24
C ILE G 231 9.17 44.37 13.09
N HIS G 232 8.62 45.38 13.76
CA HIS G 232 7.18 45.65 13.74
C HIS G 232 6.91 46.81 12.80
N PHE G 233 6.24 46.53 11.68
CA PHE G 233 5.84 47.55 10.73
C PHE G 233 4.57 48.21 11.26
N ARG G 234 4.78 49.15 12.19
CA ARG G 234 3.66 49.76 12.89
C ARG G 234 2.82 50.62 11.96
N ARG G 235 1.50 50.56 12.14
CA ARG G 235 0.58 51.43 11.44
C ARG G 235 0.46 52.77 12.15
N TYR G 236 -0.16 53.73 11.48
CA TYR G 236 -0.46 55.01 12.09
C TYR G 236 -1.75 54.93 12.88
N CYS G 237 -1.71 55.41 14.12
CA CYS G 237 -2.85 55.35 15.02
C CYS G 237 -3.27 56.75 15.42
N ALA G 238 -4.59 56.98 15.45
CA ALA G 238 -5.12 58.30 15.76
C ALA G 238 -4.84 58.73 17.20
N ASP G 239 -4.44 57.79 18.07
CA ASP G 239 -4.15 58.16 19.46
C ASP G 239 -2.95 59.09 19.54
N SER G 240 -1.92 58.84 18.73
CA SER G 240 -0.71 59.66 18.76
C SER G 240 -0.88 60.88 17.86
N PRO G 241 -0.74 62.10 18.39
CA PRO G 241 -0.91 63.29 17.55
C PRO G 241 0.05 63.35 16.38
N GLU G 242 1.29 62.91 16.54
CA GLU G 242 2.25 62.95 15.45
C GLU G 242 1.86 61.96 14.35
N ASP G 243 1.28 60.82 14.73
CA ASP G 243 0.75 59.90 13.73
C ASP G 243 -0.39 60.55 12.95
N VAL G 244 -1.25 61.30 13.64
CA VAL G 244 -2.32 62.02 12.96
C VAL G 244 -1.75 63.05 11.99
N GLN G 245 -0.70 63.76 12.41
CA GLN G 245 -0.09 64.75 11.53
C GLN G 245 0.53 64.08 10.30
N ALA G 246 1.18 62.94 10.49
CA ALA G 246 1.74 62.21 9.35
C ALA G 246 0.65 61.71 8.42
N PHE G 247 -0.47 61.25 8.98
CA PHE G 247 -1.61 60.85 8.15
C PHE G 247 -2.15 62.02 7.34
N LYS G 248 -2.24 63.19 7.97
CA LYS G 248 -2.66 64.39 7.25
C LYS G 248 -1.69 64.73 6.14
N SER G 249 -0.39 64.60 6.41
CA SER G 249 0.61 64.88 5.37
C SER G 249 0.48 63.93 4.20
N VAL G 250 0.27 62.63 4.48
CA VAL G 250 0.09 61.66 3.42
C VAL G 250 -1.16 61.98 2.61
N LEU G 251 -2.25 62.32 3.30
CA LEU G 251 -3.49 62.68 2.61
C LEU G 251 -3.28 63.89 1.70
N LEU G 252 -2.59 64.91 2.19
CA LEU G 252 -2.38 66.11 1.39
C LEU G 252 -1.48 65.82 0.20
N THR G 253 -0.44 65.01 0.38
CA THR G 253 0.43 64.66 -0.73
C THR G 253 -0.32 63.90 -1.81
N PHE G 254 -1.14 62.93 -1.39
CA PHE G 254 -1.92 62.17 -2.38
C PHE G 254 -2.95 63.06 -3.06
N GLN G 255 -3.54 64.00 -2.32
CA GLN G 255 -4.46 64.96 -2.92
C GLN G 255 -3.76 65.81 -3.97
N GLN G 256 -2.54 66.26 -3.67
CA GLN G 256 -1.80 67.10 -4.59
C GLN G 256 -1.30 66.33 -5.81
N HIS G 257 -0.99 65.04 -5.67
CA HIS G 257 -0.37 64.28 -6.74
C HIS G 257 -1.33 63.45 -7.59
N LEU G 258 -2.62 63.43 -7.26
CA LEU G 258 -3.55 62.68 -8.10
C LEU G 258 -3.86 63.47 -9.36
N PRO G 259 -3.75 62.87 -10.55
CA PRO G 259 -3.90 63.62 -11.82
C PRO G 259 -5.35 63.95 -12.18
N LEU G 260 -5.83 65.06 -11.64
CA LEU G 260 -7.16 65.57 -11.95
C LEU G 260 -7.13 67.09 -12.02
N ALA G 261 -8.12 67.66 -12.71
CA ALA G 261 -8.17 69.11 -12.88
C ALA G 261 -8.30 69.82 -11.53
N GLU G 262 -9.15 69.31 -10.65
CA GLU G 262 -9.31 69.87 -9.32
C GLU G 262 -9.45 68.74 -8.31
N THR G 263 -9.09 69.02 -7.07
CA THR G 263 -9.14 68.02 -6.01
C THR G 263 -9.91 68.56 -4.81
N PRO G 264 -10.70 67.73 -4.14
CA PRO G 264 -11.44 68.18 -2.96
C PRO G 264 -10.53 68.28 -1.74
N ASN G 265 -11.06 68.93 -0.71
CA ASN G 265 -10.33 69.10 0.55
C ASN G 265 -10.47 67.85 1.42
N LEU G 266 -9.96 66.74 0.87
CA LEU G 266 -10.03 65.45 1.56
C LEU G 266 -9.20 65.41 2.83
N VAL G 267 -8.31 66.38 3.04
CA VAL G 267 -7.54 66.43 4.29
C VAL G 267 -8.47 66.63 5.48
N ASP G 268 -9.48 67.49 5.32
CA ASP G 268 -10.44 67.75 6.39
C ASP G 268 -11.26 66.51 6.75
N HIS G 269 -11.36 65.54 5.84
CA HIS G 269 -12.09 64.30 6.09
C HIS G 269 -11.19 63.22 6.68
N TRP G 270 -10.12 63.62 7.39
CA TRP G 270 -9.15 62.66 7.89
C TRP G 270 -9.77 61.65 8.85
N GLU G 271 -10.79 62.07 9.61
CA GLU G 271 -11.47 61.14 10.49
C GLU G 271 -12.14 60.02 9.69
N TYR G 272 -12.82 60.38 8.60
CA TYR G 272 -13.47 59.38 7.75
C TYR G 272 -12.43 58.45 7.13
N PHE G 273 -11.34 59.00 6.63
CA PHE G 273 -10.28 58.18 6.04
C PHE G 273 -9.70 57.21 7.06
N TYR G 274 -9.41 57.69 8.27
CA TYR G 274 -8.86 56.82 9.29
C TYR G 274 -9.86 55.74 9.69
N GLU G 275 -11.14 56.09 9.75
CA GLU G 275 -12.16 55.10 10.07
C GLU G 275 -12.23 54.01 9.00
N ARG G 276 -12.09 54.39 7.73
CA ARG G 276 -12.17 53.42 6.64
C ARG G 276 -10.82 52.89 6.18
N THR G 277 -9.72 53.27 6.84
CA THR G 277 -8.41 52.74 6.50
C THR G 277 -7.58 52.27 7.68
N LEU G 278 -7.98 52.59 8.92
CA LEU G 278 -7.26 52.17 10.12
C LEU G 278 -5.81 52.65 10.11
N GLY G 279 -5.56 53.82 9.52
CA GLY G 279 -4.22 54.37 9.47
C GLY G 279 -3.22 53.53 8.70
N CYS G 280 -3.66 52.89 7.62
CA CYS G 280 -2.80 52.05 6.79
C CYS G 280 -2.59 52.76 5.45
N ILE G 281 -1.33 52.99 5.09
CA ILE G 281 -1.01 53.73 3.87
C ILE G 281 -1.44 52.94 2.64
N GLY G 282 -1.16 51.64 2.62
CA GLY G 282 -1.49 50.85 1.44
C GLY G 282 -2.99 50.76 1.17
N THR G 283 -3.77 50.57 2.23
CA THR G 283 -5.22 50.50 2.07
C THR G 283 -5.78 51.82 1.56
N LEU G 284 -5.29 52.95 2.10
CA LEU G 284 -5.76 54.25 1.65
C LEU G 284 -5.35 54.50 0.19
N LYS G 285 -4.14 54.08 -0.18
CA LYS G 285 -3.71 54.23 -1.55
C LYS G 285 -4.57 53.40 -2.50
N ASP G 286 -4.92 52.17 -2.09
CA ASP G 286 -5.81 51.35 -2.92
C ASP G 286 -7.18 52.00 -3.05
N TRP G 287 -7.69 52.56 -1.96
CA TRP G 287 -8.98 53.23 -2.00
C TRP G 287 -8.95 54.43 -2.95
N LEU G 288 -7.90 55.25 -2.85
CA LEU G 288 -7.77 56.39 -3.75
C LEU G 288 -7.57 55.95 -5.19
N LYS G 289 -6.87 54.84 -5.41
CA LYS G 289 -6.71 54.32 -6.77
C LYS G 289 -8.04 53.88 -7.34
N ARG G 290 -8.88 53.22 -6.53
CA ARG G 290 -10.21 52.84 -6.99
C ARG G 290 -11.05 54.07 -7.31
N VAL G 291 -10.99 55.09 -6.45
CA VAL G 291 -11.75 56.31 -6.69
C VAL G 291 -11.30 56.99 -7.98
N LEU G 292 -9.98 57.06 -8.21
CA LEU G 292 -9.47 57.67 -9.42
C LEU G 292 -9.83 56.85 -10.65
N SER G 293 -9.84 55.52 -10.53
CA SER G 293 -10.27 54.68 -11.64
C SER G 293 -11.74 54.94 -11.98
N ASP G 294 -12.58 55.07 -10.96
CA ASP G 294 -13.98 55.40 -11.21
C ASP G 294 -14.11 56.77 -11.89
N ALA G 295 -13.35 57.76 -11.42
CA ALA G 295 -13.41 59.09 -12.01
C ALA G 295 -12.96 59.08 -13.46
N LEU G 296 -11.88 58.34 -13.76
CA LEU G 296 -11.39 58.25 -15.13
C LEU G 296 -12.38 57.50 -16.02
N ASP G 297 -13.06 56.48 -15.48
CA ASP G 297 -14.13 55.85 -16.22
C ASP G 297 -15.26 56.83 -16.52
N ARG G 298 -15.58 57.70 -15.56
CA ARG G 298 -16.52 58.78 -15.80
C ARG G 298 -15.88 59.95 -16.55
N GLU G 299 -14.56 59.98 -16.65
CA GLU G 299 -13.83 61.09 -17.28
C GLU G 299 -14.20 62.43 -16.63
N ALA G 300 -14.41 62.40 -15.32
CA ALA G 300 -14.75 63.61 -14.59
C ALA G 300 -13.49 64.37 -14.19
N THR G 301 -13.66 65.67 -13.97
CA THR G 301 -12.56 66.55 -13.58
C THR G 301 -12.52 66.85 -12.09
N THR G 302 -13.36 66.20 -11.30
CA THR G 302 -13.43 66.47 -9.87
C THR G 302 -13.76 65.19 -9.11
N ILE G 303 -13.46 65.20 -7.82
CA ILE G 303 -13.75 64.09 -6.92
C ILE G 303 -14.75 64.57 -5.88
N THR G 304 -15.88 63.88 -5.81
CA THR G 304 -16.93 64.20 -4.85
C THR G 304 -16.82 63.28 -3.63
N LEU G 305 -17.51 63.67 -2.55
CA LEU G 305 -17.54 62.82 -1.35
C LEU G 305 -18.19 61.48 -1.67
N LYS G 306 -19.19 61.47 -2.55
CA LYS G 306 -19.80 60.22 -2.98
C LYS G 306 -18.78 59.35 -3.70
N ASP G 307 -17.82 59.95 -4.40
CA ASP G 307 -16.78 59.16 -5.06
C ASP G 307 -15.96 58.39 -4.04
N LEU G 308 -15.59 59.03 -2.92
CA LEU G 308 -14.88 58.32 -1.87
C LEU G 308 -15.78 57.27 -1.22
N GLN G 309 -17.04 57.62 -0.97
CA GLN G 309 -17.94 56.72 -0.25
C GLN G 309 -18.35 55.51 -1.07
N LYS G 310 -18.27 55.58 -2.40
CA LYS G 310 -18.71 54.48 -3.24
C LYS G 310 -17.83 53.24 -3.06
N ARG G 311 -16.52 53.42 -3.07
CA ARG G 311 -15.57 52.33 -3.00
C ARG G 311 -14.79 52.35 -1.70
N ALA G 312 -15.44 52.75 -0.61
CA ALA G 312 -14.82 52.70 0.70
C ALA G 312 -14.89 51.30 1.28
N LEU G 313 -14.11 51.06 2.32
CA LEU G 313 -14.12 49.77 3.00
C LEU G 313 -15.44 49.58 3.73
N SER G 314 -15.91 48.33 3.77
CA SER G 314 -17.16 48.02 4.45
C SER G 314 -17.01 48.17 5.96
N VAL G 315 -18.12 48.44 6.63
CA VAL G 315 -18.10 48.61 8.07
C VAL G 315 -17.67 47.33 8.77
N ALA G 316 -18.21 46.19 8.32
CA ALA G 316 -17.86 44.91 8.94
C ALA G 316 -16.38 44.60 8.76
N GLN G 317 -15.84 44.86 7.57
CA GLN G 317 -14.41 44.63 7.34
C GLN G 317 -13.56 45.49 8.26
N CYS G 318 -13.90 46.77 8.39
CA CYS G 318 -13.16 47.65 9.28
C CYS G 318 -13.24 47.16 10.72
N GLN G 319 -14.43 46.75 11.15
CA GLN G 319 -14.59 46.25 12.52
C GLN G 319 -13.73 45.02 12.77
N LYS G 320 -13.69 44.09 11.80
CA LYS G 320 -12.92 42.87 11.98
C LYS G 320 -11.42 43.17 11.99
N MET G 321 -10.94 43.97 11.03
CA MET G 321 -9.51 44.25 10.98
C MET G 321 -9.06 45.11 12.15
N PHE G 322 -9.91 45.98 12.67
CA PHE G 322 -9.53 46.77 13.84
C PHE G 322 -9.24 45.86 15.04
N LYS G 323 -10.13 44.89 15.30
CA LYS G 323 -9.89 43.94 16.37
C LYS G 323 -8.67 43.08 16.10
N GLU G 324 -8.50 42.63 14.86
CA GLU G 324 -7.33 41.80 14.54
C GLU G 324 -6.03 42.56 14.80
N ILE G 325 -5.96 43.81 14.33
CA ILE G 325 -4.75 44.60 14.49
C ILE G 325 -4.52 44.95 15.96
N GLN G 326 -5.58 45.27 16.70
CA GLN G 326 -5.40 45.59 18.11
C GLN G 326 -4.90 44.37 18.88
N GLU G 327 -5.42 43.17 18.55
CA GLU G 327 -4.93 41.97 19.21
C GLU G 327 -3.47 41.70 18.86
N GLY G 328 -3.11 41.88 17.58
CA GLY G 328 -1.72 41.70 17.19
C GLY G 328 -0.79 42.65 17.90
N GLU G 329 -1.18 43.93 17.98
CA GLU G 329 -0.35 44.92 18.67
C GLU G 329 -0.25 44.62 20.16
N ARG G 330 -1.34 44.18 20.77
CA ARG G 330 -1.28 43.80 22.19
C ARG G 330 -0.34 42.62 22.40
N GLN G 331 -0.37 41.65 21.48
CA GLN G 331 0.59 40.55 21.55
C GLN G 331 2.02 41.04 21.42
N LEU G 332 2.26 41.98 20.49
CA LEU G 332 3.59 42.53 20.30
C LEU G 332 3.95 43.60 21.33
N SER G 333 2.99 44.06 22.12
CA SER G 333 3.25 45.12 23.08
C SER G 333 4.19 44.64 24.17
N GLU G 334 5.03 45.55 24.66
CA GLU G 334 5.95 45.27 25.74
C GLU G 334 5.78 46.31 26.84
N THR G 335 6.01 45.88 28.07
CA THR G 335 5.88 46.75 29.24
C THR G 335 7.10 46.58 30.14
N GLU G 336 7.35 47.61 30.95
CA GLU G 336 8.41 47.52 31.93
C GLU G 336 8.14 46.43 32.96
N ALA G 337 6.86 46.07 33.15
CA ALA G 337 6.52 44.99 34.07
C ALA G 337 7.14 43.67 33.62
N ASP G 338 7.12 43.40 32.32
CA ASP G 338 7.77 42.20 31.80
C ASP G 338 9.27 42.24 32.06
N VAL G 339 9.88 43.43 31.90
CA VAL G 339 11.31 43.55 32.14
C VAL G 339 11.64 43.25 33.60
N GLN G 340 10.84 43.79 34.53
CA GLN G 340 11.06 43.51 35.94
C GLN G 340 10.82 42.04 36.27
N ASN G 341 9.81 41.43 35.65
CA ASN G 341 9.54 40.01 35.89
C ASN G 341 10.73 39.17 35.43
N LEU G 342 11.26 39.47 34.24
CA LEU G 342 12.42 38.74 33.74
C LEU G 342 13.65 38.97 34.60
N ARG G 343 13.86 40.20 35.06
CA ARG G 343 15.01 40.49 35.92
C ARG G 343 14.91 39.75 37.25
N SER G 344 13.71 39.71 37.83
CA SER G 344 13.50 38.96 39.07
C SER G 344 13.72 37.47 38.85
N ALA G 345 13.28 36.96 37.70
CA ALA G 345 13.51 35.56 37.37
C ALA G 345 15.01 35.26 37.26
N LEU G 346 15.76 36.17 36.64
CA LEU G 346 17.20 36.00 36.54
C LEU G 346 17.89 36.28 37.87
N GLY G 347 17.44 37.31 38.59
CA GLY G 347 18.03 37.65 39.87
C GLY G 347 18.42 39.11 39.98
N LEU G 348 18.61 39.58 41.20
CA LEU G 348 18.99 40.97 41.49
C LEU G 348 17.98 41.95 40.88
N GLY G 349 16.70 41.71 41.18
CA GLY G 349 15.66 42.61 40.70
C GLY G 349 15.72 43.95 41.40
N ALA G 350 15.26 44.98 40.69
CA ALA G 350 15.27 46.34 41.23
C ALA G 350 14.15 47.17 40.60
N LEU H 41 -47.02 36.64 -28.61
CA LEU H 41 -46.97 35.57 -29.59
C LEU H 41 -46.34 36.05 -30.89
N VAL H 42 -45.01 36.09 -30.92
CA VAL H 42 -44.30 36.58 -32.10
C VAL H 42 -43.55 35.45 -32.79
N VAL H 43 -43.74 35.31 -34.10
CA VAL H 43 -43.05 34.27 -34.84
C VAL H 43 -41.53 34.53 -34.81
N TYR H 44 -40.73 33.48 -34.69
CA TYR H 44 -39.29 33.66 -34.60
C TYR H 44 -38.56 33.22 -35.85
N GLU H 45 -37.68 34.07 -36.36
CA GLU H 45 -36.90 33.72 -37.54
C GLU H 45 -35.92 32.61 -37.21
N GLU H 46 -35.56 31.79 -38.19
CA GLU H 46 -34.68 30.67 -37.93
C GLU H 46 -33.33 31.13 -37.40
N PHE H 47 -32.80 30.43 -36.41
CA PHE H 47 -31.52 30.81 -35.82
C PHE H 47 -30.35 30.42 -36.71
N LEU I 41 -59.56 -17.33 -24.28
CA LEU I 41 -58.12 -17.08 -24.34
C LEU I 41 -57.70 -16.69 -25.75
N VAL I 42 -56.55 -16.05 -25.89
CA VAL I 42 -56.12 -15.57 -27.19
C VAL I 42 -54.91 -16.32 -27.74
N VAL I 43 -55.04 -16.85 -28.96
CA VAL I 43 -53.90 -17.51 -29.60
C VAL I 43 -52.84 -16.46 -29.98
N TYR I 44 -51.56 -16.81 -29.87
CA TYR I 44 -50.51 -15.85 -30.18
C TYR I 44 -49.63 -16.28 -31.34
N GLU I 45 -49.39 -15.37 -32.27
CA GLU I 45 -48.57 -15.66 -33.44
C GLU I 45 -47.11 -15.85 -33.10
N GLU I 46 -46.39 -16.61 -33.92
CA GLU I 46 -44.96 -16.80 -33.69
C GLU I 46 -44.23 -15.48 -33.83
N PHE I 47 -43.25 -15.25 -32.96
CA PHE I 47 -42.53 -13.98 -32.99
C PHE I 47 -41.06 -14.19 -33.33
N LEU J 41 -33.27 -55.11 3.70
CA LEU J 41 -31.85 -55.26 3.42
C LEU J 41 -31.64 -55.80 2.02
N VAL J 42 -31.19 -54.96 1.10
CA VAL J 42 -31.06 -55.39 -0.28
C VAL J 42 -29.68 -55.28 -0.88
N VAL J 43 -29.20 -56.37 -1.46
CA VAL J 43 -27.91 -56.37 -2.09
C VAL J 43 -28.07 -55.49 -3.29
N TYR J 44 -27.67 -54.26 -3.17
CA TYR J 44 -27.72 -53.26 -4.24
C TYR J 44 -26.83 -53.69 -5.38
N GLU J 45 -26.83 -52.92 -6.47
CA GLU J 45 -26.04 -53.31 -7.63
C GLU J 45 -24.87 -52.34 -7.82
N GLU J 46 -24.01 -52.67 -8.78
CA GLU J 46 -22.85 -51.83 -9.05
C GLU J 46 -23.20 -50.62 -9.90
N PHE J 47 -22.48 -49.52 -9.70
CA PHE J 47 -22.72 -48.29 -10.43
C PHE J 47 -22.06 -48.34 -11.80
N LEU K 41 11.30 -53.09 34.47
CA LEU K 41 12.16 -52.19 33.72
C LEU K 41 12.72 -52.85 32.48
N VAL K 42 12.05 -52.69 31.36
CA VAL K 42 12.48 -53.33 30.13
C VAL K 42 13.65 -52.63 29.54
N VAL K 43 14.45 -53.31 28.73
CA VAL K 43 15.52 -52.62 28.07
C VAL K 43 15.13 -52.59 26.61
N TYR K 44 14.72 -51.44 26.11
CA TYR K 44 14.25 -51.34 24.76
C TYR K 44 15.31 -51.45 23.72
N GLU K 45 14.97 -51.99 22.57
CA GLU K 45 15.93 -52.14 21.49
C GLU K 45 16.09 -50.87 20.72
N GLU K 46 17.10 -50.82 19.89
CA GLU K 46 17.29 -49.68 19.05
C GLU K 46 16.21 -49.56 18.04
N PHE K 47 15.83 -48.34 17.73
CA PHE K 47 14.85 -48.12 16.69
C PHE K 47 15.72 -48.29 15.50
N LEU L 41 42.53 -11.05 48.80
CA LEU L 41 42.62 -10.29 47.57
C LEU L 41 43.63 -10.94 46.67
N VAL L 42 43.21 -11.42 45.51
CA VAL L 42 44.11 -12.17 44.66
C VAL L 42 44.35 -11.65 43.27
N VAL L 43 45.60 -11.54 42.86
CA VAL L 43 45.87 -11.14 41.49
C VAL L 43 45.27 -12.13 40.50
N TYR L 44 44.18 -11.75 39.84
CA TYR L 44 43.57 -12.58 38.85
C TYR L 44 44.44 -12.61 37.64
N GLU L 45 44.60 -13.78 37.06
CA GLU L 45 45.48 -13.95 35.93
C GLU L 45 44.91 -13.40 34.66
N GLU L 46 45.76 -13.10 33.71
CA GLU L 46 45.29 -12.48 32.49
C GLU L 46 44.37 -13.38 31.72
N PHE L 47 43.30 -12.83 31.20
CA PHE L 47 42.41 -13.62 30.36
C PHE L 47 43.14 -13.64 29.06
N LEU M 41 38.78 43.09 37.45
CA LEU M 41 38.31 42.38 36.26
C LEU M 41 39.47 42.19 35.31
N VAL M 42 39.63 40.97 34.79
CA VAL M 42 40.77 40.69 33.92
C VAL M 42 40.46 40.83 32.43
N VAL M 43 41.49 40.57 31.62
CA VAL M 43 41.35 40.65 30.18
C VAL M 43 41.70 39.28 29.66
N TYR M 44 40.69 38.51 29.29
CA TYR M 44 40.91 37.16 28.80
C TYR M 44 41.69 37.09 27.50
N GLU M 45 42.54 36.09 27.37
CA GLU M 45 43.34 35.94 26.16
C GLU M 45 42.53 35.58 24.93
N GLU M 46 42.97 36.02 23.76
CA GLU M 46 42.26 35.72 22.53
C GLU M 46 42.28 34.22 22.24
N PHE M 47 41.18 33.70 21.70
CA PHE M 47 41.09 32.28 21.39
C PHE M 47 41.06 32.04 19.89
PG ANP P . -26.19 18.88 -23.59
O1G ANP P . -25.75 17.53 -24.17
O2G ANP P . -25.19 20.02 -23.79
O3G ANP P . -26.78 18.78 -22.19
PB ANP P . -27.78 21.03 -25.11
O1B ANP P . -26.62 21.54 -25.89
O2B ANP P . -28.40 21.88 -24.02
N3B ANP P . -27.55 19.46 -24.61
PA ANP P . -28.77 20.68 -27.85
O1A ANP P . -28.34 21.94 -28.51
O2A ANP P . -28.02 19.38 -28.11
O3A ANP P . -29.02 20.86 -26.27
O5' ANP P . -30.35 20.49 -28.29
C5' ANP P . -30.81 19.30 -28.88
C4' ANP P . -31.32 19.56 -30.27
O4' ANP P . -32.52 20.32 -30.23
C3' ANP P . -30.39 20.39 -31.17
O3' ANP P . -29.33 19.69 -31.71
C2' ANP P . -31.36 20.98 -32.18
O2' ANP P . -31.66 20.01 -33.14
C1' ANP P . -32.57 21.25 -31.26
N9 ANP P . -32.55 22.60 -30.69
C8 ANP P . -31.91 23.04 -29.57
N7 ANP P . -32.11 24.31 -29.34
C5 ANP P . -32.92 24.72 -30.36
C6 ANP P . -33.49 25.96 -30.69
N6 ANP P . -33.31 27.06 -29.96
N1 ANP P . -34.26 26.03 -31.78
C2 ANP P . -34.45 24.94 -32.50
N3 ANP P . -33.98 23.72 -32.30
C4 ANP P . -33.21 23.67 -31.21
MG MG Q . -25.84 19.68 -25.82
PG ANP R . -30.88 -13.15 -18.95
O1G ANP R . -29.94 -13.51 -20.09
O2G ANP R . -31.20 -11.66 -18.83
O3G ANP R . -30.53 -13.82 -17.62
PB ANP R . -33.86 -12.95 -19.76
O1B ANP R . -33.52 -11.66 -20.44
O2B ANP R . -34.86 -12.97 -18.63
N3B ANP R . -32.49 -13.82 -19.39
PA ANP R . -33.91 -14.11 -22.46
O1A ANP R . -34.29 -13.05 -23.42
O2A ANP R . -32.46 -14.53 -22.30
O3A ANP R . -34.55 -13.88 -20.99
O5' ANP R . -34.81 -15.43 -22.89
C5' ANP R . -34.42 -16.72 -22.49
C4' ANP R . -35.19 -17.79 -23.23
O4' ANP R . -36.58 -17.77 -22.86
C3' ANP R . -35.24 -17.65 -24.76
O3' ANP R . -34.06 -18.02 -25.40
C2' ANP R . -36.45 -18.47 -25.11
O2' ANP R . -36.12 -19.84 -25.03
C1' ANP R . -37.39 -18.08 -23.95
N9 ANP R . -38.19 -16.90 -24.27
C8 ANP R . -37.99 -15.60 -23.90
N7 ANP R . -38.89 -14.78 -24.36
C5 ANP R . -39.74 -15.59 -25.07
C6 ANP R . -40.91 -15.33 -25.82
N6 ANP R . -41.42 -14.11 -25.93
N1 ANP R . -41.51 -16.36 -26.41
C2 ANP R . -40.99 -17.58 -26.28
N3 ANP R . -39.90 -17.95 -25.63
C4 ANP R . -39.31 -16.91 -25.03
MG MG S . -31.85 -12.62 -20.98
PG ANP T . -13.66 -34.04 -0.91
O1G ANP T . -12.55 -33.80 -1.92
O2G ANP T . -14.87 -33.11 -1.05
O3G ANP T . -13.19 -34.25 0.52
PB ANP T . -16.04 -35.84 -1.68
O1B ANP T . -16.44 -35.16 -2.95
O2B ANP T . -16.89 -35.68 -0.44
N3B ANP T . -14.43 -35.60 -1.36
PA ANP T . -15.37 -38.18 -3.32
O1A ANP T . -16.25 -38.24 -4.52
O2A ANP T . -13.95 -37.67 -3.44
O3A ANP T . -16.09 -37.49 -2.06
O5' ANP T . -15.33 -39.71 -2.72
C5' ANP T . -14.25 -40.15 -1.94
C4' ANP T . -13.98 -41.63 -2.12
O4' ANP T . -15.02 -42.41 -1.54
C3' ANP T . -13.94 -42.11 -3.57
O3' ANP T . -12.78 -41.80 -4.25
C2' ANP T . -14.21 -43.60 -3.43
O2' ANP T . -13.04 -44.23 -3.00
C1' ANP T . -15.26 -43.56 -2.29
N9 ANP T . -16.63 -43.52 -2.78
C8 ANP T . -17.47 -42.45 -2.89
N7 ANP T . -18.64 -42.76 -3.37
C5 ANP T . -18.57 -44.11 -3.58
C6 ANP T . -19.49 -45.05 -4.07
N6 ANP T . -20.72 -44.72 -4.46
N1 ANP T . -19.11 -46.32 -4.16
C2 ANP T . -17.87 -46.65 -3.77
N3 ANP T . -16.94 -45.86 -3.30
C4 ANP T . -17.33 -44.60 -3.22
MG MG U . -14.81 -34.15 -2.89
PG ANP V . 11.69 -29.66 17.52
O1G ANP V . 12.68 -28.90 16.63
O2G ANP V . 10.36 -30.01 16.82
O3G ANP V . 11.52 -29.08 18.91
PB ANP V . 11.51 -32.73 17.73
O1B ANP V . 11.28 -33.19 16.32
O2B ANP V . 10.38 -32.74 18.72
N3B ANP V . 12.36 -31.30 17.77
PA ANP V . 13.86 -34.46 17.46
O1A ANP V . 13.44 -35.70 16.75
O2A ANP V . 14.60 -33.36 16.73
O3A ANP V . 12.66 -33.83 18.33
O5' ANP V . 14.80 -34.98 18.72
C5' ANP V . 15.94 -34.27 19.12
C4' ANP V . 17.12 -35.20 19.31
O4' ANP V . 16.87 -36.10 20.39
C3' ANP V . 17.43 -36.12 18.12
O3' ANP V . 18.15 -35.50 17.10
C2' ANP V . 18.13 -37.29 18.78
O2' ANP V . 19.46 -36.94 19.06
C1' ANP V . 17.31 -37.38 20.09
N9 ANP V . 16.15 -38.27 19.97
C8 ANP V . 14.86 -37.94 19.69
N7 ANP V . 14.06 -38.97 19.67
C5 ANP V . 14.87 -40.03 19.95
C6 ANP V . 14.64 -41.41 20.08
N6 ANP V . 13.43 -41.96 19.92
N1 ANP V . 15.67 -42.21 20.36
C2 ANP V . 16.88 -41.67 20.52
N3 ANP V . 17.22 -40.40 20.43
C4 ANP V . 16.17 -39.61 20.14
MG MG W . 11.61 -31.26 15.82
PG ANP X . 27.93 -3.56 25.01
O1G ANP X . 28.51 -3.59 23.60
O2G ANP X . 27.32 -4.88 25.48
O3G ANP X . 27.06 -2.33 25.31
PB ANP X . 29.73 -4.46 27.36
O1B ANP X . 29.50 -5.89 26.95
O2B ANP X . 29.26 -3.97 28.70
N3B ANP X . 29.33 -3.41 26.13
PA ANP X . 32.41 -4.84 26.21
O1A ANP X . 32.60 -6.31 26.21
O2A ANP X . 32.06 -4.11 24.92
O3A ANP X . 31.42 -4.34 27.38
O5' ANP X . 33.80 -4.22 26.83
C5' ANP X . 34.16 -2.87 26.60
C4' ANP X . 35.61 -2.62 26.94
O4' ANP X . 35.84 -2.84 28.33
C3' ANP X . 36.62 -3.54 26.25
O3' ANP X . 36.87 -3.23 24.93
C2' ANP X . 37.81 -3.43 27.18
O2' ANP X . 38.47 -2.22 26.95
C1' ANP X . 37.09 -3.42 28.54
N9 ANP X . 36.91 -4.74 29.11
C8 ANP X . 35.80 -5.53 29.09
N7 ANP X . 35.96 -6.67 29.70
C5 ANP X . 37.25 -6.64 30.14
C6 ANP X . 38.05 -7.55 30.86
N6 ANP X . 37.59 -8.75 31.27
N1 ANP X . 39.30 -7.21 31.14
C2 ANP X . 39.75 -6.02 30.73
N3 ANP X . 39.12 -5.09 30.06
C4 ANP X . 37.86 -5.45 29.79
MG MG Y . 29.71 -5.10 25.07
PG ANP Z . 23.29 27.64 17.71
O1G ANP Z . 23.80 27.40 16.29
O2G ANP Z . 23.41 26.43 18.64
O3G ANP Z . 21.94 28.34 17.79
PB ANP Z . 25.74 28.38 19.44
O1B ANP Z . 26.56 27.28 18.85
O2B ANP Z . 25.37 28.35 20.90
N3B ANP Z . 24.44 28.78 18.47
PA ANP Z . 27.75 30.02 18.03
O1A ANP Z . 29.07 29.35 18.24
O2A ANP Z . 27.01 29.88 16.71
O3A ANP Z . 26.73 29.75 19.26
O5' ANP Z . 28.03 31.62 18.33
C5' ANP Z . 27.61 32.62 17.44
C4' ANP Z . 28.71 33.61 17.18
O4' ANP Z . 29.13 34.19 18.41
C3' ANP Z . 30.01 33.02 16.59
O3' ANP Z . 29.95 32.75 15.24
C2' ANP Z . 31.03 34.07 17.01
O2' ANP Z . 30.94 35.17 16.14
C1' ANP Z . 30.51 34.42 18.40
N9 ANP Z . 31.13 33.62 19.45
C8 ANP Z . 30.73 32.42 19.97
N7 ANP Z . 31.52 31.97 20.91
C5 ANP Z . 32.50 32.92 21.02
C6 ANP Z . 33.63 33.06 21.83
N6 ANP Z . 33.98 32.14 22.75
N1 ANP Z . 34.39 34.14 21.69
C2 ANP Z . 34.05 35.06 20.79
N3 ANP Z . 33.02 35.04 19.98
C4 ANP Z . 32.27 33.96 20.13
MG MG AA . 25.53 27.39 17.20
PG ANP BA . -0.77 42.33 2.15
O1G ANP BA . -0.84 41.86 0.68
O2G ANP BA . 0.51 41.90 2.87
O3G ANP BA . -2.05 42.10 2.93
PB ANP BA . 0.76 44.98 2.61
O1B ANP BA . 2.04 44.23 2.35
O2B ANP BA . 0.52 45.63 3.96
N3B ANP BA . -0.56 44.11 2.09
PA ANP BA . 1.47 46.19 0.04
O1A ANP BA . 2.93 46.52 0.07
O2A ANP BA . 0.98 44.97 -0.70
O3A ANP BA . 0.80 46.25 1.50
O5' ANP BA . 0.75 47.54 -0.60
C5' ANP BA . -0.45 47.45 -1.31
C4' ANP BA . -0.62 48.63 -2.25
O4' ANP BA . -0.68 49.85 -1.50
C3' ANP BA . 0.52 48.85 -3.25
O3' ANP BA . 0.51 48.00 -4.34
C2' ANP BA . 0.35 50.33 -3.58
O2' ANP BA . -0.71 50.47 -4.48
C1' ANP BA . -0.04 50.88 -2.19
N9 ANP BA . 1.13 51.31 -1.42
C8 ANP BA . 1.79 50.64 -0.43
N7 ANP BA . 2.79 51.32 0.06
C5 ANP BA . 2.80 52.49 -0.64
C6 ANP BA . 3.61 53.63 -0.60
N6 ANP BA . 4.64 53.76 0.24
N1 ANP BA . 3.33 54.63 -1.44
C2 ANP BA . 2.31 54.52 -2.27
N3 ANP BA . 1.48 53.50 -2.41
C4 ANP BA . 1.76 52.51 -1.57
MG MG CA . 1.12 43.06 0.97
#